data_1NPT
#
_entry.id   1NPT
#
_cell.length_a   115.700
_cell.length_b   115.700
_cell.length_c   224.800
_cell.angle_alpha   90.00
_cell.angle_beta   90.00
_cell.angle_gamma   120.00
#
_symmetry.space_group_name_H-M   'P 31 2 1'
#
loop_
_entity.id
_entity.type
_entity.pdbx_description
1 polymer 'Glyceraldehyde 3-phosphate dehydrogenase'
2 non-polymer 'SULFATE ION'
3 non-polymer NICOTINAMIDE-ADENINE-DINUCLEOTIDE
4 water water
#
_entity_poly.entity_id   1
_entity_poly.type   'polypeptide(L)'
_entity_poly.pdbx_seq_one_letter_code
;AVKVGINGFGRIGRNVFRAALKNPDIEVVAVNDLTDANTLAHLLKYDSVHGRLDAEVSVNGNNLVVNGKEIIVKAERDPE
NLAWGEIGVDIVVESTGRFTKREDAAKHLEAGAKKVIISAPAKNEDITIVMGVNQDKYDPKAHHVISNASATTNCLAPFA
KVLHEQFGIVRGMMTTVHSYTNDQRILDLPHKDLRRARAAAESIIPTTTGAAKAVALVLPELKGKLNGMAMRVPTPNVSV
VDLVAELEKEVTVEEVNAALKAAAEGELKGILAYSEEPLVSRDYNGSTVSSTIDALSTMVIDGKMVKVVSWYDNETGYSH
RVVDLAAYIASKGL
;
_entity_poly.pdbx_strand_id   O,P,Q,R
#
loop_
_chem_comp.id
_chem_comp.type
_chem_comp.name
_chem_comp.formula
NAD non-polymer NICOTINAMIDE-ADENINE-DINUCLEOTIDE 'C21 H27 N7 O14 P2'
SO4 non-polymer 'SULFATE ION' 'O4 S -2'
#
# COMPACT_ATOMS: atom_id res chain seq x y z
N ALA A 1 -1.32 30.59 -27.69
CA ALA A 1 -2.13 31.82 -27.94
C ALA A 1 -2.12 32.72 -26.70
N VAL A 2 -2.94 32.39 -25.72
CA VAL A 2 -2.99 33.19 -24.49
C VAL A 2 -1.86 32.81 -23.55
N LYS A 3 -1.21 33.83 -22.98
CA LYS A 3 -0.11 33.60 -22.05
C LYS A 3 -0.61 33.25 -20.66
N VAL A 4 -0.14 32.13 -20.14
CA VAL A 4 -0.56 31.65 -18.84
C VAL A 4 0.59 31.45 -17.86
N GLY A 5 0.30 31.72 -16.59
CA GLY A 5 1.28 31.53 -15.54
C GLY A 5 0.68 30.53 -14.56
N ILE A 6 1.52 29.72 -13.92
CA ILE A 6 1.02 28.74 -12.97
C ILE A 6 1.65 28.96 -11.60
N ASN A 7 0.83 29.30 -10.61
CA ASN A 7 1.33 29.51 -9.26
C ASN A 7 1.06 28.24 -8.45
N GLY A 8 2.14 27.56 -8.09
CA GLY A 8 2.01 26.32 -7.35
C GLY A 8 2.17 25.19 -8.35
N PHE A 9 3.42 24.85 -8.66
CA PHE A 9 3.73 23.81 -9.63
C PHE A 9 3.72 22.41 -9.02
N GLY A 10 2.60 22.05 -8.40
CA GLY A 10 2.48 20.74 -7.76
C GLY A 10 1.76 19.69 -8.59
N ARG A 11 0.93 18.88 -7.93
CA ARG A 11 0.20 17.84 -8.64
C ARG A 11 -0.71 18.42 -9.71
N ILE A 12 -1.46 19.46 -9.38
CA ILE A 12 -2.34 20.06 -10.37
C ILE A 12 -1.57 21.00 -11.27
N GLY A 13 -0.63 21.73 -10.69
CA GLY A 13 0.17 22.66 -11.48
C GLY A 13 0.91 21.97 -12.60
N ARG A 14 1.56 20.84 -12.30
CA ARG A 14 2.30 20.11 -13.33
C ARG A 14 1.41 19.36 -14.31
N ASN A 15 0.30 18.82 -13.84
CA ASN A 15 -0.59 18.11 -14.74
C ASN A 15 -1.35 19.10 -15.61
N VAL A 16 -1.51 20.33 -15.13
CA VAL A 16 -2.15 21.37 -15.92
C VAL A 16 -1.15 21.72 -17.03
N PHE A 17 0.13 21.72 -16.69
CA PHE A 17 1.18 22.02 -17.65
C PHE A 17 1.21 20.95 -18.74
N ARG A 18 1.06 19.68 -18.33
CA ARG A 18 1.05 18.59 -19.29
C ARG A 18 -0.11 18.77 -20.27
N ALA A 19 -1.27 19.14 -19.73
CA ALA A 19 -2.45 19.35 -20.53
C ALA A 19 -2.28 20.56 -21.45
N ALA A 20 -1.62 21.60 -20.95
CA ALA A 20 -1.40 22.79 -21.75
C ALA A 20 -0.51 22.48 -22.96
N LEU A 21 0.41 21.53 -22.78
CA LEU A 21 1.33 21.12 -23.85
C LEU A 21 0.58 20.55 -25.05
N LYS A 22 -0.68 20.18 -24.85
CA LYS A 22 -1.46 19.61 -25.93
C LYS A 22 -2.50 20.58 -26.47
N ASN A 23 -2.55 21.77 -25.90
CA ASN A 23 -3.49 22.79 -26.33
C ASN A 23 -2.68 23.94 -26.94
N PRO A 24 -2.68 24.04 -28.28
CA PRO A 24 -1.95 25.09 -28.99
C PRO A 24 -2.40 26.51 -28.66
N ASP A 25 -3.63 26.65 -28.19
CA ASP A 25 -4.15 27.97 -27.85
C ASP A 25 -3.71 28.43 -26.46
N ILE A 26 -2.96 27.59 -25.76
CA ILE A 26 -2.48 27.92 -24.42
C ILE A 26 -0.96 27.87 -24.37
N GLU A 27 -0.37 28.89 -23.74
CA GLU A 27 1.08 28.97 -23.63
C GLU A 27 1.53 29.35 -22.22
N VAL A 28 2.14 28.38 -21.53
CA VAL A 28 2.65 28.60 -20.17
C VAL A 28 4.04 29.20 -20.28
N VAL A 29 4.18 30.46 -19.88
CA VAL A 29 5.47 31.14 -19.96
C VAL A 29 6.22 31.20 -18.63
N ALA A 30 5.53 30.96 -17.52
CA ALA A 30 6.18 31.00 -16.23
C ALA A 30 5.42 30.24 -15.15
N VAL A 31 6.16 29.67 -14.20
CA VAL A 31 5.56 28.93 -13.11
C VAL A 31 6.23 29.40 -11.81
N ASN A 32 5.49 29.30 -10.71
CA ASN A 32 6.03 29.73 -9.43
C ASN A 32 5.86 28.68 -8.35
N ASP A 33 6.90 28.50 -7.54
CA ASP A 33 6.84 27.53 -6.45
C ASP A 33 7.76 27.99 -5.32
N LEU A 34 8.24 27.04 -4.52
CA LEU A 34 9.11 27.36 -3.39
C LEU A 34 10.42 26.57 -3.44
N THR A 35 10.91 26.33 -4.65
CA THR A 35 12.15 25.59 -4.82
C THR A 35 12.87 26.16 -6.03
N ASP A 36 13.85 25.42 -6.55
CA ASP A 36 14.61 25.88 -7.70
C ASP A 36 14.20 25.19 -9.00
N ALA A 37 14.72 25.71 -10.12
CA ALA A 37 14.42 25.16 -11.44
C ALA A 37 14.79 23.68 -11.55
N ASN A 38 15.97 23.33 -11.07
CA ASN A 38 16.43 21.95 -11.11
C ASN A 38 15.42 20.99 -10.51
N THR A 39 14.86 21.37 -9.36
CA THR A 39 13.89 20.53 -8.68
C THR A 39 12.58 20.44 -9.44
N LEU A 40 12.08 21.55 -9.95
CA LEU A 40 10.84 21.54 -10.71
C LEU A 40 10.99 20.73 -12.00
N ALA A 41 12.15 20.84 -12.63
CA ALA A 41 12.42 20.10 -13.87
C ALA A 41 12.43 18.60 -13.59
N HIS A 42 13.10 18.20 -12.51
CA HIS A 42 13.17 16.79 -12.16
C HIS A 42 11.76 16.25 -11.90
N LEU A 43 10.96 17.01 -11.16
CA LEU A 43 9.60 16.58 -10.85
C LEU A 43 8.69 16.54 -12.08
N LEU A 44 8.92 17.46 -13.02
CA LEU A 44 8.12 17.49 -14.24
C LEU A 44 8.45 16.31 -15.15
N LYS A 45 9.73 15.94 -15.17
CA LYS A 45 10.20 14.84 -16.00
C LYS A 45 9.77 13.47 -15.50
N TYR A 46 9.99 13.20 -14.23
CA TYR A 46 9.65 11.91 -13.63
C TYR A 46 8.47 12.03 -12.66
N ASP A 47 7.35 11.43 -13.05
CA ASP A 47 6.13 11.46 -12.24
C ASP A 47 5.81 10.07 -11.73
N SER A 48 5.63 9.93 -10.42
CA SER A 48 5.33 8.63 -9.81
C SER A 48 3.96 8.08 -10.19
N VAL A 49 3.08 8.95 -10.66
CA VAL A 49 1.73 8.53 -11.05
C VAL A 49 1.50 8.43 -12.55
N HIS A 50 2.01 9.40 -13.31
CA HIS A 50 1.79 9.40 -14.75
C HIS A 50 3.00 9.09 -15.63
N GLY A 51 4.05 8.55 -15.02
CA GLY A 51 5.25 8.19 -15.77
C GLY A 51 6.08 9.34 -16.31
N ARG A 52 7.13 8.99 -17.05
CA ARG A 52 8.01 10.00 -17.64
C ARG A 52 7.27 10.89 -18.61
N LEU A 53 7.60 12.18 -18.57
CA LEU A 53 6.98 13.14 -19.46
C LEU A 53 7.50 12.90 -20.87
N ASP A 54 6.59 12.64 -21.80
CA ASP A 54 6.95 12.38 -23.19
C ASP A 54 7.34 13.70 -23.88
N ALA A 55 8.45 14.27 -23.43
CA ALA A 55 8.96 15.53 -23.98
C ALA A 55 10.39 15.76 -23.52
N GLU A 56 11.06 16.74 -24.13
CA GLU A 56 12.43 17.08 -23.77
C GLU A 56 12.42 18.10 -22.64
N VAL A 57 13.06 17.76 -21.54
CA VAL A 57 13.11 18.66 -20.39
C VAL A 57 14.55 18.91 -19.93
N SER A 58 14.88 20.18 -19.71
CA SER A 58 16.21 20.55 -19.26
C SER A 58 16.12 21.88 -18.54
N VAL A 59 17.26 22.38 -18.07
CA VAL A 59 17.29 23.64 -17.36
C VAL A 59 18.32 24.58 -17.96
N ASN A 60 18.01 25.88 -17.90
CA ASN A 60 18.90 26.93 -18.40
C ASN A 60 18.72 28.12 -17.50
N GLY A 61 19.55 28.23 -16.47
CA GLY A 61 19.44 29.32 -15.52
C GLY A 61 18.25 29.08 -14.61
N ASN A 62 17.35 30.05 -14.54
CA ASN A 62 16.15 29.93 -13.72
C ASN A 62 14.96 29.56 -14.59
N ASN A 63 15.23 28.95 -15.74
CA ASN A 63 14.17 28.57 -16.67
C ASN A 63 14.13 27.09 -17.03
N LEU A 64 12.92 26.57 -17.16
CA LEU A 64 12.73 25.19 -17.55
C LEU A 64 12.79 25.22 -19.06
N VAL A 65 13.20 24.11 -19.68
CA VAL A 65 13.27 24.05 -21.12
C VAL A 65 12.58 22.78 -21.59
N VAL A 66 11.38 22.96 -22.15
CA VAL A 66 10.59 21.83 -22.65
C VAL A 66 10.44 21.98 -24.16
N ASN A 67 10.93 21.00 -24.91
CA ASN A 67 10.86 21.02 -26.36
C ASN A 67 11.35 22.36 -26.92
N GLY A 68 12.44 22.86 -26.37
CA GLY A 68 12.99 24.12 -26.85
C GLY A 68 12.37 25.37 -26.25
N LYS A 69 11.13 25.27 -25.79
CA LYS A 69 10.45 26.41 -25.19
C LYS A 69 10.96 26.65 -23.78
N GLU A 70 11.20 27.91 -23.44
CA GLU A 70 11.68 28.24 -22.10
C GLU A 70 10.56 28.76 -21.23
N ILE A 71 10.45 28.21 -20.03
CA ILE A 71 9.43 28.61 -19.07
C ILE A 71 10.14 29.24 -17.87
N ILE A 72 9.77 30.47 -17.54
CA ILE A 72 10.38 31.18 -16.42
C ILE A 72 10.00 30.53 -15.09
N VAL A 73 10.98 30.42 -14.19
CA VAL A 73 10.73 29.84 -12.88
C VAL A 73 10.89 30.91 -11.80
N LYS A 74 9.85 31.09 -11.00
CA LYS A 74 9.87 32.06 -9.91
C LYS A 74 9.76 31.32 -8.58
N ALA A 75 10.14 31.99 -7.50
CA ALA A 75 10.07 31.40 -6.16
C ALA A 75 9.63 32.46 -5.15
N GLU A 76 8.48 33.08 -5.42
CA GLU A 76 7.93 34.11 -4.56
C GLU A 76 6.80 33.56 -3.71
N ARG A 77 7.01 33.52 -2.39
CA ARG A 77 6.00 33.01 -1.48
C ARG A 77 4.76 33.91 -1.49
N ASP A 78 4.97 35.20 -1.74
CA ASP A 78 3.87 36.16 -1.80
C ASP A 78 3.56 36.45 -3.26
N PRO A 79 2.37 36.03 -3.73
CA PRO A 79 1.95 36.23 -5.12
C PRO A 79 1.95 37.68 -5.62
N GLU A 80 1.87 38.64 -4.69
CA GLU A 80 1.85 40.03 -5.11
C GLU A 80 3.19 40.49 -5.68
N ASN A 81 4.23 39.67 -5.52
CA ASN A 81 5.55 40.00 -6.03
C ASN A 81 5.88 39.25 -7.31
N LEU A 82 4.89 38.56 -7.87
CA LEU A 82 5.10 37.76 -9.08
C LEU A 82 5.30 38.57 -10.36
N ALA A 83 4.92 39.84 -10.34
CA ALA A 83 5.07 40.72 -11.50
C ALA A 83 4.62 40.03 -12.79
N TRP A 84 3.43 39.46 -12.77
CA TRP A 84 2.90 38.77 -13.95
C TRP A 84 2.84 39.72 -15.15
N GLY A 85 2.43 40.95 -14.89
CA GLY A 85 2.31 41.95 -15.94
C GLY A 85 3.56 42.17 -16.78
N GLU A 86 4.72 42.22 -16.14
CA GLU A 86 5.97 42.45 -16.86
C GLU A 86 6.27 41.40 -17.92
N ILE A 87 5.81 40.17 -17.70
CA ILE A 87 6.08 39.13 -18.68
C ILE A 87 4.86 38.78 -19.53
N GLY A 88 3.87 39.65 -19.49
CA GLY A 88 2.66 39.47 -20.29
C GLY A 88 1.76 38.30 -19.97
N VAL A 89 1.73 37.87 -18.71
CA VAL A 89 0.87 36.76 -18.31
C VAL A 89 -0.54 37.29 -18.08
N ASP A 90 -1.49 36.81 -18.87
CA ASP A 90 -2.90 37.26 -18.76
C ASP A 90 -3.71 36.41 -17.79
N ILE A 91 -3.55 35.10 -17.89
CA ILE A 91 -4.28 34.16 -17.04
C ILE A 91 -3.36 33.40 -16.12
N VAL A 92 -3.66 33.45 -14.82
CA VAL A 92 -2.87 32.76 -13.83
C VAL A 92 -3.67 31.62 -13.21
N VAL A 93 -3.08 30.43 -13.20
CA VAL A 93 -3.71 29.28 -12.59
C VAL A 93 -3.19 29.26 -11.14
N GLU A 94 -4.08 29.54 -10.20
CA GLU A 94 -3.71 29.57 -8.78
C GLU A 94 -3.93 28.18 -8.19
N SER A 95 -2.85 27.42 -8.08
CA SER A 95 -2.93 26.06 -7.58
C SER A 95 -1.94 25.72 -6.47
N THR A 96 -1.79 26.60 -5.48
CA THR A 96 -0.90 26.33 -4.37
C THR A 96 -1.73 25.71 -3.24
N GLY A 97 -3.02 26.01 -3.24
CA GLY A 97 -3.91 25.51 -2.22
C GLY A 97 -3.97 26.43 -1.02
N ARG A 98 -3.16 27.48 -1.05
CA ARG A 98 -3.11 28.44 0.04
C ARG A 98 -3.86 29.75 -0.23
N PHE A 99 -4.21 29.99 -1.49
CA PHE A 99 -4.89 31.24 -1.82
C PHE A 99 -6.27 31.10 -2.46
N THR A 100 -7.16 30.35 -1.81
CA THR A 100 -8.51 30.15 -2.32
C THR A 100 -9.45 31.32 -2.00
N LYS A 101 -9.02 32.22 -1.12
CA LYS A 101 -9.80 33.40 -0.77
C LYS A 101 -9.58 34.44 -1.86
N ARG A 102 -10.65 35.12 -2.26
CA ARG A 102 -10.53 36.12 -3.33
C ARG A 102 -9.47 37.17 -3.03
N GLU A 103 -9.45 37.67 -1.80
CA GLU A 103 -8.50 38.70 -1.39
C GLU A 103 -7.05 38.26 -1.63
N ASP A 104 -6.82 36.95 -1.54
CA ASP A 104 -5.49 36.42 -1.75
C ASP A 104 -5.21 36.18 -3.24
N ALA A 105 -6.14 35.52 -3.92
CA ALA A 105 -5.99 35.25 -5.34
C ALA A 105 -5.92 36.55 -6.14
N ALA A 106 -6.58 37.59 -5.64
CA ALA A 106 -6.60 38.88 -6.30
C ALA A 106 -5.22 39.53 -6.35
N LYS A 107 -4.28 39.01 -5.56
CA LYS A 107 -2.94 39.54 -5.55
C LYS A 107 -2.28 39.38 -6.92
N HIS A 108 -2.66 38.31 -7.62
CA HIS A 108 -2.13 38.05 -8.96
C HIS A 108 -2.52 39.18 -9.91
N LEU A 109 -3.74 39.65 -9.77
CA LEU A 109 -4.24 40.74 -10.62
C LEU A 109 -3.46 42.00 -10.30
N GLU A 110 -3.23 42.24 -9.01
CA GLU A 110 -2.47 43.40 -8.57
C GLU A 110 -1.06 43.32 -9.13
N ALA A 111 -0.61 42.09 -9.43
CA ALA A 111 0.73 41.88 -9.97
C ALA A 111 0.76 42.00 -11.49
N GLY A 112 -0.38 42.34 -12.09
CA GLY A 112 -0.41 42.50 -13.54
C GLY A 112 -1.16 41.45 -14.34
N ALA A 113 -1.76 40.47 -13.68
CA ALA A 113 -2.50 39.43 -14.38
C ALA A 113 -3.92 39.93 -14.65
N LYS A 114 -4.53 39.42 -15.71
CA LYS A 114 -5.90 39.81 -16.08
C LYS A 114 -6.95 38.94 -15.40
N LYS A 115 -6.76 37.63 -15.48
CA LYS A 115 -7.70 36.68 -14.89
C LYS A 115 -6.99 35.67 -14.01
N VAL A 116 -7.71 35.16 -13.00
CA VAL A 116 -7.17 34.16 -12.11
C VAL A 116 -8.14 33.00 -11.96
N ILE A 117 -7.64 31.79 -12.20
CA ILE A 117 -8.44 30.58 -12.08
C ILE A 117 -7.97 29.81 -10.85
N ILE A 118 -8.80 29.81 -9.81
CA ILE A 118 -8.45 29.08 -8.59
C ILE A 118 -8.79 27.62 -8.83
N SER A 119 -7.79 26.75 -8.70
CA SER A 119 -7.97 25.32 -8.93
C SER A 119 -8.66 24.61 -7.79
N ALA A 120 -9.70 25.22 -7.23
CA ALA A 120 -10.41 24.59 -6.11
C ALA A 120 -11.60 25.42 -5.67
N PRO A 121 -12.42 24.88 -4.75
CA PRO A 121 -13.58 25.64 -4.27
C PRO A 121 -12.99 26.91 -3.66
N ALA A 122 -13.64 28.04 -3.84
CA ALA A 122 -13.09 29.28 -3.31
C ALA A 122 -14.02 30.00 -2.35
N LYS A 123 -13.58 31.16 -1.90
CA LYS A 123 -14.36 31.99 -0.99
C LYS A 123 -14.45 33.40 -1.58
N ASN A 124 -15.67 33.85 -1.82
CA ASN A 124 -15.91 35.18 -2.37
C ASN A 124 -15.44 35.33 -3.81
N GLU A 125 -15.37 34.23 -4.54
CA GLU A 125 -14.94 34.28 -5.93
C GLU A 125 -16.05 34.99 -6.72
N ASP A 126 -15.71 35.54 -7.88
CA ASP A 126 -16.72 36.24 -8.67
C ASP A 126 -17.70 35.25 -9.30
N ILE A 127 -17.27 33.99 -9.43
CA ILE A 127 -18.11 32.94 -9.97
C ILE A 127 -17.38 31.59 -9.99
N THR A 128 -18.14 30.51 -9.93
CA THR A 128 -17.58 29.17 -9.96
C THR A 128 -18.04 28.51 -11.26
N ILE A 129 -17.11 27.94 -12.00
CA ILE A 129 -17.43 27.30 -13.27
C ILE A 129 -17.04 25.82 -13.35
N VAL A 130 -17.90 25.05 -14.01
CA VAL A 130 -17.67 23.65 -14.26
C VAL A 130 -17.93 23.52 -15.77
N MET A 131 -16.87 23.31 -16.53
CA MET A 131 -17.00 23.20 -17.99
C MET A 131 -17.99 22.11 -18.39
N GLY A 132 -18.93 22.49 -19.25
CA GLY A 132 -19.94 21.56 -19.71
C GLY A 132 -21.24 21.71 -18.94
N VAL A 133 -21.21 22.55 -17.90
CA VAL A 133 -22.40 22.76 -17.09
C VAL A 133 -22.88 24.21 -16.99
N ASN A 134 -21.95 25.15 -16.77
CA ASN A 134 -22.35 26.55 -16.64
C ASN A 134 -21.32 27.56 -17.13
N GLN A 135 -20.47 27.20 -18.08
CA GLN A 135 -19.46 28.16 -18.55
C GLN A 135 -20.11 29.35 -19.26
N ASP A 136 -21.36 29.17 -19.69
CA ASP A 136 -22.10 30.21 -20.39
C ASP A 136 -22.43 31.36 -19.43
N LYS A 137 -22.20 31.13 -18.14
CA LYS A 137 -22.49 32.15 -17.13
C LYS A 137 -21.29 33.06 -16.90
N TYR A 138 -20.15 32.70 -17.49
CA TYR A 138 -18.96 33.51 -17.34
C TYR A 138 -19.13 34.87 -17.99
N ASP A 139 -18.84 35.93 -17.24
CA ASP A 139 -18.96 37.29 -17.74
C ASP A 139 -17.60 37.97 -17.75
N PRO A 140 -16.99 38.14 -18.93
CA PRO A 140 -15.68 38.77 -19.05
C PRO A 140 -15.58 40.14 -18.39
N LYS A 141 -16.71 40.84 -18.30
CA LYS A 141 -16.74 42.18 -17.69
C LYS A 141 -16.73 42.14 -16.16
N ALA A 142 -17.44 41.17 -15.58
CA ALA A 142 -17.52 41.10 -14.11
C ALA A 142 -16.73 39.99 -13.42
N HIS A 143 -16.32 38.97 -14.15
CA HIS A 143 -15.59 37.85 -13.55
C HIS A 143 -14.09 37.87 -13.80
N HIS A 144 -13.32 38.07 -12.73
CA HIS A 144 -11.86 38.13 -12.83
C HIS A 144 -11.19 37.04 -12.00
N VAL A 145 -11.84 36.65 -10.90
CA VAL A 145 -11.33 35.58 -10.04
C VAL A 145 -12.37 34.47 -10.15
N ILE A 146 -12.03 33.44 -10.93
CA ILE A 146 -12.94 32.32 -11.16
C ILE A 146 -12.46 31.03 -10.53
N SER A 147 -13.42 30.28 -9.98
CA SER A 147 -13.11 28.98 -9.37
C SER A 147 -13.52 27.88 -10.33
N ASN A 148 -12.66 26.89 -10.50
CA ASN A 148 -12.96 25.77 -11.38
C ASN A 148 -13.55 24.64 -10.53
N ALA A 149 -13.83 24.95 -9.27
CA ALA A 149 -14.39 23.99 -8.32
C ALA A 149 -13.39 22.89 -8.00
N SER A 150 -13.88 21.77 -7.49
CA SER A 150 -13.02 20.64 -7.15
C SER A 150 -13.20 19.52 -8.17
N ALA A 151 -12.30 18.55 -8.16
CA ALA A 151 -12.40 17.44 -9.10
C ALA A 151 -13.69 16.66 -8.86
N THR A 152 -14.08 16.52 -7.60
CA THR A 152 -15.29 15.79 -7.23
C THR A 152 -16.53 16.46 -7.82
N THR A 153 -16.61 17.78 -7.67
CA THR A 153 -17.75 18.53 -8.19
C THR A 153 -17.80 18.44 -9.71
N ASN A 154 -16.63 18.41 -10.35
CA ASN A 154 -16.56 18.30 -11.80
C ASN A 154 -16.98 16.91 -12.26
N CYS A 155 -16.89 15.93 -11.38
CA CYS A 155 -17.31 14.57 -11.73
C CYS A 155 -18.82 14.41 -11.55
N LEU A 156 -19.34 14.95 -10.45
CA LEU A 156 -20.76 14.85 -10.13
C LEU A 156 -21.69 15.76 -10.94
N ALA A 157 -21.36 17.05 -10.99
CA ALA A 157 -22.16 18.04 -11.69
C ALA A 157 -22.64 17.64 -13.09
N PRO A 158 -21.71 17.15 -13.94
CA PRO A 158 -22.11 16.75 -15.30
C PRO A 158 -23.24 15.71 -15.37
N PHE A 159 -23.13 14.61 -14.64
CA PHE A 159 -24.20 13.61 -14.73
C PHE A 159 -25.38 13.96 -13.83
N ALA A 160 -25.17 14.87 -12.88
CA ALA A 160 -26.26 15.31 -12.01
C ALA A 160 -27.13 16.18 -12.91
N LYS A 161 -26.49 16.88 -13.84
CA LYS A 161 -27.18 17.75 -14.79
C LYS A 161 -28.10 16.92 -15.66
N VAL A 162 -27.61 15.77 -16.14
CA VAL A 162 -28.40 14.90 -16.99
C VAL A 162 -29.57 14.27 -16.23
N LEU A 163 -29.30 13.73 -15.05
CA LEU A 163 -30.34 13.10 -14.25
C LEU A 163 -31.47 14.08 -13.93
N HIS A 164 -31.10 15.30 -13.59
CA HIS A 164 -32.09 16.31 -13.24
C HIS A 164 -32.95 16.72 -14.43
N GLU A 165 -32.33 17.04 -15.55
CA GLU A 165 -33.07 17.47 -16.74
C GLU A 165 -33.96 16.38 -17.33
N GLN A 166 -33.54 15.13 -17.24
CA GLN A 166 -34.31 14.03 -17.80
C GLN A 166 -35.31 13.40 -16.84
N PHE A 167 -34.96 13.33 -15.56
CA PHE A 167 -35.84 12.69 -14.59
C PHE A 167 -36.20 13.55 -13.38
N GLY A 168 -35.44 14.62 -13.15
CA GLY A 168 -35.71 15.48 -12.02
C GLY A 168 -35.22 14.91 -10.69
N ILE A 169 -34.25 15.58 -10.07
CA ILE A 169 -33.72 15.12 -8.79
C ILE A 169 -34.46 15.79 -7.64
N VAL A 170 -35.05 14.97 -6.76
CA VAL A 170 -35.78 15.49 -5.61
C VAL A 170 -34.76 15.76 -4.49
N ARG A 171 -33.96 14.75 -4.19
CA ARG A 171 -32.91 14.85 -3.19
C ARG A 171 -31.95 13.69 -3.38
N GLY A 172 -30.71 13.89 -2.93
CA GLY A 172 -29.72 12.82 -3.08
C GLY A 172 -28.49 13.03 -2.23
N MET A 173 -27.78 11.93 -2.02
CA MET A 173 -26.56 11.96 -1.23
C MET A 173 -25.48 11.17 -1.92
N MET A 174 -24.24 11.62 -1.75
CA MET A 174 -23.14 10.95 -2.39
C MET A 174 -21.92 10.76 -1.51
N THR A 175 -21.08 9.84 -1.93
CA THR A 175 -19.83 9.56 -1.25
C THR A 175 -18.82 9.39 -2.36
N THR A 176 -17.63 9.93 -2.15
CA THR A 176 -16.59 9.76 -3.13
C THR A 176 -15.46 8.99 -2.47
N VAL A 177 -15.16 7.81 -3.02
CA VAL A 177 -14.06 7.01 -2.51
C VAL A 177 -12.95 7.65 -3.32
N HIS A 178 -12.17 8.47 -2.61
CA HIS A 178 -11.11 9.29 -3.19
C HIS A 178 -9.69 8.88 -2.80
N SER A 179 -8.79 8.91 -3.78
CA SER A 179 -7.40 8.57 -3.52
C SER A 179 -6.85 9.63 -2.58
N TYR A 180 -5.74 9.35 -1.90
CA TYR A 180 -5.18 10.34 -0.99
C TYR A 180 -4.51 11.47 -1.77
N THR A 181 -4.32 12.62 -1.12
CA THR A 181 -3.70 13.77 -1.76
C THR A 181 -2.62 14.35 -0.84
N ASN A 182 -1.94 15.39 -1.30
CA ASN A 182 -0.89 15.98 -0.49
C ASN A 182 -1.40 16.81 0.68
N ASP A 183 -2.73 16.89 0.83
CA ASP A 183 -3.30 17.62 1.95
C ASP A 183 -3.40 16.69 3.15
N GLN A 184 -3.11 15.41 2.93
CA GLN A 184 -3.17 14.43 4.01
C GLN A 184 -1.80 14.28 4.67
N ARG A 185 -1.64 13.27 5.51
CA ARG A 185 -0.36 13.08 6.19
C ARG A 185 0.18 11.66 6.04
N ILE A 186 1.51 11.55 6.13
CA ILE A 186 2.19 10.27 6.01
C ILE A 186 1.99 9.43 7.26
N LEU A 187 2.35 9.98 8.42
CA LEU A 187 2.18 9.26 9.69
C LEU A 187 1.71 10.15 10.85
N ASP A 188 0.41 10.12 11.10
CA ASP A 188 -0.21 10.87 12.19
C ASP A 188 0.49 12.19 12.58
N LEU A 189 0.16 13.26 11.87
CA LEU A 189 0.72 14.59 12.13
C LEU A 189 -0.42 15.58 12.35
N PRO A 190 -0.14 16.72 13.02
CA PRO A 190 -1.18 17.71 13.26
C PRO A 190 -1.88 18.12 11.98
N HIS A 191 -3.21 18.25 12.04
CA HIS A 191 -4.02 18.66 10.91
C HIS A 191 -5.32 19.20 11.48
N LYS A 192 -5.86 20.27 10.88
CA LYS A 192 -7.11 20.84 11.36
C LYS A 192 -8.22 19.79 11.30
N ASP A 193 -8.09 18.87 10.36
CA ASP A 193 -9.04 17.79 10.18
C ASP A 193 -8.40 16.58 10.87
N LEU A 194 -8.87 16.25 12.07
CA LEU A 194 -8.30 15.15 12.82
C LEU A 194 -8.34 13.80 12.12
N ARG A 195 -9.12 13.69 11.05
CA ARG A 195 -9.17 12.43 10.30
C ARG A 195 -7.99 12.45 9.33
N ARG A 196 -7.84 13.56 8.61
CA ARG A 196 -6.76 13.71 7.64
C ARG A 196 -5.38 13.76 8.30
N ALA A 197 -5.38 13.85 9.62
CA ALA A 197 -4.13 13.87 10.37
C ALA A 197 -3.54 12.46 10.42
N ARG A 198 -4.37 11.45 10.14
CA ARG A 198 -3.94 10.05 10.20
C ARG A 198 -3.27 9.45 8.96
N ALA A 199 -2.33 8.54 9.19
CA ALA A 199 -1.58 7.86 8.14
C ALA A 199 -2.46 7.53 6.92
N ALA A 200 -2.24 8.27 5.83
CA ALA A 200 -3.01 8.13 4.60
C ALA A 200 -2.99 6.77 3.90
N ALA A 201 -1.84 6.10 3.91
CA ALA A 201 -1.73 4.81 3.23
C ALA A 201 -2.11 3.61 4.07
N GLU A 202 -2.57 3.84 5.30
CA GLU A 202 -2.92 2.74 6.18
C GLU A 202 -4.40 2.60 6.53
N SER A 203 -5.22 3.60 6.20
CA SER A 203 -6.63 3.55 6.57
C SER A 203 -7.63 4.10 5.56
N ILE A 204 -8.89 3.75 5.79
CA ILE A 204 -9.99 4.29 5.01
C ILE A 204 -10.27 5.51 5.89
N ILE A 205 -10.18 6.70 5.32
CA ILE A 205 -10.36 7.92 6.10
C ILE A 205 -11.56 8.80 5.72
N PRO A 206 -12.65 8.73 6.52
CA PRO A 206 -13.83 9.54 6.23
C PRO A 206 -13.45 10.99 6.40
N THR A 207 -13.96 11.86 5.55
CA THR A 207 -13.67 13.28 5.65
C THR A 207 -14.75 14.05 4.90
N THR A 208 -15.04 15.27 5.33
CA THR A 208 -16.08 16.06 4.69
C THR A 208 -15.72 16.45 3.27
N THR A 209 -16.75 16.84 2.52
CA THR A 209 -16.59 17.28 1.15
C THR A 209 -17.72 18.28 0.90
N GLY A 210 -17.40 19.36 0.18
CA GLY A 210 -18.40 20.37 -0.10
C GLY A 210 -18.92 20.22 -1.52
N ALA A 211 -18.41 19.19 -2.21
CA ALA A 211 -18.79 18.91 -3.58
C ALA A 211 -20.30 18.81 -3.79
N ALA A 212 -20.99 18.13 -2.88
CA ALA A 212 -22.44 17.97 -3.00
C ALA A 212 -23.16 19.31 -3.01
N LYS A 213 -22.80 20.18 -2.06
CA LYS A 213 -23.42 21.50 -1.99
C LYS A 213 -22.86 22.46 -3.03
N ALA A 214 -21.62 22.24 -3.46
CA ALA A 214 -21.01 23.09 -4.46
C ALA A 214 -21.66 22.89 -5.83
N VAL A 215 -22.34 21.76 -6.00
CA VAL A 215 -23.02 21.47 -7.26
C VAL A 215 -24.12 22.51 -7.46
N ALA A 216 -24.61 23.05 -6.35
CA ALA A 216 -25.66 24.06 -6.40
C ALA A 216 -25.17 25.36 -7.02
N LEU A 217 -23.86 25.57 -6.96
CA LEU A 217 -23.26 26.79 -7.53
C LEU A 217 -23.33 26.78 -9.05
N VAL A 218 -23.25 25.58 -9.64
CA VAL A 218 -23.29 25.45 -11.09
C VAL A 218 -24.66 24.99 -11.57
N LEU A 219 -25.47 24.46 -10.66
CA LEU A 219 -26.81 23.99 -10.98
C LEU A 219 -27.74 24.44 -9.85
N PRO A 220 -28.10 25.73 -9.83
CA PRO A 220 -28.98 26.36 -8.84
C PRO A 220 -30.24 25.58 -8.45
N GLU A 221 -30.87 24.93 -9.42
CA GLU A 221 -32.09 24.18 -9.15
C GLU A 221 -31.85 23.05 -8.15
N LEU A 222 -30.60 22.71 -7.89
CA LEU A 222 -30.29 21.63 -6.95
C LEU A 222 -29.92 22.13 -5.55
N LYS A 223 -30.00 23.44 -5.34
CA LYS A 223 -29.67 24.00 -4.03
C LYS A 223 -30.50 23.32 -2.95
N GLY A 224 -29.84 22.93 -1.87
CA GLY A 224 -30.52 22.28 -0.75
C GLY A 224 -31.00 20.86 -1.02
N LYS A 225 -30.69 20.32 -2.19
CA LYS A 225 -31.14 18.96 -2.51
C LYS A 225 -30.07 17.89 -2.40
N LEU A 226 -28.81 18.28 -2.29
CA LEU A 226 -27.72 17.31 -2.20
C LEU A 226 -26.78 17.53 -1.02
N ASN A 227 -26.11 16.45 -0.63
CA ASN A 227 -25.13 16.49 0.44
C ASN A 227 -24.31 15.21 0.31
N GLY A 228 -23.15 15.17 0.94
CA GLY A 228 -22.32 13.99 0.84
C GLY A 228 -21.04 14.05 1.63
N MET A 229 -20.23 13.01 1.49
CA MET A 229 -18.98 12.94 2.21
C MET A 229 -17.92 12.29 1.34
N ALA A 230 -16.73 12.12 1.92
CA ALA A 230 -15.62 11.51 1.23
C ALA A 230 -14.96 10.46 2.10
N MET A 231 -14.30 9.52 1.44
CA MET A 231 -13.56 8.48 2.12
C MET A 231 -12.25 8.31 1.37
N ARG A 232 -11.18 8.83 1.97
CA ARG A 232 -9.86 8.75 1.39
C ARG A 232 -9.29 7.35 1.65
N VAL A 233 -8.78 6.71 0.60
CA VAL A 233 -8.23 5.37 0.72
C VAL A 233 -6.79 5.29 0.19
N PRO A 234 -6.07 4.20 0.50
CA PRO A 234 -4.68 4.01 0.06
C PRO A 234 -4.36 3.82 -1.42
N THR A 235 -4.84 4.73 -2.27
CA THR A 235 -4.54 4.70 -3.70
C THR A 235 -3.96 6.09 -3.97
N PRO A 236 -2.94 6.18 -4.84
CA PRO A 236 -2.31 7.46 -5.17
C PRO A 236 -3.09 8.40 -6.08
N ASN A 237 -3.96 7.86 -6.93
CA ASN A 237 -4.72 8.69 -7.85
C ASN A 237 -5.91 7.94 -8.41
N VAL A 238 -6.91 8.71 -8.86
CA VAL A 238 -8.17 8.24 -9.42
C VAL A 238 -9.19 8.07 -8.29
N SER A 239 -10.37 8.64 -8.49
CA SER A 239 -11.42 8.57 -7.50
C SER A 239 -12.75 8.18 -8.13
N VAL A 240 -13.77 8.01 -7.31
CA VAL A 240 -15.08 7.62 -7.83
C VAL A 240 -16.22 8.20 -7.00
N VAL A 241 -17.24 8.70 -7.68
CA VAL A 241 -18.40 9.29 -7.04
C VAL A 241 -19.53 8.27 -7.03
N ASP A 242 -20.16 8.14 -5.87
CA ASP A 242 -21.27 7.22 -5.67
C ASP A 242 -22.49 8.04 -5.26
N LEU A 243 -23.42 8.24 -6.20
CA LEU A 243 -24.61 9.01 -5.93
C LEU A 243 -25.88 8.19 -5.81
N VAL A 244 -26.64 8.45 -4.74
CA VAL A 244 -27.92 7.78 -4.53
C VAL A 244 -28.92 8.92 -4.51
N ALA A 245 -29.81 8.95 -5.49
CA ALA A 245 -30.80 10.02 -5.59
C ALA A 245 -32.23 9.55 -5.78
N GLU A 246 -33.16 10.37 -5.30
CA GLU A 246 -34.59 10.09 -5.45
C GLU A 246 -34.99 10.95 -6.65
N LEU A 247 -35.66 10.33 -7.62
CA LEU A 247 -36.08 11.02 -8.83
C LEU A 247 -37.57 11.33 -8.87
N GLU A 248 -37.94 12.38 -9.61
CA GLU A 248 -39.33 12.78 -9.73
C GLU A 248 -40.05 11.85 -10.69
N LYS A 249 -39.30 11.37 -11.67
CA LYS A 249 -39.85 10.48 -12.68
C LYS A 249 -39.47 9.03 -12.38
N GLU A 250 -40.36 8.10 -12.70
CA GLU A 250 -40.11 6.68 -12.47
C GLU A 250 -39.22 6.17 -13.59
N VAL A 251 -38.17 5.43 -13.24
CA VAL A 251 -37.24 4.96 -14.26
C VAL A 251 -36.76 3.52 -14.09
N THR A 252 -36.09 3.02 -15.13
CA THR A 252 -35.51 1.68 -15.13
C THR A 252 -34.01 1.89 -15.27
N VAL A 253 -33.23 0.84 -15.00
CA VAL A 253 -31.77 0.93 -15.13
C VAL A 253 -31.42 1.27 -16.57
N GLU A 254 -32.09 0.60 -17.51
CA GLU A 254 -31.82 0.82 -18.92
C GLU A 254 -32.03 2.29 -19.31
N GLU A 255 -33.11 2.89 -18.85
CA GLU A 255 -33.40 4.28 -19.18
C GLU A 255 -32.34 5.25 -18.65
N VAL A 256 -31.96 5.07 -17.38
CA VAL A 256 -30.94 5.93 -16.78
C VAL A 256 -29.64 5.84 -17.56
N ASN A 257 -29.19 4.62 -17.83
CA ASN A 257 -27.95 4.41 -18.59
C ASN A 257 -28.05 4.96 -20.00
N ALA A 258 -29.20 4.78 -20.66
CA ALA A 258 -29.36 5.28 -22.02
C ALA A 258 -29.20 6.80 -22.07
N ALA A 259 -29.81 7.48 -21.10
CA ALA A 259 -29.73 8.94 -21.04
C ALA A 259 -28.30 9.42 -20.78
N LEU A 260 -27.56 8.70 -19.93
CA LEU A 260 -26.18 9.08 -19.62
C LEU A 260 -25.29 8.85 -20.83
N LYS A 261 -25.53 7.75 -21.54
CA LYS A 261 -24.77 7.43 -22.73
C LYS A 261 -25.02 8.49 -23.80
N ALA A 262 -26.28 8.90 -23.94
CA ALA A 262 -26.66 9.91 -24.94
C ALA A 262 -26.02 11.27 -24.66
N ALA A 263 -25.93 11.64 -23.39
CA ALA A 263 -25.33 12.90 -23.03
C ALA A 263 -23.82 12.85 -23.25
N ALA A 264 -23.23 11.67 -23.03
CA ALA A 264 -21.80 11.49 -23.22
C ALA A 264 -21.41 11.64 -24.69
N GLU A 265 -22.33 11.28 -25.58
CA GLU A 265 -22.06 11.39 -27.02
C GLU A 265 -22.43 12.78 -27.52
N GLY A 266 -23.40 13.42 -26.88
CA GLY A 266 -23.82 14.73 -27.32
C GLY A 266 -23.33 15.95 -26.56
N GLU A 267 -24.23 16.57 -25.80
CA GLU A 267 -23.91 17.77 -25.05
C GLU A 267 -22.65 17.74 -24.19
N LEU A 268 -22.39 16.62 -23.52
CA LEU A 268 -21.23 16.53 -22.64
C LEU A 268 -20.05 15.72 -23.15
N LYS A 269 -19.95 15.51 -24.46
CA LYS A 269 -18.82 14.76 -24.99
C LYS A 269 -17.53 15.44 -24.56
N GLY A 270 -16.56 14.64 -24.11
CA GLY A 270 -15.30 15.20 -23.67
C GLY A 270 -15.32 15.51 -22.18
N ILE A 271 -16.52 15.68 -21.63
CA ILE A 271 -16.69 15.98 -20.21
C ILE A 271 -17.18 14.73 -19.49
N LEU A 272 -18.27 14.16 -20.00
CA LEU A 272 -18.87 12.95 -19.44
C LEU A 272 -18.66 11.79 -20.41
N ALA A 273 -18.15 10.67 -19.89
CA ALA A 273 -17.94 9.48 -20.71
C ALA A 273 -18.88 8.40 -20.19
N TYR A 274 -18.97 7.29 -20.91
CA TYR A 274 -19.86 6.21 -20.53
C TYR A 274 -19.16 4.88 -20.76
N SER A 275 -19.07 4.05 -19.72
CA SER A 275 -18.40 2.76 -19.86
C SER A 275 -19.23 1.57 -19.43
N GLU A 276 -19.20 0.52 -20.24
CA GLU A 276 -19.93 -0.71 -19.94
C GLU A 276 -18.93 -1.80 -19.58
N GLU A 277 -17.69 -1.38 -19.33
CA GLU A 277 -16.63 -2.33 -18.98
C GLU A 277 -16.47 -2.43 -17.47
N PRO A 278 -16.14 -3.63 -16.96
CA PRO A 278 -15.94 -3.85 -15.53
C PRO A 278 -14.50 -3.51 -15.16
N LEU A 279 -14.21 -2.21 -15.13
CA LEU A 279 -12.85 -1.73 -14.84
C LEU A 279 -12.62 -1.32 -13.39
N VAL A 280 -11.37 -1.03 -13.06
CA VAL A 280 -10.99 -0.61 -11.71
C VAL A 280 -10.24 0.71 -11.80
N SER A 281 -10.03 1.38 -10.68
CA SER A 281 -9.37 2.68 -10.66
C SER A 281 -8.08 2.83 -11.49
N ARG A 282 -7.18 1.85 -11.45
CA ARG A 282 -5.94 1.96 -12.24
C ARG A 282 -6.24 2.16 -13.71
N ASP A 283 -7.34 1.60 -14.19
CA ASP A 283 -7.70 1.70 -15.60
C ASP A 283 -8.02 3.14 -16.03
N TYR A 284 -8.36 3.99 -15.07
CA TYR A 284 -8.72 5.36 -15.39
C TYR A 284 -7.60 6.38 -15.15
N ASN A 285 -6.41 5.89 -14.84
CA ASN A 285 -5.27 6.78 -14.62
C ASN A 285 -4.86 7.34 -15.97
N GLY A 286 -4.95 8.66 -16.12
CA GLY A 286 -4.60 9.29 -17.39
C GLY A 286 -5.83 9.76 -18.15
N SER A 287 -7.01 9.35 -17.70
CA SER A 287 -8.28 9.74 -18.32
C SER A 287 -8.44 11.25 -18.31
N THR A 288 -8.81 11.82 -19.45
CA THR A 288 -8.96 13.27 -19.56
C THR A 288 -10.36 13.83 -19.30
N VAL A 289 -11.38 12.98 -19.28
CA VAL A 289 -12.73 13.47 -19.04
C VAL A 289 -12.91 13.81 -17.57
N SER A 290 -14.01 14.45 -17.23
CA SER A 290 -14.27 14.83 -15.84
C SER A 290 -15.06 13.76 -15.11
N SER A 291 -15.78 12.94 -15.87
CA SER A 291 -16.64 11.93 -15.28
C SER A 291 -16.93 10.76 -16.25
N THR A 292 -16.75 9.54 -15.78
CA THR A 292 -17.02 8.36 -16.60
C THR A 292 -18.01 7.44 -15.89
N ILE A 293 -19.23 7.37 -16.40
CA ILE A 293 -20.25 6.53 -15.81
C ILE A 293 -19.84 5.06 -15.87
N ASP A 294 -19.96 4.37 -14.74
CA ASP A 294 -19.66 2.94 -14.65
C ASP A 294 -21.05 2.32 -14.80
N ALA A 295 -21.47 2.16 -16.04
CA ALA A 295 -22.79 1.63 -16.39
C ALA A 295 -23.20 0.35 -15.67
N LEU A 296 -22.25 -0.57 -15.46
CA LEU A 296 -22.58 -1.81 -14.79
C LEU A 296 -23.02 -1.63 -13.34
N SER A 297 -22.66 -0.50 -12.73
CA SER A 297 -23.03 -0.25 -11.33
C SER A 297 -24.41 0.38 -11.14
N THR A 298 -25.01 0.88 -12.22
CA THR A 298 -26.31 1.52 -12.12
C THR A 298 -27.40 0.59 -11.59
N MET A 299 -28.14 1.07 -10.58
CA MET A 299 -29.22 0.29 -10.00
C MET A 299 -30.38 1.19 -9.58
N VAL A 300 -31.58 0.62 -9.50
CA VAL A 300 -32.79 1.36 -9.15
C VAL A 300 -33.67 0.53 -8.21
N ILE A 301 -34.40 1.21 -7.33
CA ILE A 301 -35.30 0.54 -6.40
C ILE A 301 -36.66 1.23 -6.46
N ASP A 302 -37.71 0.45 -6.72
CA ASP A 302 -39.06 1.00 -6.80
C ASP A 302 -39.19 1.98 -7.97
N GLY A 303 -38.19 2.00 -8.83
CA GLY A 303 -38.22 2.90 -9.97
C GLY A 303 -38.04 4.36 -9.58
N LYS A 304 -37.81 4.63 -8.30
CA LYS A 304 -37.66 6.01 -7.84
C LYS A 304 -36.30 6.37 -7.23
N MET A 305 -35.59 5.38 -6.70
CA MET A 305 -34.28 5.62 -6.11
C MET A 305 -33.21 4.99 -6.99
N VAL A 306 -32.23 5.79 -7.38
CA VAL A 306 -31.17 5.33 -8.26
C VAL A 306 -29.77 5.54 -7.69
N LYS A 307 -28.85 4.66 -8.09
CA LYS A 307 -27.45 4.78 -7.70
C LYS A 307 -26.65 4.87 -8.98
N VAL A 308 -25.85 5.92 -9.09
CA VAL A 308 -25.01 6.11 -10.26
C VAL A 308 -23.57 6.23 -9.79
N VAL A 309 -22.69 5.47 -10.41
CA VAL A 309 -21.27 5.47 -10.05
C VAL A 309 -20.46 6.04 -11.22
N SER A 310 -19.57 6.98 -10.91
CA SER A 310 -18.76 7.61 -11.94
C SER A 310 -17.29 7.80 -11.55
N TRP A 311 -16.41 7.38 -12.44
CA TRP A 311 -14.97 7.48 -12.21
C TRP A 311 -14.39 8.83 -12.60
N TYR A 312 -13.24 9.14 -12.03
CA TYR A 312 -12.56 10.37 -12.39
C TYR A 312 -11.12 10.43 -11.91
N ASP A 313 -10.24 10.84 -12.82
CA ASP A 313 -8.84 10.99 -12.50
C ASP A 313 -8.78 12.41 -11.96
N ASN A 314 -8.77 12.52 -10.63
CA ASN A 314 -8.73 13.82 -9.98
C ASN A 314 -7.56 14.71 -10.37
N GLU A 315 -6.53 14.14 -10.98
CA GLU A 315 -5.39 14.95 -11.41
C GLU A 315 -5.51 15.34 -12.89
N THR A 316 -5.54 14.34 -13.77
CA THR A 316 -5.61 14.56 -15.21
C THR A 316 -6.90 15.22 -15.71
N GLY A 317 -8.04 14.66 -15.32
CA GLY A 317 -9.31 15.22 -15.75
C GLY A 317 -9.47 16.67 -15.34
N TYR A 318 -9.27 16.94 -14.06
CA TYR A 318 -9.40 18.29 -13.53
C TYR A 318 -8.43 19.28 -14.19
N SER A 319 -7.18 18.84 -14.43
CA SER A 319 -6.18 19.71 -15.06
C SER A 319 -6.60 20.08 -16.47
N HIS A 320 -7.15 19.13 -17.20
CA HIS A 320 -7.61 19.41 -18.55
C HIS A 320 -8.74 20.44 -18.50
N ARG A 321 -9.63 20.31 -17.52
CA ARG A 321 -10.73 21.25 -17.38
C ARG A 321 -10.17 22.64 -17.11
N VAL A 322 -9.15 22.72 -16.25
CA VAL A 322 -8.53 24.00 -15.95
C VAL A 322 -8.04 24.66 -17.24
N VAL A 323 -7.41 23.86 -18.11
CA VAL A 323 -6.91 24.38 -19.38
C VAL A 323 -8.08 24.76 -20.31
N ASP A 324 -9.11 23.92 -20.36
CA ASP A 324 -10.26 24.20 -21.19
C ASP A 324 -10.88 25.52 -20.75
N LEU A 325 -10.91 25.75 -19.44
CA LEU A 325 -11.48 26.97 -18.88
C LEU A 325 -10.62 28.17 -19.26
N ALA A 326 -9.30 27.98 -19.23
CA ALA A 326 -8.36 29.04 -19.58
C ALA A 326 -8.62 29.46 -21.03
N ALA A 327 -8.70 28.49 -21.92
CA ALA A 327 -8.94 28.79 -23.33
C ALA A 327 -10.31 29.43 -23.51
N TYR A 328 -11.32 28.90 -22.82
CA TYR A 328 -12.67 29.43 -22.91
C TYR A 328 -12.71 30.90 -22.48
N ILE A 329 -12.18 31.18 -21.30
CA ILE A 329 -12.15 32.54 -20.78
C ILE A 329 -11.47 33.48 -21.76
N ALA A 330 -10.36 33.02 -22.33
CA ALA A 330 -9.61 33.83 -23.28
C ALA A 330 -10.42 34.12 -24.54
N SER A 331 -11.21 33.15 -24.99
CA SER A 331 -12.01 33.30 -26.19
C SER A 331 -13.05 34.41 -26.03
N LYS A 332 -13.33 34.79 -24.78
CA LYS A 332 -14.31 35.84 -24.52
C LYS A 332 -13.65 37.23 -24.47
N GLY A 333 -12.33 37.26 -24.69
CA GLY A 333 -11.61 38.53 -24.69
C GLY A 333 -11.05 38.97 -23.34
N LEU A 334 -9.75 39.28 -23.33
CA LEU A 334 -9.09 39.74 -22.12
C LEU A 334 -8.77 41.23 -22.21
N ALA B 1 -17.06 -26.25 27.13
CA ALA B 1 -18.37 -26.94 27.27
C ALA B 1 -18.69 -27.74 26.01
N VAL B 2 -19.19 -27.07 24.97
CA VAL B 2 -19.53 -27.75 23.73
C VAL B 2 -18.29 -27.95 22.85
N LYS B 3 -18.20 -29.12 22.24
CA LYS B 3 -17.08 -29.50 21.37
C LYS B 3 -17.25 -28.88 19.99
N VAL B 4 -16.25 -28.12 19.57
CA VAL B 4 -16.33 -27.48 18.27
C VAL B 4 -15.20 -27.84 17.31
N GLY B 5 -15.56 -27.94 16.04
CA GLY B 5 -14.59 -28.24 15.00
C GLY B 5 -14.64 -27.10 14.00
N ILE B 6 -13.48 -26.71 13.49
CA ILE B 6 -13.40 -25.63 12.51
C ILE B 6 -12.87 -26.18 11.19
N ASN B 7 -13.65 -26.03 10.13
CA ASN B 7 -13.22 -26.51 8.82
C ASN B 7 -12.78 -25.31 7.99
N GLY B 8 -11.48 -25.21 7.75
CA GLY B 8 -10.94 -24.10 7.00
C GLY B 8 -10.38 -23.13 8.02
N PHE B 9 -9.13 -23.36 8.41
CA PHE B 9 -8.46 -22.55 9.43
C PHE B 9 -7.80 -21.31 8.81
N GLY B 10 -8.61 -20.48 8.14
CA GLY B 10 -8.10 -19.28 7.51
C GLY B 10 -8.26 -18.00 8.32
N ARG B 11 -8.61 -16.91 7.66
CA ARG B 11 -8.78 -15.64 8.37
C ARG B 11 -9.90 -15.71 9.39
N ILE B 12 -11.04 -16.27 8.99
CA ILE B 12 -12.16 -16.40 9.92
C ILE B 12 -11.93 -17.60 10.83
N GLY B 13 -11.52 -18.73 10.25
CA GLY B 13 -11.28 -19.90 11.07
C GLY B 13 -10.35 -19.61 12.24
N ARG B 14 -9.23 -18.95 11.98
CA ARG B 14 -8.27 -18.62 13.03
C ARG B 14 -8.75 -17.54 13.99
N ASN B 15 -9.40 -16.52 13.46
CA ASN B 15 -9.90 -15.47 14.33
C ASN B 15 -11.08 -15.99 15.15
N VAL B 16 -11.78 -16.98 14.61
CA VAL B 16 -12.87 -17.60 15.35
C VAL B 16 -12.20 -18.35 16.51
N PHE B 17 -11.06 -18.98 16.24
CA PHE B 17 -10.34 -19.71 17.27
C PHE B 17 -9.88 -18.76 18.39
N ARG B 18 -9.39 -17.58 18.02
CA ARG B 18 -8.95 -16.61 19.03
C ARG B 18 -10.12 -16.22 19.93
N ALA B 19 -11.29 -16.01 19.33
CA ALA B 19 -12.47 -15.65 20.08
C ALA B 19 -12.93 -16.80 20.98
N ALA B 20 -12.82 -18.02 20.47
CA ALA B 20 -13.23 -19.19 21.25
C ALA B 20 -12.40 -19.30 22.54
N LEU B 21 -11.13 -18.91 22.47
CA LEU B 21 -10.25 -18.96 23.63
C LEU B 21 -10.79 -18.09 24.76
N LYS B 22 -11.60 -17.09 24.41
CA LYS B 22 -12.16 -16.19 25.40
C LYS B 22 -13.54 -16.57 25.90
N ASN B 23 -14.06 -17.72 25.45
CA ASN B 23 -15.37 -18.17 25.88
C ASN B 23 -15.26 -19.58 26.47
N PRO B 24 -15.46 -19.73 27.78
CA PRO B 24 -15.39 -21.01 28.48
C PRO B 24 -16.40 -22.06 28.01
N ASP B 25 -17.51 -21.60 27.45
CA ASP B 25 -18.56 -22.52 26.98
C ASP B 25 -18.35 -23.12 25.59
N ILE B 26 -17.24 -22.78 24.94
CA ILE B 26 -16.97 -23.32 23.63
C ILE B 26 -15.53 -23.81 23.57
N GLU B 27 -15.37 -25.07 23.23
CA GLU B 27 -14.07 -25.71 23.16
C GLU B 27 -13.76 -26.22 21.75
N VAL B 28 -12.71 -25.67 21.14
CA VAL B 28 -12.31 -26.10 19.81
C VAL B 28 -11.32 -27.26 20.00
N VAL B 29 -11.74 -28.46 19.62
CA VAL B 29 -10.91 -29.64 19.77
C VAL B 29 -10.23 -30.15 18.50
N ALA B 30 -10.60 -29.60 17.35
CA ALA B 30 -10.00 -30.02 16.09
C ALA B 30 -10.22 -28.99 14.99
N VAL B 31 -9.27 -28.92 14.07
CA VAL B 31 -9.36 -28.00 12.95
C VAL B 31 -8.94 -28.77 11.70
N ASN B 32 -9.44 -28.35 10.55
CA ASN B 32 -9.09 -29.01 9.31
C ASN B 32 -8.71 -27.96 8.27
N ASP B 33 -7.69 -28.25 7.49
CA ASP B 33 -7.24 -27.36 6.44
C ASP B 33 -6.52 -28.19 5.37
N LEU B 34 -5.57 -27.58 4.67
CA LEU B 34 -4.84 -28.28 3.61
C LEU B 34 -3.33 -28.24 3.82
N THR B 35 -2.90 -28.21 5.06
CA THR B 35 -1.48 -28.15 5.33
C THR B 35 -1.14 -28.92 6.61
N ASP B 36 0.06 -28.74 7.14
CA ASP B 36 0.44 -29.43 8.36
C ASP B 36 0.26 -28.57 9.61
N ALA B 37 0.46 -29.19 10.77
CA ALA B 37 0.33 -28.48 12.05
C ALA B 37 1.36 -27.38 12.19
N ASN B 38 2.59 -27.65 11.75
CA ASN B 38 3.66 -26.67 11.84
C ASN B 38 3.21 -25.37 11.18
N THR B 39 2.62 -25.48 10.00
CA THR B 39 2.15 -24.31 9.26
C THR B 39 0.97 -23.62 9.94
N LEU B 40 -0.03 -24.39 10.37
CA LEU B 40 -1.18 -23.79 11.03
C LEU B 40 -0.76 -23.13 12.36
N ALA B 41 0.16 -23.76 13.07
CA ALA B 41 0.63 -23.23 14.35
C ALA B 41 1.33 -21.90 14.15
N HIS B 42 2.13 -21.81 13.09
CA HIS B 42 2.87 -20.58 12.79
C HIS B 42 1.90 -19.45 12.39
N LEU B 43 0.90 -19.77 11.58
CA LEU B 43 -0.09 -18.78 11.15
C LEU B 43 -0.93 -18.32 12.33
N LEU B 44 -1.21 -19.24 13.24
CA LEU B 44 -2.02 -18.93 14.41
C LEU B 44 -1.25 -18.04 15.39
N LYS B 45 0.04 -18.29 15.55
CA LYS B 45 0.84 -17.50 16.47
C LYS B 45 1.13 -16.10 15.96
N TYR B 46 1.53 -15.99 14.70
CA TYR B 46 1.86 -14.71 14.10
C TYR B 46 0.84 -14.24 13.07
N ASP B 47 0.17 -13.14 13.36
CA ASP B 47 -0.85 -12.61 12.47
C ASP B 47 -0.43 -11.23 11.98
N SER B 48 -0.46 -11.03 10.66
CA SER B 48 -0.06 -9.76 10.04
C SER B 48 -1.01 -8.61 10.36
N VAL B 49 -2.24 -8.96 10.71
CA VAL B 49 -3.26 -7.96 11.01
C VAL B 49 -3.58 -7.83 12.50
N HIS B 50 -3.59 -8.95 13.21
CA HIS B 50 -3.94 -8.91 14.63
C HIS B 50 -2.81 -9.15 15.63
N GLY B 51 -1.58 -9.04 15.18
CA GLY B 51 -0.44 -9.23 16.07
C GLY B 51 -0.24 -10.64 16.58
N ARG B 52 0.74 -10.80 17.47
CA ARG B 52 1.06 -12.11 18.02
C ARG B 52 -0.02 -12.60 18.98
N LEU B 53 -0.39 -13.87 18.84
CA LEU B 53 -1.41 -14.46 19.70
C LEU B 53 -0.92 -14.53 21.15
N ASP B 54 -1.72 -14.01 22.06
CA ASP B 54 -1.36 -14.02 23.47
C ASP B 54 -1.72 -15.36 24.09
N ALA B 55 -0.96 -16.39 23.73
CA ALA B 55 -1.18 -17.74 24.23
C ALA B 55 0.00 -18.62 23.82
N GLU B 56 0.18 -19.73 24.52
CA GLU B 56 1.26 -20.65 24.22
C GLU B 56 0.83 -21.56 23.07
N VAL B 57 1.61 -21.55 21.99
CA VAL B 57 1.30 -22.36 20.82
C VAL B 57 2.49 -23.23 20.44
N SER B 58 2.25 -24.53 20.33
CA SER B 58 3.31 -25.46 19.95
C SER B 58 2.71 -26.59 19.13
N VAL B 59 3.54 -27.57 18.81
CA VAL B 59 3.11 -28.73 18.01
C VAL B 59 3.57 -30.04 18.62
N ASN B 60 2.66 -31.00 18.70
CA ASN B 60 2.97 -32.33 19.22
C ASN B 60 2.58 -33.29 18.11
N GLY B 61 3.56 -33.90 17.47
CA GLY B 61 3.27 -34.81 16.38
C GLY B 61 2.76 -33.92 15.27
N ASN B 62 1.54 -34.18 14.78
CA ASN B 62 0.97 -33.33 13.75
C ASN B 62 -0.30 -32.69 14.29
N ASN B 63 -0.30 -32.42 15.59
CA ASN B 63 -1.43 -31.80 16.27
C ASN B 63 -0.95 -30.49 16.88
N LEU B 64 -1.90 -29.60 17.13
CA LEU B 64 -1.60 -28.31 17.74
C LEU B 64 -1.74 -28.43 19.26
N VAL B 65 -1.03 -27.56 19.96
CA VAL B 65 -1.11 -27.53 21.41
C VAL B 65 -1.21 -26.05 21.79
N VAL B 66 -2.35 -25.66 22.33
CA VAL B 66 -2.57 -24.28 22.74
C VAL B 66 -2.92 -24.23 24.22
N ASN B 67 -2.05 -23.58 25.00
CA ASN B 67 -2.26 -23.46 26.43
C ASN B 67 -2.55 -24.83 27.06
N GLY B 68 -1.68 -25.79 26.79
CA GLY B 68 -1.85 -27.13 27.36
C GLY B 68 -2.87 -28.05 26.73
N LYS B 69 -3.77 -27.51 25.91
CA LYS B 69 -4.78 -28.35 25.27
C LYS B 69 -4.36 -28.76 23.87
N GLU B 70 -4.54 -30.03 23.56
CA GLU B 70 -4.17 -30.52 22.24
C GLU B 70 -5.32 -30.39 21.25
N ILE B 71 -5.01 -29.78 20.10
CA ILE B 71 -5.99 -29.57 19.05
C ILE B 71 -5.66 -30.53 17.91
N ILE B 72 -6.59 -31.42 17.58
CA ILE B 72 -6.37 -32.36 16.50
C ILE B 72 -6.30 -31.62 15.17
N VAL B 73 -5.33 -31.99 14.34
CA VAL B 73 -5.21 -31.35 13.03
C VAL B 73 -5.52 -32.37 11.94
N LYS B 74 -6.50 -32.02 11.11
CA LYS B 74 -6.90 -32.87 9.99
C LYS B 74 -6.52 -32.14 8.70
N ALA B 75 -6.47 -32.89 7.59
CA ALA B 75 -6.14 -32.31 6.30
C ALA B 75 -6.90 -33.05 5.19
N GLU B 76 -8.22 -33.00 5.28
CA GLU B 76 -9.11 -33.66 4.31
C GLU B 76 -9.81 -32.61 3.47
N ARG B 77 -9.59 -32.60 2.16
CA ARG B 77 -10.26 -31.60 1.35
C ARG B 77 -11.74 -31.95 1.13
N ASP B 78 -12.11 -33.19 1.41
CA ASP B 78 -13.50 -33.63 1.27
C ASP B 78 -14.09 -33.78 2.68
N PRO B 79 -14.93 -32.83 3.09
CA PRO B 79 -15.57 -32.81 4.42
C PRO B 79 -16.27 -34.10 4.85
N GLU B 80 -16.70 -34.90 3.87
CA GLU B 80 -17.39 -36.15 4.19
C GLU B 80 -16.49 -37.12 4.95
N ASN B 81 -15.18 -36.94 4.81
CA ASN B 81 -14.20 -37.82 5.47
C ASN B 81 -13.65 -37.28 6.79
N LEU B 82 -14.30 -36.25 7.35
CA LEU B 82 -13.81 -35.66 8.60
C LEU B 82 -14.08 -36.42 9.89
N ALA B 83 -15.02 -37.36 9.86
CA ALA B 83 -15.35 -38.16 11.04
C ALA B 83 -15.46 -37.34 12.32
N TRP B 84 -16.22 -36.25 12.27
CA TRP B 84 -16.41 -35.42 13.45
C TRP B 84 -16.99 -36.25 14.60
N GLY B 85 -17.85 -37.21 14.26
CA GLY B 85 -18.47 -38.04 15.26
C GLY B 85 -17.52 -38.82 16.16
N GLU B 86 -16.45 -39.35 15.58
CA GLU B 86 -15.49 -40.14 16.35
C GLU B 86 -14.84 -39.35 17.47
N ILE B 87 -14.75 -38.03 17.33
CA ILE B 87 -14.12 -37.22 18.37
C ILE B 87 -15.09 -36.32 19.13
N GLY B 88 -16.37 -36.67 19.10
CA GLY B 88 -17.37 -35.90 19.82
C GLY B 88 -17.57 -34.44 19.45
N VAL B 89 -17.28 -34.10 18.20
CA VAL B 89 -17.47 -32.72 17.75
C VAL B 89 -18.95 -32.52 17.44
N ASP B 90 -19.60 -31.62 18.16
CA ASP B 90 -21.02 -31.37 17.94
C ASP B 90 -21.33 -30.22 16.98
N ILE B 91 -20.56 -29.15 17.07
CA ILE B 91 -20.77 -27.99 16.20
C ILE B 91 -19.57 -27.76 15.31
N VAL B 92 -19.81 -27.67 14.00
CA VAL B 92 -18.75 -27.43 13.05
C VAL B 92 -18.88 -26.06 12.40
N VAL B 93 -17.79 -25.31 12.43
CA VAL B 93 -17.74 -23.99 11.80
C VAL B 93 -17.17 -24.23 10.40
N GLU B 94 -18.01 -24.03 9.40
CA GLU B 94 -17.61 -24.23 8.01
C GLU B 94 -17.09 -22.90 7.45
N SER B 95 -15.78 -22.73 7.47
CA SER B 95 -15.17 -21.50 7.00
C SER B 95 -14.10 -21.65 5.92
N THR B 96 -14.31 -22.58 4.99
CA THR B 96 -13.33 -22.76 3.91
C THR B 96 -13.68 -21.82 2.76
N GLY B 97 -14.96 -21.47 2.66
CA GLY B 97 -15.43 -20.61 1.60
C GLY B 97 -15.87 -21.43 0.40
N ARG B 98 -15.65 -22.75 0.47
CA ARG B 98 -15.98 -23.65 -0.63
C ARG B 98 -17.27 -24.44 -0.44
N PHE B 99 -17.78 -24.49 0.79
CA PHE B 99 -18.97 -25.29 1.07
C PHE B 99 -20.17 -24.54 1.63
N THR B 100 -20.58 -23.48 0.95
CA THR B 100 -21.72 -22.68 1.40
C THR B 100 -23.07 -23.27 0.97
N LYS B 101 -23.04 -24.20 0.02
CA LYS B 101 -24.25 -24.86 -0.44
C LYS B 101 -24.57 -25.98 0.54
N ARG B 102 -25.86 -26.22 0.80
CA ARG B 102 -26.25 -27.26 1.74
C ARG B 102 -25.68 -28.65 1.44
N GLU B 103 -25.64 -29.03 0.17
CA GLU B 103 -25.13 -30.34 -0.20
C GLU B 103 -23.69 -30.56 0.23
N ASP B 104 -22.94 -29.47 0.38
CA ASP B 104 -21.54 -29.58 0.81
C ASP B 104 -21.45 -29.43 2.33
N ALA B 105 -22.13 -28.43 2.88
CA ALA B 105 -22.10 -28.20 4.32
C ALA B 105 -22.67 -29.37 5.13
N ALA B 106 -23.71 -30.01 4.60
CA ALA B 106 -24.34 -31.13 5.30
C ALA B 106 -23.44 -32.34 5.43
N LYS B 107 -22.34 -32.38 4.67
CA LYS B 107 -21.42 -33.50 4.75
C LYS B 107 -20.83 -33.61 6.16
N HIS B 108 -20.77 -32.47 6.87
CA HIS B 108 -20.25 -32.45 8.23
C HIS B 108 -21.21 -33.22 9.13
N LEU B 109 -22.50 -33.11 8.84
CA LEU B 109 -23.53 -33.80 9.61
C LEU B 109 -23.48 -35.29 9.28
N GLU B 110 -23.28 -35.59 8.01
CA GLU B 110 -23.18 -36.95 7.55
C GLU B 110 -21.99 -37.61 8.26
N ALA B 111 -20.98 -36.81 8.57
CA ALA B 111 -19.77 -37.28 9.23
C ALA B 111 -19.83 -37.32 10.75
N GLY B 112 -21.00 -37.05 11.32
CA GLY B 112 -21.12 -37.10 12.77
C GLY B 112 -21.37 -35.84 13.56
N ALA B 113 -21.33 -34.67 12.92
CA ALA B 113 -21.59 -33.42 13.63
C ALA B 113 -23.10 -33.27 13.82
N LYS B 114 -23.51 -32.41 14.74
CA LYS B 114 -24.93 -32.17 15.00
C LYS B 114 -25.41 -30.87 14.41
N LYS B 115 -24.54 -29.86 14.39
CA LYS B 115 -24.88 -28.55 13.85
C LYS B 115 -23.73 -28.01 13.00
N VAL B 116 -24.08 -27.29 11.94
CA VAL B 116 -23.09 -26.68 11.09
C VAL B 116 -23.36 -25.19 10.96
N ILE B 117 -22.33 -24.38 11.17
CA ILE B 117 -22.47 -22.94 11.03
C ILE B 117 -21.62 -22.50 9.85
N ILE B 118 -22.29 -22.14 8.75
CA ILE B 118 -21.60 -21.67 7.56
C ILE B 118 -21.21 -20.22 7.81
N SER B 119 -19.92 -19.93 7.75
CA SER B 119 -19.43 -18.58 8.00
C SER B 119 -19.63 -17.64 6.81
N ALA B 120 -20.79 -17.70 6.19
CA ALA B 120 -21.06 -16.83 5.04
C ALA B 120 -22.47 -17.04 4.55
N PRO B 121 -22.93 -16.20 3.61
CA PRO B 121 -24.28 -16.36 3.07
C PRO B 121 -24.29 -17.78 2.50
N ALA B 122 -25.42 -18.49 2.61
CA ALA B 122 -25.49 -19.85 2.10
C ALA B 122 -26.62 -20.12 1.12
N LYS B 123 -26.72 -21.38 0.71
CA LYS B 123 -27.75 -21.83 -0.22
C LYS B 123 -28.46 -23.06 0.36
N ASN B 124 -29.78 -22.97 0.45
CA ASN B 124 -30.59 -24.04 0.99
C ASN B 124 -30.28 -24.35 2.45
N GLU B 125 -29.84 -23.33 3.18
CA GLU B 125 -29.54 -23.49 4.60
C GLU B 125 -30.89 -23.53 5.32
N ASP B 126 -30.93 -24.01 6.56
CA ASP B 126 -32.19 -24.09 7.31
C ASP B 126 -32.62 -22.70 7.78
N ILE B 127 -31.63 -21.84 8.02
CA ILE B 127 -31.90 -20.48 8.47
C ILE B 127 -30.64 -19.63 8.51
N THR B 128 -30.79 -18.33 8.24
CA THR B 128 -29.67 -17.41 8.28
C THR B 128 -29.88 -16.52 9.50
N ILE B 129 -28.88 -16.48 10.37
CA ILE B 129 -28.97 -15.70 11.60
C ILE B 129 -27.95 -14.59 11.73
N VAL B 130 -28.40 -13.48 12.29
CA VAL B 130 -27.55 -12.33 12.58
C VAL B 130 -27.82 -12.08 14.06
N MET B 131 -26.81 -12.32 14.91
CA MET B 131 -26.97 -12.13 16.34
C MET B 131 -27.39 -10.71 16.67
N GLY B 132 -28.43 -10.61 17.50
CA GLY B 132 -28.94 -9.31 17.91
C GLY B 132 -30.15 -8.92 17.06
N VAL B 133 -30.39 -9.68 16.00
CA VAL B 133 -31.50 -9.39 15.11
C VAL B 133 -32.57 -10.48 15.03
N ASN B 134 -32.16 -11.74 14.89
CA ASN B 134 -33.14 -12.82 14.78
C ASN B 134 -32.69 -14.19 15.31
N GLN B 135 -31.79 -14.24 16.29
CA GLN B 135 -31.36 -15.53 16.80
C GLN B 135 -32.53 -16.23 17.50
N ASP B 136 -33.55 -15.47 17.85
CA ASP B 136 -34.72 -16.02 18.52
C ASP B 136 -35.52 -16.92 17.57
N LYS B 137 -35.26 -16.80 16.27
CA LYS B 137 -35.97 -17.63 15.29
C LYS B 137 -35.33 -19.01 15.19
N TYR B 138 -34.16 -19.18 15.78
CA TYR B 138 -33.48 -20.48 15.75
C TYR B 138 -34.31 -21.56 16.47
N ASP B 139 -34.51 -22.68 15.78
CA ASP B 139 -35.27 -23.81 16.30
C ASP B 139 -34.33 -25.02 16.35
N PRO B 140 -33.91 -25.44 17.55
CA PRO B 140 -33.00 -26.58 17.67
C PRO B 140 -33.50 -27.85 16.98
N LYS B 141 -34.81 -28.02 16.92
CA LYS B 141 -35.39 -29.21 16.29
C LYS B 141 -35.35 -29.19 14.77
N ALA B 142 -35.62 -28.03 14.18
CA ALA B 142 -35.65 -27.92 12.73
C ALA B 142 -34.40 -27.33 12.07
N HIS B 143 -33.48 -26.79 12.87
CA HIS B 143 -32.29 -26.14 12.32
C HIS B 143 -30.98 -26.86 12.62
N HIS B 144 -30.30 -27.29 11.55
CA HIS B 144 -29.05 -28.02 11.65
C HIS B 144 -27.94 -27.41 10.78
N VAL B 145 -28.33 -26.77 9.69
CA VAL B 145 -27.39 -26.11 8.79
C VAL B 145 -27.72 -24.62 8.88
N ILE B 146 -26.92 -23.90 9.66
CA ILE B 146 -27.14 -22.48 9.89
C ILE B 146 -26.09 -21.56 9.26
N SER B 147 -26.54 -20.44 8.71
CA SER B 147 -25.65 -19.46 8.12
C SER B 147 -25.55 -18.26 9.05
N ASN B 148 -24.35 -17.74 9.24
CA ASN B 148 -24.16 -16.57 10.10
C ASN B 148 -24.08 -15.34 9.18
N ALA B 149 -24.49 -15.51 7.93
CA ALA B 149 -24.47 -14.42 6.94
C ALA B 149 -23.04 -13.94 6.71
N SER B 150 -22.91 -12.75 6.12
CA SER B 150 -21.59 -12.15 5.87
C SER B 150 -21.32 -11.08 6.92
N ALA B 151 -20.09 -10.58 6.94
CA ALA B 151 -19.71 -9.54 7.90
C ALA B 151 -20.46 -8.24 7.60
N THR B 152 -20.69 -7.99 6.31
CA THR B 152 -21.40 -6.79 5.88
C THR B 152 -22.85 -6.78 6.34
N THR B 153 -23.52 -7.93 6.24
CA THR B 153 -24.92 -8.05 6.67
C THR B 153 -24.98 -7.92 8.18
N ASN B 154 -23.96 -8.41 8.87
CA ASN B 154 -23.91 -8.32 10.33
C ASN B 154 -23.68 -6.86 10.75
N CYS B 155 -23.15 -6.06 9.83
CA CYS B 155 -22.90 -4.65 10.12
C CYS B 155 -24.17 -3.83 9.84
N LEU B 156 -24.79 -4.09 8.70
CA LEU B 156 -25.99 -3.38 8.27
C LEU B 156 -27.27 -3.75 9.03
N ALA B 157 -27.58 -5.03 9.09
CA ALA B 157 -28.81 -5.48 9.76
C ALA B 157 -29.08 -4.84 11.14
N PRO B 158 -28.09 -4.84 12.04
CA PRO B 158 -28.34 -4.23 13.35
C PRO B 158 -28.91 -2.81 13.33
N PHE B 159 -28.30 -1.88 12.57
CA PHE B 159 -28.84 -0.53 12.58
C PHE B 159 -30.02 -0.34 11.62
N ALA B 160 -30.15 -1.22 10.63
CA ALA B 160 -31.27 -1.13 9.71
C ALA B 160 -32.51 -1.46 10.55
N LYS B 161 -32.35 -2.37 11.50
CA LYS B 161 -33.43 -2.78 12.39
C LYS B 161 -33.90 -1.58 13.21
N VAL B 162 -32.95 -0.84 13.77
CA VAL B 162 -33.24 0.33 14.58
C VAL B 162 -33.95 1.38 13.72
N LEU B 163 -33.36 1.69 12.57
CA LEU B 163 -33.92 2.67 11.65
C LEU B 163 -35.33 2.32 11.22
N HIS B 164 -35.56 1.06 10.88
CA HIS B 164 -36.89 0.65 10.43
C HIS B 164 -37.91 0.67 11.56
N GLU B 165 -37.52 0.16 12.73
CA GLU B 165 -38.42 0.13 13.87
C GLU B 165 -38.76 1.52 14.38
N GLN B 166 -37.78 2.42 14.40
CA GLN B 166 -38.01 3.77 14.90
C GLN B 166 -38.59 4.76 13.89
N PHE B 167 -38.20 4.66 12.63
CA PHE B 167 -38.66 5.60 11.63
C PHE B 167 -39.31 4.99 10.40
N GLY B 168 -39.01 3.72 10.14
CA GLY B 168 -39.57 3.06 8.99
C GLY B 168 -38.78 3.35 7.73
N ILE B 169 -38.27 2.30 7.11
CA ILE B 169 -37.50 2.45 5.87
C ILE B 169 -38.40 2.21 4.67
N VAL B 170 -38.45 3.15 3.74
CA VAL B 170 -39.25 2.99 2.54
C VAL B 170 -38.39 2.20 1.57
N ARG B 171 -37.15 2.65 1.41
CA ARG B 171 -36.17 2.00 0.54
C ARG B 171 -34.81 2.63 0.79
N GLY B 172 -33.76 1.96 0.34
CA GLY B 172 -32.43 2.49 0.53
C GLY B 172 -31.38 1.72 -0.22
N MET B 173 -30.20 2.33 -0.35
CA MET B 173 -29.09 1.70 -1.05
C MET B 173 -27.82 1.87 -0.24
N MET B 174 -26.98 0.85 -0.27
CA MET B 174 -25.74 0.91 0.50
C MET B 174 -24.52 0.55 -0.33
N THR B 175 -23.37 0.99 0.16
CA THR B 175 -22.11 0.68 -0.45
C THR B 175 -21.19 0.37 0.71
N THR B 176 -20.41 -0.69 0.61
CA THR B 176 -19.47 -0.99 1.66
C THR B 176 -18.06 -0.78 1.11
N VAL B 177 -17.31 0.12 1.74
CA VAL B 177 -15.93 0.37 1.34
C VAL B 177 -15.25 -0.67 2.19
N HIS B 178 -14.85 -1.74 1.52
CA HIS B 178 -14.30 -2.94 2.13
C HIS B 178 -12.81 -3.23 1.89
N SER B 179 -12.15 -3.75 2.92
CA SER B 179 -10.75 -4.13 2.81
C SER B 179 -10.72 -5.33 1.86
N TYR B 180 -9.57 -5.57 1.23
CA TYR B 180 -9.49 -6.71 0.33
C TYR B 180 -9.47 -8.01 1.16
N THR B 181 -9.77 -9.13 0.51
CA THR B 181 -9.79 -10.42 1.20
C THR B 181 -9.09 -11.47 0.35
N ASN B 182 -8.96 -12.68 0.88
CA ASN B 182 -8.29 -13.74 0.15
C ASN B 182 -9.01 -14.23 -1.10
N ASP B 183 -10.19 -13.69 -1.38
CA ASP B 183 -10.91 -14.08 -2.58
C ASP B 183 -10.45 -13.23 -3.76
N GLN B 184 -9.67 -12.20 -3.48
CA GLN B 184 -9.18 -11.31 -4.52
C GLN B 184 -7.85 -11.79 -5.09
N ARG B 185 -7.18 -10.96 -5.88
CA ARG B 185 -5.92 -11.36 -6.48
C ARG B 185 -4.77 -10.38 -6.27
N ILE B 186 -3.56 -10.92 -6.17
CA ILE B 186 -2.36 -10.12 -5.97
C ILE B 186 -2.05 -9.32 -7.22
N LEU B 187 -1.95 -10.01 -8.37
CA LEU B 187 -1.65 -9.34 -9.63
C LEU B 187 -2.45 -9.93 -10.79
N ASP B 188 -3.46 -9.19 -11.25
CA ASP B 188 -4.32 -9.58 -12.35
C ASP B 188 -4.28 -11.06 -12.72
N LEU B 189 -5.10 -11.86 -12.05
CA LEU B 189 -5.20 -13.29 -12.32
C LEU B 189 -6.65 -13.61 -12.69
N PRO B 190 -6.89 -14.75 -13.37
CA PRO B 190 -8.25 -15.12 -13.76
C PRO B 190 -9.16 -15.23 -12.54
N HIS B 191 -10.40 -14.77 -12.67
CA HIS B 191 -11.38 -14.79 -11.59
C HIS B 191 -12.78 -14.64 -12.22
N LYS B 192 -13.77 -15.33 -11.67
CA LYS B 192 -15.13 -15.25 -12.19
C LYS B 192 -15.58 -13.80 -12.27
N ASP B 193 -15.20 -13.02 -11.26
CA ASP B 193 -15.53 -11.60 -11.20
C ASP B 193 -14.33 -10.88 -11.79
N LEU B 194 -14.49 -10.33 -13.00
CA LEU B 194 -13.40 -9.66 -13.70
C LEU B 194 -12.81 -8.44 -12.98
N ARG B 195 -13.50 -7.97 -11.94
CA ARG B 195 -12.99 -6.84 -11.18
C ARG B 195 -12.11 -7.39 -10.05
N ARG B 196 -12.57 -8.46 -9.42
CA ARG B 196 -11.82 -9.09 -8.34
C ARG B 196 -10.55 -9.77 -8.87
N ALA B 197 -10.43 -9.86 -10.18
CA ALA B 197 -9.26 -10.47 -10.81
C ALA B 197 -8.07 -9.51 -10.82
N ARG B 198 -8.34 -8.22 -10.58
CA ARG B 198 -7.32 -7.19 -10.63
C ARG B 198 -6.54 -6.95 -9.32
N ALA B 199 -5.27 -6.56 -9.47
CA ALA B 199 -4.39 -6.31 -8.34
C ALA B 199 -5.13 -5.62 -7.20
N ALA B 200 -5.32 -6.38 -6.12
CA ALA B 200 -6.05 -5.91 -4.95
C ALA B 200 -5.50 -4.70 -4.21
N ALA B 201 -4.18 -4.61 -4.08
CA ALA B 201 -3.60 -3.49 -3.35
C ALA B 201 -3.29 -2.28 -4.22
N GLU B 202 -3.70 -2.31 -5.47
CA GLU B 202 -3.45 -1.22 -6.39
C GLU B 202 -4.64 -0.35 -6.79
N SER B 203 -5.85 -0.85 -6.58
CA SER B 203 -7.02 -0.09 -7.00
C SER B 203 -8.22 -0.13 -6.09
N ILE B 204 -9.19 0.71 -6.43
CA ILE B 204 -10.49 0.78 -5.79
C ILE B 204 -11.21 -0.18 -6.74
N ILE B 205 -11.77 -1.26 -6.20
CA ILE B 205 -12.42 -2.24 -7.05
C ILE B 205 -13.91 -2.46 -6.80
N PRO B 206 -14.76 -1.94 -7.70
CA PRO B 206 -16.21 -2.13 -7.51
C PRO B 206 -16.51 -3.61 -7.66
N THR B 207 -17.37 -4.14 -6.80
CA THR B 207 -17.74 -5.55 -6.85
C THR B 207 -19.09 -5.72 -6.15
N THR B 208 -19.60 -6.95 -6.15
CA THR B 208 -20.89 -7.23 -5.55
C THR B 208 -20.87 -7.43 -4.06
N THR B 209 -22.07 -7.50 -3.50
CA THR B 209 -22.32 -7.74 -2.08
C THR B 209 -23.80 -8.13 -2.04
N GLY B 210 -24.10 -9.23 -1.35
CA GLY B 210 -25.48 -9.66 -1.26
C GLY B 210 -26.09 -9.13 0.03
N ALA B 211 -25.27 -8.45 0.82
CA ALA B 211 -25.67 -7.89 2.10
C ALA B 211 -27.03 -7.21 2.11
N ALA B 212 -27.21 -6.24 1.22
CA ALA B 212 -28.46 -5.49 1.16
C ALA B 212 -29.68 -6.41 1.05
N LYS B 213 -29.68 -7.30 0.07
CA LYS B 213 -30.80 -8.21 -0.11
C LYS B 213 -30.84 -9.27 0.99
N ALA B 214 -29.67 -9.66 1.50
CA ALA B 214 -29.57 -10.67 2.56
C ALA B 214 -30.20 -10.19 3.87
N VAL B 215 -30.23 -8.88 4.07
CA VAL B 215 -30.82 -8.32 5.29
C VAL B 215 -32.26 -8.78 5.43
N ALA B 216 -32.93 -8.98 4.29
CA ALA B 216 -34.31 -9.43 4.27
C ALA B 216 -34.46 -10.80 4.92
N LEU B 217 -33.39 -11.59 4.89
CA LEU B 217 -33.40 -12.91 5.48
C LEU B 217 -33.58 -12.83 7.00
N VAL B 218 -33.00 -11.81 7.61
CA VAL B 218 -33.11 -11.63 9.05
C VAL B 218 -34.15 -10.57 9.44
N LEU B 219 -34.54 -9.76 8.47
CA LEU B 219 -35.54 -8.71 8.69
C LEU B 219 -36.46 -8.73 7.47
N PRO B 220 -37.34 -9.74 7.39
CA PRO B 220 -38.28 -9.92 6.28
C PRO B 220 -39.08 -8.68 5.85
N GLU B 221 -39.35 -7.77 6.78
CA GLU B 221 -40.10 -6.57 6.42
C GLU B 221 -39.33 -5.68 5.45
N LEU B 222 -38.03 -5.87 5.36
CA LEU B 222 -37.21 -5.05 4.45
C LEU B 222 -36.98 -5.74 3.11
N LYS B 223 -37.73 -6.80 2.87
CA LYS B 223 -37.63 -7.56 1.62
C LYS B 223 -37.91 -6.64 0.43
N GLY B 224 -37.03 -6.67 -0.56
CA GLY B 224 -37.20 -5.85 -1.75
C GLY B 224 -36.99 -4.35 -1.57
N LYS B 225 -36.61 -3.92 -0.38
CA LYS B 225 -36.42 -2.50 -0.11
C LYS B 225 -34.98 -1.98 -0.16
N LEU B 226 -34.01 -2.89 -0.14
CA LEU B 226 -32.61 -2.49 -0.14
C LEU B 226 -31.78 -3.15 -1.24
N ASN B 227 -30.69 -2.48 -1.60
CA ASN B 227 -29.77 -3.01 -2.59
C ASN B 227 -28.45 -2.29 -2.38
N GLY B 228 -27.37 -2.83 -2.93
CA GLY B 228 -26.09 -2.19 -2.77
C GLY B 228 -24.94 -2.84 -3.50
N MET B 229 -23.75 -2.33 -3.24
CA MET B 229 -22.55 -2.83 -3.88
C MET B 229 -21.39 -2.67 -2.92
N ALA B 230 -20.21 -3.08 -3.37
CA ALA B 230 -19.02 -2.97 -2.56
C ALA B 230 -17.90 -2.35 -3.37
N MET B 231 -16.95 -1.76 -2.63
CA MET B 231 -15.77 -1.15 -3.22
C MET B 231 -14.62 -1.71 -2.41
N ARG B 232 -13.85 -2.61 -3.01
CA ARG B 232 -12.70 -3.20 -2.33
C ARG B 232 -11.56 -2.21 -2.47
N VAL B 233 -10.91 -1.88 -1.36
CA VAL B 233 -9.81 -0.93 -1.37
C VAL B 233 -8.53 -1.51 -0.75
N PRO B 234 -7.38 -0.87 -0.99
CA PRO B 234 -6.08 -1.32 -0.46
C PRO B 234 -5.80 -1.32 1.05
N THR B 235 -6.72 -1.84 1.84
CA THR B 235 -6.49 -1.97 3.28
C THR B 235 -6.63 -3.46 3.56
N PRO B 236 -5.83 -4.00 4.49
CA PRO B 236 -5.89 -5.43 4.81
C PRO B 236 -7.06 -5.88 5.68
N ASN B 237 -7.66 -4.95 6.43
CA ASN B 237 -8.78 -5.29 7.29
C ASN B 237 -9.53 -4.07 7.79
N VAL B 238 -10.80 -4.30 8.13
CA VAL B 238 -11.73 -3.29 8.61
C VAL B 238 -12.45 -2.70 7.42
N SER B 239 -13.77 -2.62 7.52
CA SER B 239 -14.58 -2.11 6.43
C SER B 239 -15.61 -1.14 6.99
N VAL B 240 -16.41 -0.56 6.11
CA VAL B 240 -17.41 0.40 6.56
C VAL B 240 -18.64 0.42 5.64
N VAL B 241 -19.81 0.41 6.26
CA VAL B 241 -21.06 0.44 5.51
C VAL B 241 -21.58 1.88 5.40
N ASP B 242 -22.03 2.23 4.20
CA ASP B 242 -22.58 3.55 3.90
C ASP B 242 -24.01 3.34 3.42
N LEU B 243 -24.98 3.65 4.27
CA LEU B 243 -26.39 3.49 3.91
C LEU B 243 -27.12 4.80 3.69
N VAL B 244 -27.80 4.92 2.56
CA VAL B 244 -28.61 6.09 2.24
C VAL B 244 -30.03 5.56 2.14
N ALA B 245 -30.89 5.99 3.06
CA ALA B 245 -32.26 5.50 3.06
C ALA B 245 -33.31 6.59 3.13
N GLU B 246 -34.46 6.30 2.53
CA GLU B 246 -35.63 7.17 2.53
C GLU B 246 -36.47 6.67 3.70
N LEU B 247 -36.74 7.53 4.67
CA LEU B 247 -37.52 7.14 5.84
C LEU B 247 -38.99 7.52 5.69
N GLU B 248 -39.85 6.83 6.44
CA GLU B 248 -41.28 7.07 6.40
C GLU B 248 -41.66 8.30 7.24
N LYS B 249 -41.03 8.41 8.41
CA LYS B 249 -41.29 9.54 9.32
C LYS B 249 -40.27 10.65 9.05
N GLU B 250 -40.63 11.89 9.36
CA GLU B 250 -39.69 12.99 9.17
C GLU B 250 -38.77 12.96 10.37
N VAL B 251 -37.48 13.19 10.15
CA VAL B 251 -36.51 13.12 11.23
C VAL B 251 -35.43 14.18 11.11
N THR B 252 -34.62 14.28 12.17
CA THR B 252 -33.50 15.21 12.22
C THR B 252 -32.28 14.34 12.48
N VAL B 253 -31.08 14.88 12.25
CA VAL B 253 -29.86 14.13 12.49
C VAL B 253 -29.79 13.70 13.96
N GLU B 254 -30.13 14.60 14.87
CA GLU B 254 -30.08 14.29 16.30
C GLU B 254 -31.02 13.16 16.69
N GLU B 255 -32.18 13.10 16.05
CA GLU B 255 -33.13 12.04 16.36
C GLU B 255 -32.62 10.68 15.87
N VAL B 256 -32.01 10.67 14.69
CA VAL B 256 -31.47 9.44 14.13
C VAL B 256 -30.31 8.93 15.00
N ASN B 257 -29.39 9.83 15.35
CA ASN B 257 -28.25 9.46 16.18
C ASN B 257 -28.68 9.03 17.59
N ALA B 258 -29.70 9.68 18.14
CA ALA B 258 -30.17 9.31 19.48
C ALA B 258 -30.74 7.88 19.49
N ALA B 259 -31.50 7.53 18.45
CA ALA B 259 -32.08 6.19 18.40
C ALA B 259 -31.00 5.13 18.29
N LEU B 260 -29.98 5.40 17.49
CA LEU B 260 -28.88 4.46 17.30
C LEU B 260 -28.09 4.29 18.60
N LYS B 261 -27.84 5.40 19.29
CA LYS B 261 -27.10 5.36 20.54
C LYS B 261 -27.90 4.60 21.61
N ALA B 262 -29.21 4.83 21.63
CA ALA B 262 -30.08 4.16 22.59
C ALA B 262 -29.99 2.65 22.42
N ALA B 263 -30.09 2.20 21.18
CA ALA B 263 -30.03 0.78 20.87
C ALA B 263 -28.65 0.23 21.21
N ALA B 264 -27.62 1.00 20.89
CA ALA B 264 -26.24 0.61 21.16
C ALA B 264 -25.96 0.40 22.64
N GLU B 265 -26.57 1.22 23.48
CA GLU B 265 -26.36 1.10 24.92
C GLU B 265 -27.44 0.23 25.54
N GLY B 266 -28.45 -0.11 24.75
CA GLY B 266 -29.53 -0.93 25.24
C GLY B 266 -29.51 -2.35 24.69
N GLU B 267 -30.62 -2.74 24.07
CA GLU B 267 -30.80 -4.07 23.50
C GLU B 267 -29.67 -4.62 22.63
N LEU B 268 -29.01 -3.76 21.85
CA LEU B 268 -27.95 -4.21 20.96
C LEU B 268 -26.54 -4.06 21.52
N LYS B 269 -26.43 -3.79 22.82
CA LYS B 269 -25.12 -3.62 23.44
C LYS B 269 -24.25 -4.83 23.13
N GLY B 270 -23.01 -4.59 22.72
CA GLY B 270 -22.12 -5.68 22.38
C GLY B 270 -22.20 -6.03 20.90
N ILE B 271 -23.31 -5.67 20.26
CA ILE B 271 -23.50 -5.93 18.84
C ILE B 271 -23.34 -4.61 18.08
N LEU B 272 -24.11 -3.60 18.50
CA LEU B 272 -24.03 -2.29 17.87
C LEU B 272 -23.36 -1.34 18.84
N ALA B 273 -22.44 -0.53 18.32
CA ALA B 273 -21.73 0.45 19.13
C ALA B 273 -21.98 1.83 18.51
N TYR B 274 -21.69 2.88 19.26
CA TYR B 274 -21.93 4.25 18.80
C TYR B 274 -20.73 5.13 19.13
N SER B 275 -20.17 5.80 18.13
CA SER B 275 -19.02 6.68 18.37
C SER B 275 -19.19 8.09 17.80
N GLU B 276 -18.78 9.07 18.59
CA GLU B 276 -18.86 10.48 18.18
C GLU B 276 -17.48 11.04 17.93
N GLU B 277 -16.49 10.16 17.88
CA GLU B 277 -15.10 10.54 17.64
C GLU B 277 -14.75 10.42 16.16
N PRO B 278 -13.87 11.32 15.68
CA PRO B 278 -13.43 11.34 14.28
C PRO B 278 -12.29 10.34 14.08
N LEU B 279 -12.65 9.06 13.99
CA LEU B 279 -11.65 8.01 13.83
C LEU B 279 -11.49 7.49 12.42
N VAL B 280 -10.52 6.61 12.22
CA VAL B 280 -10.24 6.03 10.91
C VAL B 280 -10.23 4.51 11.03
N SER B 281 -10.18 3.81 9.89
CA SER B 281 -10.23 2.35 9.88
C SER B 281 -9.25 1.64 10.82
N ARG B 282 -7.99 2.06 10.85
CA ARG B 282 -7.02 1.40 11.74
C ARG B 282 -7.50 1.34 13.18
N ASP B 283 -8.19 2.40 13.62
CA ASP B 283 -8.70 2.47 14.98
C ASP B 283 -9.71 1.37 15.32
N TYR B 284 -10.34 0.78 14.30
CA TYR B 284 -11.32 -0.26 14.55
C TYR B 284 -10.77 -1.68 14.42
N ASN B 285 -9.48 -1.79 14.11
CA ASN B 285 -8.88 -3.12 13.99
C ASN B 285 -8.86 -3.72 15.40
N GLY B 286 -9.50 -4.89 15.54
CA GLY B 286 -9.56 -5.54 16.84
C GLY B 286 -10.91 -5.36 17.51
N SER B 287 -11.73 -4.46 16.96
CA SER B 287 -13.07 -4.19 17.49
C SER B 287 -13.90 -5.49 17.40
N THR B 288 -14.55 -5.85 18.51
CA THR B 288 -15.35 -7.08 18.54
C THR B 288 -16.84 -6.94 18.24
N VAL B 289 -17.32 -5.70 18.15
CA VAL B 289 -18.73 -5.50 17.85
C VAL B 289 -18.99 -5.78 16.36
N SER B 290 -20.25 -5.90 15.99
CA SER B 290 -20.60 -6.17 14.60
C SER B 290 -20.81 -4.89 13.81
N SER B 291 -21.01 -3.78 14.52
CA SER B 291 -21.29 -2.51 13.86
C SER B 291 -21.09 -1.32 14.79
N THR B 292 -20.34 -0.31 14.33
CA THR B 292 -20.11 0.89 15.13
C THR B 292 -20.51 2.13 14.32
N ILE B 293 -21.54 2.83 14.78
CA ILE B 293 -22.02 4.03 14.10
C ILE B 293 -21.01 5.18 14.19
N ASP B 294 -20.65 5.74 13.04
CA ASP B 294 -19.75 6.89 13.01
C ASP B 294 -20.74 8.06 13.04
N ALA B 295 -21.17 8.42 14.24
CA ALA B 295 -22.16 9.48 14.45
C ALA B 295 -21.87 10.82 13.78
N LEU B 296 -20.60 11.17 13.65
CA LEU B 296 -20.22 12.44 13.03
C LEU B 296 -20.60 12.49 11.56
N SER B 297 -20.79 11.32 10.95
CA SER B 297 -21.14 11.23 9.53
C SER B 297 -22.64 11.25 9.23
N THR B 298 -23.48 11.04 10.24
CA THR B 298 -24.92 11.03 10.00
C THR B 298 -25.41 12.37 9.43
N MET B 299 -26.20 12.30 8.37
CA MET B 299 -26.75 13.51 7.76
C MET B 299 -28.17 13.25 7.25
N VAL B 300 -28.92 14.33 7.06
CA VAL B 300 -30.29 14.22 6.59
C VAL B 300 -30.67 15.37 5.65
N ILE B 301 -31.50 15.07 4.66
CA ILE B 301 -31.99 16.06 3.71
C ILE B 301 -33.50 15.97 3.65
N ASP B 302 -34.19 17.11 3.78
CA ASP B 302 -35.64 17.14 3.74
C ASP B 302 -36.25 16.30 4.85
N GLY B 303 -35.45 15.97 5.85
CA GLY B 303 -35.93 15.17 6.96
C GLY B 303 -36.42 13.79 6.55
N LYS B 304 -36.22 13.43 5.29
CA LYS B 304 -36.66 12.14 4.77
C LYS B 304 -35.54 11.21 4.30
N MET B 305 -34.46 11.77 3.77
CA MET B 305 -33.36 10.94 3.31
C MET B 305 -32.24 11.04 4.32
N VAL B 306 -31.71 9.89 4.73
CA VAL B 306 -30.65 9.86 5.72
C VAL B 306 -29.47 9.03 5.26
N LYS B 307 -28.28 9.38 5.75
CA LYS B 307 -27.07 8.63 5.46
C LYS B 307 -26.51 8.17 6.80
N VAL B 308 -26.30 6.87 6.93
CA VAL B 308 -25.74 6.31 8.15
C VAL B 308 -24.51 5.53 7.76
N VAL B 309 -23.42 5.79 8.47
CA VAL B 309 -22.13 5.16 8.22
C VAL B 309 -21.71 4.33 9.43
N SER B 310 -21.36 3.07 9.20
CA SER B 310 -20.97 2.20 10.30
C SER B 310 -19.73 1.36 10.04
N TRP B 311 -18.83 1.34 11.02
CA TRP B 311 -17.58 0.60 10.95
C TRP B 311 -17.74 -0.85 11.39
N TYR B 312 -16.85 -1.70 10.89
CA TYR B 312 -16.84 -3.09 11.31
C TYR B 312 -15.55 -3.79 10.95
N ASP B 313 -15.00 -4.50 11.94
CA ASP B 313 -13.79 -5.27 11.72
C ASP B 313 -14.34 -6.56 11.15
N ASN B 314 -14.32 -6.66 9.83
CA ASN B 314 -14.85 -7.83 9.14
C ASN B 314 -14.27 -9.18 9.59
N GLU B 315 -13.13 -9.17 10.28
CA GLU B 315 -12.56 -10.43 10.76
C GLU B 315 -12.91 -10.71 12.21
N THR B 316 -12.53 -9.78 13.10
CA THR B 316 -12.77 -9.92 14.53
C THR B 316 -14.24 -9.90 14.94
N GLY B 317 -14.97 -8.90 14.48
CA GLY B 317 -16.37 -8.79 14.81
C GLY B 317 -17.15 -10.03 14.42
N TYR B 318 -17.07 -10.39 13.13
CA TYR B 318 -17.77 -11.56 12.63
C TYR B 318 -17.36 -12.83 13.36
N SER B 319 -16.05 -13.01 13.57
CA SER B 319 -15.58 -14.20 14.25
C SER B 319 -16.21 -14.29 15.62
N HIS B 320 -16.29 -13.16 16.33
CA HIS B 320 -16.89 -13.14 17.64
C HIS B 320 -18.36 -13.54 17.56
N ARG B 321 -19.05 -13.09 16.52
CA ARG B 321 -20.46 -13.44 16.35
C ARG B 321 -20.62 -14.93 16.09
N VAL B 322 -19.67 -15.53 15.37
CA VAL B 322 -19.73 -16.96 15.08
C VAL B 322 -19.68 -17.73 16.40
N VAL B 323 -18.77 -17.32 17.29
CA VAL B 323 -18.65 -17.97 18.58
C VAL B 323 -19.89 -17.73 19.45
N ASP B 324 -20.42 -16.51 19.41
CA ASP B 324 -21.62 -16.19 20.17
C ASP B 324 -22.77 -17.09 19.70
N LEU B 325 -22.87 -17.26 18.39
CA LEU B 325 -23.92 -18.09 17.82
C LEU B 325 -23.75 -19.54 18.25
N ALA B 326 -22.52 -20.03 18.28
CA ALA B 326 -22.26 -21.41 18.69
C ALA B 326 -22.71 -21.61 20.14
N ALA B 327 -22.33 -20.67 21.01
CA ALA B 327 -22.71 -20.75 22.42
C ALA B 327 -24.23 -20.70 22.54
N TYR B 328 -24.85 -19.84 21.75
CA TYR B 328 -26.30 -19.67 21.77
C TYR B 328 -26.99 -20.96 21.32
N ILE B 329 -26.52 -21.54 20.23
CA ILE B 329 -27.09 -22.77 19.71
C ILE B 329 -26.92 -23.89 20.75
N ALA B 330 -25.74 -23.93 21.37
CA ALA B 330 -25.47 -24.95 22.38
C ALA B 330 -26.43 -24.79 23.56
N SER B 331 -26.70 -23.56 23.96
CA SER B 331 -27.60 -23.30 25.09
C SER B 331 -29.01 -23.83 24.88
N LYS B 332 -29.40 -24.04 23.62
CA LYS B 332 -30.74 -24.53 23.33
C LYS B 332 -30.83 -26.06 23.32
N GLY B 333 -29.69 -26.71 23.57
CA GLY B 333 -29.66 -28.16 23.61
C GLY B 333 -29.29 -28.84 22.31
N LEU B 334 -28.41 -29.84 22.42
CA LEU B 334 -27.94 -30.63 21.28
C LEU B 334 -28.45 -32.06 21.37
N ALA C 1 7.92 -14.74 -37.93
CA ALA C 1 8.71 -15.80 -38.62
C ALA C 1 8.52 -17.14 -37.91
N VAL C 2 9.02 -17.24 -36.68
CA VAL C 2 8.88 -18.49 -35.94
C VAL C 2 7.55 -18.49 -35.17
N LYS C 3 6.83 -19.61 -35.24
CA LYS C 3 5.55 -19.73 -34.57
C LYS C 3 5.79 -20.10 -33.11
N VAL C 4 5.25 -19.29 -32.21
CA VAL C 4 5.42 -19.49 -30.79
C VAL C 4 4.13 -19.74 -30.03
N GLY C 5 4.21 -20.57 -28.99
CA GLY C 5 3.07 -20.85 -28.17
C GLY C 5 3.42 -20.45 -26.75
N ILE C 6 2.45 -19.95 -25.99
CA ILE C 6 2.69 -19.57 -24.61
C ILE C 6 1.84 -20.39 -23.65
N ASN C 7 2.48 -21.10 -22.73
CA ASN C 7 1.77 -21.92 -21.76
C ASN C 7 1.79 -21.19 -20.42
N GLY C 8 0.64 -20.65 -20.03
CA GLY C 8 0.55 -19.90 -18.78
C GLY C 8 0.55 -18.44 -19.17
N PHE C 9 -0.63 -17.94 -19.49
CA PHE C 9 -0.82 -16.56 -19.94
C PHE C 9 -0.99 -15.60 -18.76
N GLY C 10 -0.05 -15.62 -17.82
CA GLY C 10 -0.11 -14.76 -16.65
C GLY C 10 0.71 -13.48 -16.77
N ARG C 11 1.38 -13.09 -15.70
CA ARG C 11 2.18 -11.87 -15.75
C ARG C 11 3.28 -11.96 -16.80
N ILE C 12 4.07 -13.03 -16.78
CA ILE C 12 5.12 -13.17 -17.78
C ILE C 12 4.54 -13.55 -19.13
N GLY C 13 3.59 -14.49 -19.12
CA GLY C 13 2.97 -14.92 -20.35
C GLY C 13 2.42 -13.75 -21.16
N ARG C 14 1.66 -12.87 -20.51
CA ARG C 14 1.08 -11.73 -21.20
C ARG C 14 2.09 -10.65 -21.57
N ASN C 15 3.08 -10.42 -20.70
CA ASN C 15 4.07 -9.39 -21.02
C ASN C 15 5.01 -9.86 -22.11
N VAL C 16 5.15 -11.18 -22.25
CA VAL C 16 5.97 -11.74 -23.31
C VAL C 16 5.19 -11.50 -24.59
N PHE C 17 3.87 -11.67 -24.53
CA PHE C 17 3.02 -11.45 -25.69
C PHE C 17 3.18 -10.00 -26.16
N ARG C 18 3.20 -9.07 -25.21
CA ARG C 18 3.37 -7.65 -25.53
C ARG C 18 4.70 -7.44 -26.25
N ALA C 19 5.76 -8.04 -25.73
CA ALA C 19 7.08 -7.90 -26.32
C ALA C 19 7.09 -8.51 -27.72
N ALA C 20 6.43 -9.66 -27.88
CA ALA C 20 6.37 -10.34 -29.17
C ALA C 20 5.68 -9.48 -30.22
N LEU C 21 4.72 -8.67 -29.78
CA LEU C 21 3.99 -7.80 -30.71
C LEU C 21 4.94 -6.81 -31.38
N LYS C 22 6.06 -6.53 -30.73
CA LYS C 22 7.03 -5.58 -31.25
C LYS C 22 8.20 -6.27 -31.97
N ASN C 23 8.10 -7.58 -32.15
CA ASN C 23 9.16 -8.32 -32.83
C ASN C 23 8.59 -9.06 -34.03
N PRO C 24 8.87 -8.57 -35.24
CA PRO C 24 8.38 -9.18 -36.48
C PRO C 24 8.84 -10.61 -36.69
N ASP C 25 9.93 -11.00 -36.02
CA ASP C 25 10.47 -12.34 -36.17
C ASP C 25 9.79 -13.45 -35.36
N ILE C 26 8.92 -13.08 -34.42
CA ILE C 26 8.25 -14.11 -33.64
C ILE C 26 6.75 -13.87 -33.63
N GLU C 27 5.99 -14.95 -33.86
CA GLU C 27 4.54 -14.84 -33.91
C GLU C 27 3.86 -15.80 -32.95
N VAL C 28 3.13 -15.26 -31.98
CA VAL C 28 2.42 -16.07 -31.01
C VAL C 28 1.12 -16.50 -31.70
N VAL C 29 0.96 -17.79 -31.92
CA VAL C 29 -0.24 -18.30 -32.59
C VAL C 29 -1.24 -18.94 -31.63
N ALA C 30 -0.79 -19.26 -30.43
CA ALA C 30 -1.66 -19.87 -29.44
C ALA C 30 -1.17 -19.66 -28.02
N VAL C 31 -2.12 -19.65 -27.08
CA VAL C 31 -1.80 -19.49 -25.67
C VAL C 31 -2.68 -20.47 -24.89
N ASN C 32 -2.17 -20.94 -23.76
CA ASN C 32 -2.93 -21.88 -22.95
C ASN C 32 -2.98 -21.42 -21.51
N ASP C 33 -4.14 -21.58 -20.89
CA ASP C 33 -4.32 -21.21 -19.49
C ASP C 33 -5.41 -22.07 -18.88
N LEU C 34 -6.04 -21.58 -17.83
CA LEU C 34 -7.09 -22.34 -17.14
C LEU C 34 -8.42 -21.58 -17.14
N THR C 35 -8.65 -20.75 -18.14
CA THR C 35 -9.89 -19.98 -18.19
C THR C 35 -10.35 -19.82 -19.63
N ASP C 36 -11.30 -18.93 -19.89
CA ASP C 36 -11.81 -18.74 -21.24
C ASP C 36 -11.20 -17.55 -21.98
N ALA C 37 -11.52 -17.47 -23.27
CA ALA C 37 -11.02 -16.40 -24.13
C ALA C 37 -11.45 -15.01 -23.67
N ASN C 38 -12.69 -14.89 -23.21
CA ASN C 38 -13.19 -13.60 -22.76
C ASN C 38 -12.36 -13.08 -21.58
N THR C 39 -12.04 -13.97 -20.65
CA THR C 39 -11.25 -13.59 -19.49
C THR C 39 -9.83 -13.19 -19.87
N LEU C 40 -9.18 -14.00 -20.72
CA LEU C 40 -7.82 -13.70 -21.15
C LEU C 40 -7.78 -12.41 -21.97
N ALA C 41 -8.84 -12.14 -22.72
CA ALA C 41 -8.91 -10.93 -23.52
C ALA C 41 -8.96 -9.72 -22.59
N HIS C 42 -9.83 -9.80 -21.59
CA HIS C 42 -9.98 -8.72 -20.62
C HIS C 42 -8.69 -8.45 -19.88
N LEU C 43 -8.00 -9.52 -19.49
CA LEU C 43 -6.74 -9.36 -18.78
C LEU C 43 -5.65 -8.78 -19.67
N LEU C 44 -5.67 -9.13 -20.96
CA LEU C 44 -4.68 -8.64 -21.89
C LEU C 44 -4.86 -7.17 -22.24
N LYS C 45 -6.13 -6.74 -22.26
CA LYS C 45 -6.45 -5.36 -22.62
C LYS C 45 -6.21 -4.36 -21.48
N TYR C 46 -6.57 -4.73 -20.26
CA TYR C 46 -6.43 -3.85 -19.11
C TYR C 46 -5.47 -4.42 -18.07
N ASP C 47 -4.27 -3.85 -18.00
CA ASP C 47 -3.25 -4.29 -17.07
C ASP C 47 -3.10 -3.31 -15.92
N SER C 48 -3.24 -3.79 -14.69
CA SER C 48 -3.13 -2.93 -13.51
C SER C 48 -1.75 -2.31 -13.36
N VAL C 49 -0.76 -2.91 -14.00
CA VAL C 49 0.61 -2.43 -13.90
C VAL C 49 1.14 -1.68 -15.11
N HIS C 50 0.89 -2.21 -16.30
CA HIS C 50 1.41 -1.59 -17.51
C HIS C 50 0.39 -0.84 -18.37
N GLY C 51 -0.75 -0.51 -17.77
CA GLY C 51 -1.77 0.23 -18.48
C GLY C 51 -2.49 -0.52 -19.59
N ARG C 52 -3.36 0.20 -20.26
CA ARG C 52 -4.16 -0.33 -21.36
C ARG C 52 -3.28 -0.76 -22.54
N LEU C 53 -3.54 -1.94 -23.09
CA LEU C 53 -2.75 -2.43 -24.22
C LEU C 53 -3.11 -1.59 -25.45
N ASP C 54 -2.09 -1.08 -26.13
CA ASP C 54 -2.30 -0.27 -27.32
C ASP C 54 -2.42 -1.17 -28.54
N ALA C 55 -3.56 -1.85 -28.66
CA ALA C 55 -3.83 -2.75 -29.77
C ALA C 55 -5.29 -3.18 -29.71
N GLU C 56 -5.84 -3.57 -30.85
CA GLU C 56 -7.23 -4.02 -30.89
C GLU C 56 -7.33 -5.43 -30.36
N VAL C 57 -8.15 -5.59 -29.33
CA VAL C 57 -8.34 -6.90 -28.71
C VAL C 57 -9.82 -7.26 -28.68
N SER C 58 -10.14 -8.44 -29.20
CA SER C 58 -11.52 -8.90 -29.23
C SER C 58 -11.51 -10.41 -29.13
N VAL C 59 -12.71 -11.00 -29.09
CA VAL C 59 -12.84 -12.44 -28.99
C VAL C 59 -13.65 -12.97 -30.16
N ASN C 60 -13.23 -14.12 -30.69
CA ASN C 60 -13.92 -14.76 -31.79
C ASN C 60 -13.97 -16.25 -31.50
N GLY C 61 -15.14 -16.70 -31.05
CA GLY C 61 -15.29 -18.11 -30.70
C GLY C 61 -14.53 -18.36 -29.42
N ASN C 62 -13.64 -19.35 -29.43
CA ASN C 62 -12.84 -19.67 -28.27
C ASN C 62 -11.42 -19.18 -28.52
N ASN C 63 -11.31 -18.15 -29.38
CA ASN C 63 -10.01 -17.60 -29.72
C ASN C 63 -9.93 -16.09 -29.49
N LEU C 64 -8.70 -15.60 -29.41
CA LEU C 64 -8.45 -14.18 -29.20
C LEU C 64 -8.15 -13.56 -30.55
N VAL C 65 -8.37 -12.26 -30.65
CA VAL C 65 -8.09 -11.54 -31.88
C VAL C 65 -7.37 -10.25 -31.54
N VAL C 66 -6.10 -10.16 -31.96
CA VAL C 66 -5.30 -8.97 -31.69
C VAL C 66 -4.86 -8.38 -33.02
N ASN C 67 -5.26 -7.13 -33.25
CA ASN C 67 -4.94 -6.44 -34.50
C ASN C 67 -5.16 -7.33 -35.71
N GLY C 68 -6.36 -7.91 -35.81
CA GLY C 68 -6.68 -8.75 -36.94
C GLY C 68 -6.12 -10.16 -36.90
N LYS C 69 -5.10 -10.40 -36.08
CA LYS C 69 -4.50 -11.72 -35.98
C LYS C 69 -5.29 -12.57 -34.99
N GLU C 70 -5.56 -13.82 -35.33
CA GLU C 70 -6.31 -14.69 -34.44
C GLU C 70 -5.36 -15.57 -33.63
N ILE C 71 -5.53 -15.54 -32.31
CA ILE C 71 -4.70 -16.31 -31.40
C ILE C 71 -5.52 -17.46 -30.81
N ILE C 72 -5.09 -18.69 -31.05
CA ILE C 72 -5.82 -19.85 -30.50
C ILE C 72 -5.71 -19.88 -28.98
N VAL C 73 -6.83 -20.17 -28.32
CA VAL C 73 -6.86 -20.25 -26.86
C VAL C 73 -7.17 -21.67 -26.40
N LYS C 74 -6.32 -22.20 -25.53
CA LYS C 74 -6.50 -23.54 -25.01
C LYS C 74 -6.67 -23.47 -23.50
N ALA C 75 -7.23 -24.53 -22.93
CA ALA C 75 -7.44 -24.63 -21.50
C ALA C 75 -7.11 -26.06 -21.06
N GLU C 76 -5.87 -26.47 -21.28
CA GLU C 76 -5.42 -27.81 -20.93
C GLU C 76 -4.45 -27.76 -19.76
N ARG C 77 -4.86 -28.28 -18.62
CA ARG C 77 -4.02 -28.29 -17.43
C ARG C 77 -2.77 -29.15 -17.63
N ASP C 78 -2.91 -30.21 -18.43
CA ASP C 78 -1.79 -31.10 -18.71
C ASP C 78 -1.20 -30.74 -20.07
N PRO C 79 0.01 -30.18 -20.08
CA PRO C 79 0.74 -29.76 -21.28
C PRO C 79 0.84 -30.81 -22.38
N GLU C 80 0.73 -32.07 -22.01
CA GLU C 80 0.83 -33.16 -22.98
C GLU C 80 -0.31 -33.20 -23.99
N ASN C 81 -1.41 -32.50 -23.68
CA ASN C 81 -2.57 -32.47 -24.56
C ASN C 81 -2.66 -31.17 -25.35
N LEU C 82 -1.56 -30.41 -25.39
CA LEU C 82 -1.60 -29.13 -26.09
C LEU C 82 -1.57 -29.21 -27.61
N ALA C 83 -1.09 -30.33 -28.15
CA ALA C 83 -1.05 -30.52 -29.60
C ALA C 83 -0.37 -29.36 -30.34
N TRP C 84 0.80 -28.95 -29.85
CA TRP C 84 1.54 -27.86 -30.48
C TRP C 84 1.90 -28.22 -31.93
N GLY C 85 2.30 -29.46 -32.14
CA GLY C 85 2.67 -29.89 -33.47
C GLY C 85 1.61 -29.63 -34.53
N GLU C 86 0.37 -30.00 -34.22
CA GLU C 86 -0.74 -29.84 -35.15
C GLU C 86 -0.94 -28.42 -35.66
N ILE C 87 -0.54 -27.42 -34.89
CA ILE C 87 -0.71 -26.03 -35.33
C ILE C 87 0.60 -25.35 -35.68
N GLY C 88 1.63 -26.15 -35.90
CA GLY C 88 2.93 -25.63 -36.28
C GLY C 88 3.69 -24.79 -35.26
N VAL C 89 3.46 -25.03 -33.98
CA VAL C 89 4.19 -24.27 -32.97
C VAL C 89 5.53 -24.96 -32.72
N ASP C 90 6.62 -24.23 -32.97
CA ASP C 90 7.96 -24.80 -32.77
C ASP C 90 8.59 -24.46 -31.44
N ILE C 91 8.31 -23.27 -30.92
CA ILE C 91 8.87 -22.87 -29.64
C ILE C 91 7.78 -22.54 -28.61
N VAL C 92 7.84 -23.21 -27.47
CA VAL C 92 6.86 -22.98 -26.42
C VAL C 92 7.45 -22.29 -25.20
N VAL C 93 6.84 -21.18 -24.81
CA VAL C 93 7.26 -20.43 -23.63
C VAL C 93 6.49 -21.03 -22.45
N GLU C 94 7.20 -21.74 -21.59
CA GLU C 94 6.61 -22.36 -20.42
C GLU C 94 6.62 -21.37 -19.24
N SER C 95 5.50 -20.69 -19.04
CA SER C 95 5.40 -19.70 -17.98
C SER C 95 4.21 -19.89 -17.03
N THR C 96 3.90 -21.13 -16.67
CA THR C 96 2.80 -21.40 -15.74
C THR C 96 3.37 -21.37 -14.33
N GLY C 97 4.63 -21.75 -14.22
CA GLY C 97 5.29 -21.81 -12.94
C GLY C 97 5.21 -23.20 -12.35
N ARG C 98 4.43 -24.06 -13.00
CA ARG C 98 4.23 -25.42 -12.51
C ARG C 98 5.05 -26.50 -13.21
N PHE C 99 5.75 -26.15 -14.29
CA PHE C 99 6.51 -27.16 -15.00
C PHE C 99 7.97 -26.79 -15.22
N THR C 100 8.69 -26.48 -14.14
CA THR C 100 10.09 -26.12 -14.24
C THR C 100 11.04 -27.32 -14.26
N LYS C 101 10.51 -28.51 -13.96
CA LYS C 101 11.31 -29.74 -13.99
C LYS C 101 11.33 -30.15 -15.46
N ARG C 102 12.46 -30.67 -15.93
CA ARG C 102 12.56 -31.06 -17.33
C ARG C 102 11.51 -32.06 -17.79
N GLU C 103 11.28 -33.10 -16.99
CA GLU C 103 10.31 -34.12 -17.34
C GLU C 103 8.93 -33.51 -17.63
N ASP C 104 8.61 -32.44 -16.91
CA ASP C 104 7.32 -31.77 -17.11
C ASP C 104 7.35 -30.86 -18.32
N ALA C 105 8.39 -30.04 -18.43
CA ALA C 105 8.50 -29.12 -19.56
C ALA C 105 8.63 -29.91 -20.86
N ALA C 106 9.26 -31.08 -20.78
CA ALA C 106 9.46 -31.94 -21.95
C ALA C 106 8.15 -32.40 -22.56
N LYS C 107 7.06 -32.31 -21.78
CA LYS C 107 5.76 -32.72 -22.29
C LYS C 107 5.34 -31.88 -23.49
N HIS C 108 5.90 -30.67 -23.60
CA HIS C 108 5.58 -29.81 -24.74
C HIS C 108 6.21 -30.40 -26.00
N LEU C 109 7.36 -31.05 -25.83
CA LEU C 109 8.06 -31.66 -26.94
C LEU C 109 7.27 -32.88 -27.43
N GLU C 110 6.76 -33.65 -26.48
CA GLU C 110 5.97 -34.84 -26.81
C GLU C 110 4.69 -34.39 -27.53
N ALA C 111 4.29 -33.15 -27.27
CA ALA C 111 3.08 -32.59 -27.86
C ALA C 111 3.33 -31.96 -29.23
N GLY C 112 4.57 -32.06 -29.73
CA GLY C 112 4.85 -31.51 -31.04
C GLY C 112 5.71 -30.27 -31.15
N ALA C 113 6.07 -29.67 -30.03
CA ALA C 113 6.93 -28.49 -30.05
C ALA C 113 8.37 -28.95 -30.23
N LYS C 114 9.23 -28.08 -30.73
CA LYS C 114 10.63 -28.43 -30.93
C LYS C 114 11.53 -27.88 -29.84
N LYS C 115 11.16 -26.74 -29.26
CA LYS C 115 11.95 -26.11 -28.20
C LYS C 115 11.05 -25.57 -27.11
N VAL C 116 11.55 -25.61 -25.88
CA VAL C 116 10.80 -25.10 -24.74
C VAL C 116 11.66 -24.16 -23.94
N ILE C 117 11.14 -22.96 -23.70
CA ILE C 117 11.86 -21.98 -22.91
C ILE C 117 11.13 -21.87 -21.58
N ILE C 118 11.75 -22.37 -20.52
CA ILE C 118 11.16 -22.28 -19.20
C ILE C 118 11.48 -20.87 -18.71
N SER C 119 10.44 -20.11 -18.39
CA SER C 119 10.62 -18.73 -17.94
C SER C 119 11.01 -18.65 -16.48
N ALA C 120 11.97 -19.46 -16.06
CA ALA C 120 12.38 -19.44 -14.67
C ALA C 120 13.51 -20.43 -14.42
N PRO C 121 14.13 -20.38 -13.22
CA PRO C 121 15.19 -21.33 -12.95
C PRO C 121 14.56 -22.70 -13.15
N ALA C 122 15.33 -23.68 -13.58
CA ALA C 122 14.77 -25.00 -13.82
C ALA C 122 15.52 -26.12 -13.14
N LYS C 123 15.05 -27.34 -13.37
CA LYS C 123 15.67 -28.53 -12.81
C LYS C 123 15.95 -29.48 -13.97
N ASN C 124 17.22 -29.81 -14.18
CA ASN C 124 17.63 -30.70 -15.25
C ASN C 124 17.41 -30.14 -16.65
N GLU C 125 17.43 -28.83 -16.78
CA GLU C 125 17.26 -28.20 -18.09
C GLU C 125 18.50 -28.54 -18.91
N ASP C 126 18.39 -28.56 -20.24
CA ASP C 126 19.56 -28.88 -21.05
C ASP C 126 20.60 -27.77 -20.93
N ILE C 127 20.13 -26.55 -20.69
CA ILE C 127 21.02 -25.41 -20.51
C ILE C 127 20.25 -24.19 -20.02
N THR C 128 20.93 -23.35 -19.24
CA THR C 128 20.34 -22.13 -18.70
C THR C 128 21.03 -20.96 -19.38
N ILE C 129 20.24 -20.04 -19.91
CA ILE C 129 20.81 -18.91 -20.63
C ILE C 129 20.37 -17.52 -20.16
N VAL C 130 21.33 -16.60 -20.19
CA VAL C 130 21.10 -15.20 -19.86
C VAL C 130 21.60 -14.43 -21.07
N MET C 131 20.68 -13.87 -21.85
CA MET C 131 21.07 -13.11 -23.03
C MET C 131 22.07 -12.02 -22.66
N GLY C 132 23.15 -11.95 -23.44
CA GLY C 132 24.17 -10.96 -23.19
C GLY C 132 25.32 -11.55 -22.39
N VAL C 133 25.11 -12.74 -21.83
CA VAL C 133 26.14 -13.38 -21.04
C VAL C 133 26.64 -14.71 -21.59
N ASN C 134 25.73 -15.59 -22.02
CA ASN C 134 26.15 -16.88 -22.54
C ASN C 134 25.26 -17.54 -23.59
N GLN C 135 24.59 -16.76 -24.42
CA GLN C 135 23.72 -17.36 -25.44
C GLN C 135 24.57 -18.15 -26.43
N ASP C 136 25.85 -17.80 -26.52
CA ASP C 136 26.80 -18.47 -27.40
C ASP C 136 26.97 -19.94 -27.01
N LYS C 137 26.57 -20.28 -25.79
CA LYS C 137 26.69 -21.66 -25.31
C LYS C 137 25.53 -22.53 -25.77
N TYR C 138 24.51 -21.92 -26.35
CA TYR C 138 23.36 -22.67 -26.82
C TYR C 138 23.74 -23.55 -28.01
N ASP C 139 23.42 -24.84 -27.91
CA ASP C 139 23.70 -25.81 -28.98
C ASP C 139 22.38 -26.34 -29.52
N PRO C 140 22.02 -25.94 -30.75
CA PRO C 140 20.77 -26.37 -31.39
C PRO C 140 20.54 -27.88 -31.48
N LYS C 141 21.61 -28.67 -31.50
CA LYS C 141 21.45 -30.11 -31.59
C LYS C 141 21.28 -30.82 -30.25
N ALA C 142 21.75 -30.19 -29.19
CA ALA C 142 21.66 -30.81 -27.86
C ALA C 142 20.76 -30.09 -26.85
N HIS C 143 20.31 -28.89 -27.18
CA HIS C 143 19.48 -28.13 -26.25
C HIS C 143 18.04 -27.97 -26.72
N HIS C 144 17.13 -28.67 -26.06
CA HIS C 144 15.71 -28.64 -26.41
C HIS C 144 14.85 -28.01 -25.31
N VAL C 145 15.27 -28.20 -24.06
CA VAL C 145 14.56 -27.62 -22.92
C VAL C 145 15.55 -26.62 -22.31
N ILE C 146 15.33 -25.34 -22.60
CA ILE C 146 16.19 -24.26 -22.13
C ILE C 146 15.55 -23.36 -21.07
N SER C 147 16.34 -22.95 -20.09
CA SER C 147 15.85 -22.06 -19.05
C SER C 147 16.40 -20.66 -19.32
N ASN C 148 15.57 -19.65 -19.09
CA ASN C 148 16.00 -18.27 -19.30
C ASN C 148 16.30 -17.67 -17.93
N ALA C 149 16.47 -18.55 -16.95
CA ALA C 149 16.79 -18.15 -15.57
C ALA C 149 15.67 -17.29 -14.98
N SER C 150 16.03 -16.54 -13.93
CA SER C 150 15.07 -15.65 -13.28
C SER C 150 15.37 -14.21 -13.65
N ALA C 151 14.46 -13.30 -13.33
CA ALA C 151 14.67 -11.90 -13.64
C ALA C 151 15.85 -11.37 -12.81
N THR C 152 15.93 -11.81 -11.55
CA THR C 152 17.02 -11.38 -10.69
C THR C 152 18.37 -11.79 -11.27
N THR C 153 18.49 -13.03 -11.72
CA THR C 153 19.73 -13.50 -12.30
C THR C 153 20.03 -12.71 -13.58
N ASN C 154 19.00 -12.40 -14.36
CA ASN C 154 19.21 -11.62 -15.57
C ASN C 154 19.68 -10.22 -15.24
N CYS C 155 19.36 -9.74 -14.05
CA CYS C 155 19.79 -8.42 -13.63
C CYS C 155 21.23 -8.44 -13.12
N LEU C 156 21.54 -9.42 -12.28
CA LEU C 156 22.87 -9.55 -11.68
C LEU C 156 23.99 -10.00 -12.60
N ALA C 157 23.78 -11.11 -13.31
CA ALA C 157 24.80 -11.67 -14.18
C ALA C 157 25.52 -10.65 -15.08
N PRO C 158 24.76 -9.79 -15.79
CA PRO C 158 25.42 -8.81 -16.66
C PRO C 158 26.46 -7.91 -15.98
N PHE C 159 26.18 -7.36 -14.81
CA PHE C 159 27.21 -6.53 -14.22
C PHE C 159 28.20 -7.31 -13.38
N ALA C 160 27.82 -8.51 -12.94
CA ALA C 160 28.74 -9.36 -12.18
C ALA C 160 29.84 -9.75 -13.17
N LYS C 161 29.43 -9.91 -14.43
CA LYS C 161 30.34 -10.27 -15.51
C LYS C 161 31.37 -9.14 -15.71
N VAL C 162 30.89 -7.90 -15.71
CA VAL C 162 31.77 -6.75 -15.90
C VAL C 162 32.74 -6.61 -14.73
N LEU C 163 32.22 -6.66 -13.51
CA LEU C 163 33.06 -6.55 -12.32
C LEU C 163 34.12 -7.65 -12.24
N HIS C 164 33.73 -8.88 -12.53
CA HIS C 164 34.69 -9.99 -12.49
C HIS C 164 35.78 -9.86 -13.53
N GLU C 165 35.39 -9.48 -14.74
CA GLU C 165 36.34 -9.32 -15.86
C GLU C 165 37.30 -8.15 -15.67
N GLN C 166 36.78 -7.04 -15.16
CA GLN C 166 37.60 -5.85 -14.94
C GLN C 166 38.41 -5.87 -13.66
N PHE C 167 37.81 -6.33 -12.57
CA PHE C 167 38.49 -6.30 -11.27
C PHE C 167 38.66 -7.65 -10.58
N GLY C 168 37.91 -8.65 -11.02
CA GLY C 168 38.01 -9.96 -10.40
C GLY C 168 37.26 -10.03 -9.09
N ILE C 169 36.20 -10.83 -9.06
CA ILE C 169 35.40 -10.99 -7.85
C ILE C 169 35.91 -12.16 -7.02
N VAL C 170 36.30 -11.87 -5.78
CA VAL C 170 36.77 -12.92 -4.88
C VAL C 170 35.52 -13.63 -4.36
N ARG C 171 34.60 -12.85 -3.79
CA ARG C 171 33.33 -13.37 -3.28
C ARG C 171 32.35 -12.24 -3.07
N GLY C 172 31.06 -12.57 -3.08
CA GLY C 172 30.06 -11.53 -2.90
C GLY C 172 28.71 -12.02 -2.43
N MET C 173 27.95 -11.08 -1.86
CA MET C 173 26.61 -11.32 -1.33
C MET C 173 25.66 -10.32 -1.97
N MET C 174 24.44 -10.76 -2.25
CA MET C 174 23.46 -9.86 -2.82
C MET C 174 22.11 -10.02 -2.15
N THR C 175 21.32 -8.95 -2.23
CA THR C 175 19.98 -8.94 -1.70
C THR C 175 19.17 -8.23 -2.77
N THR C 176 18.01 -8.77 -3.11
CA THR C 176 17.17 -8.10 -4.08
C THR C 176 15.90 -7.62 -3.38
N VAL C 177 15.70 -6.31 -3.36
CA VAL C 177 14.49 -5.74 -2.77
C VAL C 177 13.56 -5.89 -3.95
N HIS C 178 12.70 -6.89 -3.85
CA HIS C 178 11.80 -7.31 -4.90
C HIS C 178 10.31 -7.03 -4.66
N SER C 179 9.61 -6.58 -5.69
CA SER C 179 8.19 -6.31 -5.57
C SER C 179 7.50 -7.66 -5.39
N TYR C 180 6.29 -7.67 -4.84
CA TYR C 180 5.60 -8.93 -4.64
C TYR C 180 5.14 -9.53 -5.97
N THR C 181 4.90 -10.84 -5.97
CA THR C 181 4.47 -11.53 -7.18
C THR C 181 3.28 -12.43 -6.84
N ASN C 182 2.74 -13.12 -7.85
CA ASN C 182 1.60 -13.99 -7.61
C ASN C 182 1.90 -15.29 -6.85
N ASP C 183 3.16 -15.49 -6.48
CA ASP C 183 3.52 -16.68 -5.73
C ASP C 183 3.34 -16.41 -4.23
N GLN C 184 3.03 -15.16 -3.89
CA GLN C 184 2.84 -14.79 -2.50
C GLN C 184 1.36 -14.88 -2.12
N ARG C 185 0.97 -14.29 -0.99
CA ARG C 185 -0.42 -14.36 -0.54
C ARG C 185 -0.97 -13.00 -0.15
N ILE C 186 -2.27 -12.80 -0.37
CA ILE C 186 -2.93 -11.54 -0.03
C ILE C 186 -2.98 -11.36 1.48
N LEU C 187 -3.44 -12.39 2.18
CA LEU C 187 -3.55 -12.36 3.65
C LEU C 187 -3.19 -13.72 4.26
N ASP C 188 -2.12 -13.74 5.05
CA ASP C 188 -1.64 -14.96 5.72
C ASP C 188 -2.37 -16.24 5.34
N LEU C 189 -1.81 -16.96 4.37
CA LEU C 189 -2.39 -18.22 3.88
C LEU C 189 -1.29 -19.27 3.82
N PRO C 190 -1.67 -20.55 3.89
CA PRO C 190 -0.66 -21.61 3.83
C PRO C 190 0.25 -21.47 2.61
N HIS C 191 1.54 -21.75 2.80
CA HIS C 191 2.53 -21.66 1.73
C HIS C 191 3.73 -22.47 2.21
N LYS C 192 4.39 -23.17 1.29
CA LYS C 192 5.56 -23.98 1.64
C LYS C 192 6.62 -23.09 2.29
N ASP C 193 6.64 -21.82 1.88
CA ASP C 193 7.58 -20.85 2.42
C ASP C 193 6.77 -20.04 3.44
N LEU C 194 7.05 -20.24 4.72
CA LEU C 194 6.32 -19.55 5.77
C LEU C 194 6.41 -18.03 5.73
N ARG C 195 7.39 -17.49 5.01
CA ARG C 195 7.53 -16.04 4.89
C ARG C 195 6.56 -15.57 3.80
N ARG C 196 6.53 -16.29 2.69
CA ARG C 196 5.68 -15.95 1.56
C ARG C 196 4.19 -16.15 1.85
N ALA C 197 3.93 -16.79 2.99
CA ALA C 197 2.56 -17.05 3.41
C ALA C 197 1.92 -15.80 4.00
N ARG C 198 2.74 -14.82 4.37
CA ARG C 198 2.25 -13.59 5.00
C ARG C 198 1.79 -12.47 4.05
N ALA C 199 0.76 -11.73 4.47
CA ALA C 199 0.19 -10.63 3.69
C ALA C 199 1.29 -9.86 2.96
N ALA C 200 1.35 -10.06 1.64
CA ALA C 200 2.36 -9.44 0.79
C ALA C 200 2.43 -7.91 0.75
N ALA C 201 1.29 -7.23 0.85
CA ALA C 201 1.31 -5.77 0.81
C ALA C 201 1.45 -5.13 2.18
N GLU C 202 1.64 -5.95 3.21
CA GLU C 202 1.76 -5.44 4.57
C GLU C 202 3.17 -5.44 5.17
N SER C 203 4.08 -6.23 4.61
CA SER C 203 5.41 -6.31 5.19
C SER C 203 6.60 -6.40 4.26
N ILE C 204 7.77 -6.31 4.89
CA ILE C 204 9.05 -6.48 4.22
C ILE C 204 9.18 -7.97 4.54
N ILE C 205 9.30 -8.80 3.50
CA ILE C 205 9.36 -10.23 3.72
C ILE C 205 10.63 -10.92 3.20
N PRO C 206 11.51 -11.34 4.11
CA PRO C 206 12.75 -12.01 3.72
C PRO C 206 12.38 -13.36 3.12
N THR C 207 13.04 -13.73 2.03
CA THR C 207 12.79 -15.00 1.40
C THR C 207 14.04 -15.39 0.61
N THR C 208 14.22 -16.67 0.37
CA THR C 208 15.41 -17.12 -0.35
C THR C 208 15.33 -16.86 -1.84
N THR C 209 16.48 -16.98 -2.51
CA THR C 209 16.58 -16.79 -3.95
C THR C 209 17.82 -17.52 -4.42
N GLY C 210 17.72 -18.21 -5.55
CA GLY C 210 18.86 -18.95 -6.07
C GLY C 210 19.63 -18.16 -7.11
N ALA C 211 19.24 -16.89 -7.29
CA ALA C 211 19.86 -16.02 -8.28
C ALA C 211 21.38 -15.95 -8.16
N ALA C 212 21.88 -15.70 -6.95
CA ALA C 212 23.31 -15.61 -6.73
C ALA C 212 24.03 -16.87 -7.21
N LYS C 213 23.58 -18.03 -6.74
CA LYS C 213 24.22 -19.28 -7.15
C LYS C 213 23.95 -19.60 -8.61
N ALA C 214 22.80 -19.18 -9.11
CA ALA C 214 22.43 -19.43 -10.51
C ALA C 214 23.38 -18.73 -11.47
N VAL C 215 23.95 -17.60 -11.04
CA VAL C 215 24.88 -16.85 -11.88
C VAL C 215 26.00 -17.78 -12.34
N ALA C 216 26.32 -18.77 -11.51
CA ALA C 216 27.38 -19.74 -11.81
C ALA C 216 27.07 -20.55 -13.05
N LEU C 217 25.78 -20.70 -13.35
CA LEU C 217 25.36 -21.45 -14.52
C LEU C 217 25.67 -20.71 -15.81
N VAL C 218 25.68 -19.37 -15.75
CA VAL C 218 25.97 -18.58 -16.94
C VAL C 218 27.38 -18.00 -16.90
N LEU C 219 27.97 -17.97 -15.72
CA LEU C 219 29.34 -17.47 -15.52
C LEU C 219 30.04 -18.46 -14.59
N PRO C 220 30.46 -19.62 -15.14
CA PRO C 220 31.15 -20.69 -14.42
C PRO C 220 32.27 -20.27 -13.48
N GLU C 221 33.02 -19.23 -13.85
CA GLU C 221 34.11 -18.76 -13.02
C GLU C 221 33.61 -18.24 -11.67
N LEU C 222 32.32 -17.92 -11.60
CA LEU C 222 31.75 -17.40 -10.36
C LEU C 222 31.18 -18.49 -9.46
N LYS C 223 31.37 -19.75 -9.85
CA LYS C 223 30.88 -20.87 -9.07
C LYS C 223 31.40 -20.81 -7.63
N GLY C 224 30.47 -20.93 -6.67
CA GLY C 224 30.84 -20.91 -5.27
C GLY C 224 31.30 -19.57 -4.71
N LYS C 225 31.23 -18.52 -5.51
CA LYS C 225 31.69 -17.21 -5.05
C LYS C 225 30.58 -16.22 -4.71
N LEU C 226 29.35 -16.56 -5.04
CA LEU C 226 28.22 -15.67 -4.77
C LEU C 226 27.08 -16.35 -4.02
N ASN C 227 26.37 -15.56 -3.23
CA ASN C 227 25.22 -16.03 -2.48
C ASN C 227 24.34 -14.82 -2.20
N GLY C 228 23.09 -15.05 -1.84
CA GLY C 228 22.22 -13.93 -1.56
C GLY C 228 20.83 -14.30 -1.12
N MET C 229 19.98 -13.29 -0.98
CA MET C 229 18.60 -13.50 -0.55
C MET C 229 17.71 -12.45 -1.20
N ALA C 230 16.44 -12.47 -0.83
CA ALA C 230 15.48 -11.52 -1.35
C ALA C 230 14.67 -10.92 -0.21
N MET C 231 14.09 -9.77 -0.49
CA MET C 231 13.23 -9.11 0.46
C MET C 231 12.05 -8.58 -0.34
N ARG C 232 10.92 -9.26 -0.22
CA ARG C 232 9.71 -8.88 -0.91
C ARG C 232 9.07 -7.71 -0.17
N VAL C 233 8.70 -6.67 -0.92
CA VAL C 233 8.10 -5.49 -0.33
C VAL C 233 6.81 -5.10 -1.03
N PRO C 234 5.98 -4.27 -0.37
CA PRO C 234 4.68 -3.81 -0.89
C PRO C 234 4.64 -2.95 -2.15
N THR C 235 5.26 -3.42 -3.23
CA THR C 235 5.21 -2.71 -4.50
C THR C 235 4.78 -3.78 -5.52
N PRO C 236 3.98 -3.39 -6.53
CA PRO C 236 3.49 -4.31 -7.55
C PRO C 236 4.46 -4.78 -8.62
N ASN C 237 5.45 -3.95 -8.94
CA ASN C 237 6.41 -4.33 -9.97
C ASN C 237 7.66 -3.46 -9.91
N VAL C 238 8.77 -4.03 -10.39
CA VAL C 238 10.08 -3.40 -10.41
C VAL C 238 10.84 -3.77 -9.15
N SER C 239 12.06 -4.26 -9.34
CA SER C 239 12.89 -4.69 -8.24
C SER C 239 14.28 -4.08 -8.40
N VAL C 240 15.18 -4.39 -7.47
CA VAL C 240 16.52 -3.84 -7.53
C VAL C 240 17.51 -4.77 -6.84
N VAL C 241 18.62 -5.05 -7.50
CA VAL C 241 19.66 -5.93 -6.94
C VAL C 241 20.69 -5.08 -6.22
N ASP C 242 21.11 -5.56 -5.05
CA ASP C 242 22.10 -4.89 -4.21
C ASP C 242 23.24 -5.88 -4.01
N LEU C 243 24.33 -5.67 -4.75
CA LEU C 243 25.49 -6.55 -4.65
C LEU C 243 26.67 -5.94 -3.93
N VAL C 244 27.21 -6.67 -2.97
CA VAL C 244 28.39 -6.24 -2.23
C VAL C 244 29.44 -7.31 -2.50
N ALA C 245 30.58 -6.91 -3.04
CA ALA C 245 31.60 -7.90 -3.35
C ALA C 245 33.03 -7.48 -3.02
N GLU C 246 33.84 -8.49 -2.67
CA GLU C 246 35.26 -8.30 -2.38
C GLU C 246 35.91 -8.51 -3.75
N LEU C 247 36.72 -7.53 -4.17
CA LEU C 247 37.40 -7.60 -5.45
C LEU C 247 38.88 -7.98 -5.29
N GLU C 248 39.49 -8.42 -6.38
CA GLU C 248 40.89 -8.80 -6.36
C GLU C 248 41.77 -7.55 -6.50
N LYS C 249 41.27 -6.56 -7.23
CA LYS C 249 41.99 -5.30 -7.42
C LYS C 249 41.40 -4.25 -6.50
N GLU C 250 42.21 -3.24 -6.18
CA GLU C 250 41.72 -2.15 -5.35
C GLU C 250 41.17 -1.15 -6.36
N VAL C 251 39.99 -0.61 -6.08
CA VAL C 251 39.37 0.31 -7.02
C VAL C 251 38.78 1.56 -6.38
N THR C 252 38.25 2.44 -7.23
CA THR C 252 37.60 3.66 -6.80
C THR C 252 36.18 3.61 -7.36
N VAL C 253 35.29 4.42 -6.78
CA VAL C 253 33.91 4.47 -7.26
C VAL C 253 33.88 4.91 -8.72
N GLU C 254 34.68 5.91 -9.06
CA GLU C 254 34.72 6.41 -10.43
C GLU C 254 35.19 5.34 -11.43
N GLU C 255 36.14 4.51 -11.00
CA GLU C 255 36.65 3.43 -11.85
C GLU C 255 35.58 2.38 -12.08
N VAL C 256 34.89 1.98 -11.02
CA VAL C 256 33.83 0.98 -11.13
C VAL C 256 32.71 1.49 -12.05
N ASN C 257 32.22 2.70 -11.77
CA ASN C 257 31.16 3.29 -12.57
C ASN C 257 31.54 3.46 -14.04
N ALA C 258 32.77 3.92 -14.28
CA ALA C 258 33.24 4.11 -15.66
C ALA C 258 33.23 2.78 -16.42
N ALA C 259 33.70 1.72 -15.78
CA ALA C 259 33.72 0.41 -16.44
C ALA C 259 32.30 -0.10 -16.74
N LEU C 260 31.35 0.19 -15.85
CA LEU C 260 29.97 -0.26 -16.05
C LEU C 260 29.33 0.49 -17.21
N LYS C 261 29.66 1.78 -17.35
CA LYS C 261 29.11 2.57 -18.44
C LYS C 261 29.72 2.14 -19.77
N ALA C 262 31.00 1.77 -19.76
CA ALA C 262 31.68 1.33 -20.96
C ALA C 262 31.01 0.08 -21.50
N ALA C 263 30.63 -0.82 -20.60
CA ALA C 263 29.97 -2.07 -20.96
C ALA C 263 28.55 -1.82 -21.44
N ALA C 264 27.87 -0.85 -20.80
CA ALA C 264 26.50 -0.51 -21.16
C ALA C 264 26.43 0.12 -22.55
N GLU C 265 27.49 0.85 -22.91
CA GLU C 265 27.55 1.51 -24.22
C GLU C 265 28.16 0.61 -25.28
N GLY C 266 28.75 -0.50 -24.85
CA GLY C 266 29.35 -1.40 -25.83
C GLY C 266 28.91 -2.84 -25.72
N GLU C 267 29.77 -3.64 -25.12
CA GLU C 267 29.56 -5.07 -24.90
C GLU C 267 28.14 -5.51 -24.54
N LEU C 268 27.50 -4.80 -23.60
CA LEU C 268 26.17 -5.18 -23.17
C LEU C 268 25.06 -4.18 -23.49
N LYS C 269 25.24 -3.38 -24.53
CA LYS C 269 24.24 -2.40 -24.90
C LYS C 269 22.90 -3.10 -25.12
N GLY C 270 21.85 -2.57 -24.49
CA GLY C 270 20.53 -3.18 -24.64
C GLY C 270 20.20 -4.16 -23.53
N ILE C 271 21.23 -4.65 -22.84
CA ILE C 271 21.05 -5.61 -21.76
C ILE C 271 21.34 -4.88 -20.45
N LEU C 272 22.49 -4.21 -20.41
CA LEU C 272 22.87 -3.45 -19.24
C LEU C 272 22.83 -1.96 -19.57
N ALA C 273 22.15 -1.18 -18.74
CA ALA C 273 22.06 0.26 -18.93
C ALA C 273 22.77 0.93 -17.76
N TYR C 274 23.05 2.22 -17.90
CA TYR C 274 23.75 2.96 -16.86
C TYR C 274 23.00 4.27 -16.61
N SER C 275 22.68 4.55 -15.36
CA SER C 275 21.96 5.78 -15.04
C SER C 275 22.55 6.59 -13.89
N GLU C 276 22.69 7.90 -14.11
CA GLU C 276 23.22 8.79 -13.08
C GLU C 276 22.13 9.68 -12.50
N GLU C 277 20.88 9.30 -12.74
CA GLU C 277 19.72 10.03 -12.25
C GLU C 277 19.24 9.45 -10.93
N PRO C 278 18.80 10.31 -10.00
CA PRO C 278 18.30 9.87 -8.68
C PRO C 278 16.84 9.46 -8.80
N LEU C 279 16.62 8.29 -9.42
CA LEU C 279 15.27 7.78 -9.63
C LEU C 279 14.79 6.80 -8.59
N VAL C 280 13.52 6.39 -8.72
CA VAL C 280 12.89 5.44 -7.81
C VAL C 280 12.22 4.35 -8.64
N SER C 281 11.84 3.25 -7.99
CA SER C 281 11.23 2.11 -8.68
C SER C 281 10.16 2.42 -9.73
N ARG C 282 9.18 3.26 -9.41
CA ARG C 282 8.14 3.59 -10.38
C ARG C 282 8.72 4.03 -11.72
N ASP C 283 9.81 4.79 -11.66
CA ASP C 283 10.46 5.30 -12.86
C ASP C 283 10.93 4.23 -13.82
N TYR C 284 11.13 3.01 -13.32
CA TYR C 284 11.60 1.92 -14.16
C TYR C 284 10.50 0.97 -14.65
N ASN C 285 9.26 1.28 -14.33
CA ASN C 285 8.15 0.43 -14.76
C ASN C 285 8.08 0.58 -16.29
N GLY C 286 8.25 -0.54 -17.00
CA GLY C 286 8.21 -0.49 -18.45
C GLY C 286 9.60 -0.62 -19.07
N SER C 287 10.64 -0.51 -18.26
CA SER C 287 12.02 -0.63 -18.75
C SER C 287 12.25 -2.00 -19.38
N THR C 288 12.78 -2.02 -20.61
CA THR C 288 13.00 -3.28 -21.30
C THR C 288 14.39 -3.90 -21.16
N VAL C 289 15.34 -3.19 -20.57
CA VAL C 289 16.68 -3.75 -20.40
C VAL C 289 16.64 -4.75 -19.24
N SER C 290 17.69 -5.54 -19.08
CA SER C 290 17.73 -6.53 -18.01
C SER C 290 18.28 -5.93 -16.72
N SER C 291 19.04 -4.85 -16.84
CA SER C 291 19.70 -4.28 -15.68
C SER C 291 20.16 -2.84 -15.91
N THR C 292 19.79 -1.94 -15.02
CA THR C 292 20.21 -0.54 -15.13
C THR C 292 20.97 -0.14 -13.86
N ILE C 293 22.24 0.18 -14.02
CA ILE C 293 23.06 0.58 -12.88
C ILE C 293 22.63 1.93 -12.31
N ASP C 294 22.41 1.96 -11.00
CA ASP C 294 22.06 3.20 -10.32
C ASP C 294 23.42 3.73 -9.89
N ALA C 295 24.08 4.44 -10.79
CA ALA C 295 25.41 4.97 -10.57
C ALA C 295 25.62 5.78 -9.30
N LEU C 296 24.60 6.55 -8.92
CA LEU C 296 24.71 7.37 -7.71
C LEU C 296 24.86 6.51 -6.45
N SER C 297 24.44 5.25 -6.53
CA SER C 297 24.53 4.35 -5.37
C SER C 297 25.87 3.63 -5.27
N THR C 298 26.64 3.58 -6.35
CA THR C 298 27.92 2.88 -6.31
C THR C 298 28.73 3.36 -5.13
N MET C 299 29.33 2.42 -4.41
CA MET C 299 30.07 2.74 -3.21
C MET C 299 31.25 1.81 -3.02
N VAL C 300 32.35 2.33 -2.49
CA VAL C 300 33.54 1.52 -2.25
C VAL C 300 34.04 1.79 -0.84
N ILE C 301 34.38 0.73 -0.13
CA ILE C 301 34.87 0.90 1.24
C ILE C 301 36.20 0.18 1.38
N ASP C 302 37.18 0.89 1.90
CA ASP C 302 38.52 0.34 2.12
C ASP C 302 39.11 -0.27 0.85
N GLY C 303 38.87 0.38 -0.29
CA GLY C 303 39.41 -0.05 -1.57
C GLY C 303 39.07 -1.38 -2.22
N LYS C 304 38.80 -2.42 -1.44
CA LYS C 304 38.52 -3.74 -2.00
C LYS C 304 37.06 -4.19 -2.07
N MET C 305 36.20 -3.57 -1.27
CA MET C 305 34.80 -3.95 -1.24
C MET C 305 33.91 -2.91 -1.91
N VAL C 306 33.07 -3.36 -2.83
CA VAL C 306 32.20 -2.45 -3.54
C VAL C 306 30.73 -2.86 -3.42
N LYS C 307 29.85 -1.88 -3.58
CA LYS C 307 28.41 -2.10 -3.57
C LYS C 307 27.91 -1.55 -4.89
N VAL C 308 27.19 -2.36 -5.64
CA VAL C 308 26.63 -1.93 -6.91
C VAL C 308 25.14 -2.23 -6.87
N VAL C 309 24.34 -1.25 -7.29
CA VAL C 309 22.89 -1.35 -7.26
C VAL C 309 22.32 -1.24 -8.67
N SER C 310 21.47 -2.19 -9.04
CA SER C 310 20.91 -2.19 -10.37
C SER C 310 19.41 -2.47 -10.40
N TRP C 311 18.69 -1.63 -11.14
CA TRP C 311 17.24 -1.74 -11.28
C TRP C 311 16.82 -2.70 -12.38
N TYR C 312 15.62 -3.25 -12.25
CA TYR C 312 15.07 -4.13 -13.27
C TYR C 312 13.58 -4.33 -13.14
N ASP C 313 12.89 -4.19 -14.26
CA ASP C 313 11.45 -4.39 -14.29
C ASP C 313 11.35 -5.90 -14.47
N ASN C 314 11.11 -6.60 -13.37
CA ASN C 314 11.01 -8.06 -13.37
C ASN C 314 10.00 -8.64 -14.36
N GLU C 315 9.05 -7.82 -14.81
CA GLU C 315 8.07 -8.32 -15.77
C GLU C 315 8.48 -8.01 -17.20
N THR C 316 8.67 -6.72 -17.49
CA THR C 316 9.02 -6.26 -18.84
C THR C 316 10.40 -6.65 -19.34
N GLY C 317 11.44 -6.38 -18.56
CA GLY C 317 12.78 -6.71 -18.98
C GLY C 317 12.92 -8.20 -19.25
N TYR C 318 12.47 -9.01 -18.28
CA TYR C 318 12.57 -10.45 -18.42
C TYR C 318 11.78 -10.97 -19.62
N SER C 319 10.58 -10.43 -19.83
CA SER C 319 9.75 -10.87 -20.94
C SER C 319 10.43 -10.58 -22.28
N HIS C 320 11.07 -9.42 -22.39
CA HIS C 320 11.76 -9.07 -23.61
C HIS C 320 12.93 -10.03 -23.84
N ARG C 321 13.59 -10.43 -22.76
CA ARG C 321 14.69 -11.37 -22.90
C ARG C 321 14.18 -12.73 -23.36
N VAL C 322 12.99 -13.11 -22.91
CA VAL C 322 12.40 -14.38 -23.32
C VAL C 322 12.19 -14.35 -24.83
N VAL C 323 11.68 -13.23 -25.33
CA VAL C 323 11.45 -13.06 -26.76
C VAL C 323 12.78 -13.03 -27.50
N ASP C 324 13.77 -12.31 -26.97
CA ASP C 324 15.08 -12.25 -27.62
C ASP C 324 15.65 -13.67 -27.71
N LEU C 325 15.46 -14.45 -26.64
CA LEU C 325 15.97 -15.81 -26.61
C LEU C 325 15.28 -16.69 -27.65
N ALA C 326 13.98 -16.48 -27.82
CA ALA C 326 13.21 -17.26 -28.80
C ALA C 326 13.72 -16.96 -30.22
N ALA C 327 13.95 -15.68 -30.50
CA ALA C 327 14.45 -15.25 -31.81
C ALA C 327 15.85 -15.82 -32.04
N TYR C 328 16.70 -15.71 -31.03
CA TYR C 328 18.06 -16.22 -31.12
C TYR C 328 18.06 -17.72 -31.41
N ILE C 329 17.29 -18.47 -30.61
CA ILE C 329 17.19 -19.91 -30.79
C ILE C 329 16.71 -20.26 -32.19
N ALA C 330 15.76 -19.49 -32.69
CA ALA C 330 15.23 -19.74 -34.04
C ALA C 330 16.30 -19.48 -35.10
N SER C 331 17.10 -18.44 -34.90
CA SER C 331 18.14 -18.12 -35.88
C SER C 331 19.20 -19.21 -36.00
N LYS C 332 19.20 -20.17 -35.08
CA LYS C 332 20.16 -21.26 -35.11
C LYS C 332 19.61 -22.51 -35.78
N GLY C 333 18.37 -22.44 -36.23
CA GLY C 333 17.76 -23.58 -36.91
C GLY C 333 16.85 -24.47 -36.08
N LEU C 334 15.60 -24.61 -36.52
CA LEU C 334 14.63 -25.46 -35.83
C LEU C 334 14.36 -26.70 -36.66
N ALA D 1 11.17 10.46 38.63
CA ALA D 1 12.39 11.01 39.28
C ALA D 1 12.89 12.24 38.53
N VAL D 2 13.57 12.03 37.41
CA VAL D 2 14.10 13.14 36.65
C VAL D 2 13.03 13.77 35.74
N LYS D 3 12.94 15.09 35.78
CA LYS D 3 11.97 15.81 34.97
C LYS D 3 12.45 15.95 33.53
N VAL D 4 11.62 15.49 32.60
CA VAL D 4 11.95 15.52 31.19
C VAL D 4 10.95 16.34 30.37
N GLY D 5 11.45 16.97 29.32
CA GLY D 5 10.61 17.75 28.43
C GLY D 5 10.82 17.19 27.03
N ILE D 6 9.78 17.16 26.23
CA ILE D 6 9.92 16.65 24.86
C ILE D 6 9.65 17.75 23.85
N ASN D 7 10.62 18.00 22.98
CA ASN D 7 10.45 19.02 21.95
C ASN D 7 10.21 18.33 20.62
N GLY D 8 8.97 18.44 20.12
CA GLY D 8 8.62 17.79 18.87
C GLY D 8 7.87 16.53 19.27
N PHE D 9 6.59 16.68 19.55
CA PHE D 9 5.76 15.57 19.98
C PHE D 9 5.25 14.78 18.76
N GLY D 10 6.18 14.25 17.99
CA GLY D 10 5.82 13.48 16.80
C GLY D 10 5.89 11.97 16.98
N ARG D 11 6.30 11.26 15.93
CA ARG D 11 6.38 9.81 16.03
C ARG D 11 7.31 9.40 17.18
N ILE D 12 8.51 9.96 17.21
CA ILE D 12 9.46 9.66 18.27
C ILE D 12 9.05 10.33 19.57
N GLY D 13 8.61 11.58 19.49
CA GLY D 13 8.18 12.28 20.69
C GLY D 13 7.09 11.55 21.44
N ARG D 14 6.03 11.17 20.75
CA ARG D 14 4.92 10.47 21.41
C ARG D 14 5.28 9.06 21.86
N ASN D 15 6.06 8.34 21.06
CA ASN D 15 6.44 6.99 21.42
C ASN D 15 7.44 7.02 22.57
N VAL D 16 8.20 8.10 22.67
CA VAL D 16 9.13 8.26 23.79
C VAL D 16 8.24 8.44 25.03
N PHE D 17 7.15 9.19 24.87
CA PHE D 17 6.20 9.44 25.97
C PHE D 17 5.59 8.12 26.43
N ARG D 18 5.29 7.23 25.49
CA ARG D 18 4.73 5.93 25.85
C ARG D 18 5.73 5.13 26.67
N ALA D 19 6.98 5.10 26.22
CA ALA D 19 8.01 4.37 26.94
C ALA D 19 8.23 4.95 28.33
N ALA D 20 8.17 6.27 28.44
CA ALA D 20 8.37 6.93 29.72
C ALA D 20 7.28 6.58 30.74
N LEU D 21 6.06 6.35 30.26
CA LEU D 21 4.96 6.00 31.15
C LEU D 21 5.24 4.67 31.85
N LYS D 22 6.21 3.94 31.33
CA LYS D 22 6.58 2.64 31.88
C LYS D 22 7.79 2.71 32.79
N ASN D 23 8.51 3.83 32.74
CA ASN D 23 9.70 3.99 33.57
C ASN D 23 9.41 4.98 34.70
N PRO D 24 9.40 4.48 35.95
CA PRO D 24 9.12 5.31 37.12
C PRO D 24 10.19 6.37 37.39
N ASP D 25 11.37 6.20 36.79
CA ASP D 25 12.46 7.16 36.99
C ASP D 25 12.40 8.36 36.05
N ILE D 26 11.54 8.30 35.04
CA ILE D 26 11.42 9.38 34.09
C ILE D 26 10.03 10.01 34.15
N GLU D 27 9.98 11.31 34.39
CA GLU D 27 8.71 12.02 34.47
C GLU D 27 8.64 13.13 33.41
N VAL D 28 7.80 12.92 32.39
CA VAL D 28 7.62 13.90 31.34
C VAL D 28 6.64 14.94 31.85
N VAL D 29 7.12 16.16 32.08
CA VAL D 29 6.26 17.22 32.60
C VAL D 29 5.78 18.22 31.57
N ALA D 30 6.38 18.21 30.38
CA ALA D 30 5.97 19.13 29.35
C ALA D 30 6.42 18.67 27.97
N VAL D 31 5.64 19.03 26.97
CA VAL D 31 5.95 18.69 25.60
C VAL D 31 5.72 19.96 24.79
N ASN D 32 6.42 20.09 23.67
CA ASN D 32 6.27 21.26 22.81
C ASN D 32 6.11 20.81 21.37
N ASP D 33 5.26 21.50 20.64
CA ASP D 33 5.04 21.21 19.23
C ASP D 33 4.53 22.48 18.56
N LEU D 34 3.80 22.32 17.45
CA LEU D 34 3.30 23.46 16.71
C LEU D 34 1.78 23.45 16.54
N THR D 35 1.07 22.83 17.48
CA THR D 35 -0.39 22.74 17.39
C THR D 35 -1.01 22.93 18.77
N ASP D 36 -2.31 22.64 18.90
CA ASP D 36 -3.00 22.79 20.17
C ASP D 36 -3.07 21.50 20.98
N ALA D 37 -3.40 21.63 22.26
CA ALA D 37 -3.49 20.48 23.17
C ALA D 37 -4.50 19.43 22.71
N ASN D 38 -5.64 19.88 22.21
CA ASN D 38 -6.68 18.97 21.73
C ASN D 38 -6.11 18.01 20.68
N THR D 39 -5.37 18.58 19.73
CA THR D 39 -4.78 17.79 18.65
C THR D 39 -3.72 16.81 19.18
N LEU D 40 -2.84 17.29 20.04
CA LEU D 40 -1.80 16.42 20.60
C LEU D 40 -2.43 15.29 21.41
N ALA D 41 -3.50 15.61 22.13
CA ALA D 41 -4.18 14.61 22.94
C ALA D 41 -4.82 13.56 22.02
N HIS D 42 -5.41 14.02 20.93
CA HIS D 42 -6.05 13.10 19.99
C HIS D 42 -5.03 12.17 19.34
N LEU D 43 -3.89 12.71 18.93
CA LEU D 43 -2.83 11.93 18.31
C LEU D 43 -2.20 10.96 19.29
N LEU D 44 -2.11 11.37 20.55
CA LEU D 44 -1.54 10.52 21.59
C LEU D 44 -2.47 9.36 21.94
N LYS D 45 -3.77 9.61 21.86
CA LYS D 45 -4.77 8.60 22.18
C LYS D 45 -4.95 7.53 21.09
N TYR D 46 -4.99 7.95 19.84
CA TYR D 46 -5.19 7.04 18.72
C TYR D 46 -3.98 7.02 17.79
N ASP D 47 -3.25 5.91 17.79
CA ASP D 47 -2.07 5.77 16.94
C ASP D 47 -2.32 4.78 15.80
N SER D 48 -2.15 5.23 14.57
CA SER D 48 -2.37 4.39 13.40
C SER D 48 -1.41 3.22 13.31
N VAL D 49 -0.29 3.31 14.03
CA VAL D 49 0.69 2.24 13.99
C VAL D 49 0.73 1.35 15.23
N HIS D 50 0.61 1.96 16.41
CA HIS D 50 0.68 1.22 17.66
C HIS D 50 -0.63 1.08 18.42
N GLY D 51 -1.73 1.50 17.79
CA GLY D 51 -3.03 1.38 18.42
C GLY D 51 -3.34 2.40 19.50
N ARG D 52 -4.51 2.24 20.11
CA ARG D 52 -4.98 3.13 21.16
C ARG D 52 -4.08 3.07 22.39
N LEU D 53 -3.71 4.22 22.92
CA LEU D 53 -2.86 4.27 24.11
C LEU D 53 -3.68 3.74 25.29
N ASP D 54 -3.09 2.82 26.05
CA ASP D 54 -3.78 2.26 27.20
C ASP D 54 -3.57 3.16 28.42
N ALA D 55 -4.30 4.27 28.44
CA ALA D 55 -4.23 5.25 29.52
C ALA D 55 -5.37 6.23 29.33
N GLU D 56 -5.69 6.98 30.38
CA GLU D 56 -6.76 7.96 30.29
C GLU D 56 -6.15 9.26 29.77
N VAL D 57 -6.72 9.78 28.69
CA VAL D 57 -6.21 11.01 28.09
C VAL D 57 -7.31 12.06 27.91
N SER D 58 -7.04 13.26 28.42
CA SER D 58 -7.98 14.36 28.28
C SER D 58 -7.19 15.66 28.22
N VAL D 59 -7.90 16.78 28.11
CA VAL D 59 -7.26 18.07 28.04
C VAL D 59 -7.80 19.01 29.11
N ASN D 60 -6.94 19.88 29.62
CA ASN D 60 -7.31 20.86 30.63
C ASN D 60 -6.55 22.13 30.28
N GLY D 61 -7.17 22.99 29.46
CA GLY D 61 -6.51 24.22 29.06
C GLY D 61 -5.33 23.87 28.17
N ASN D 62 -4.14 24.34 28.54
CA ASN D 62 -2.94 24.04 27.77
C ASN D 62 -2.15 22.91 28.41
N ASN D 63 -2.86 21.87 28.82
CA ASN D 63 -2.21 20.73 29.46
C ASN D 63 -2.87 19.45 29.00
N LEU D 64 -2.07 18.40 28.91
CA LEU D 64 -2.60 17.10 28.57
C LEU D 64 -2.78 16.48 29.96
N VAL D 65 -3.74 15.59 30.09
CA VAL D 65 -3.95 14.93 31.37
C VAL D 65 -3.93 13.44 31.10
N VAL D 66 -2.84 12.80 31.52
CA VAL D 66 -2.68 11.36 31.31
C VAL D 66 -2.66 10.67 32.66
N ASN D 67 -3.69 9.87 32.91
CA ASN D 67 -3.82 9.15 34.18
C ASN D 67 -3.72 10.12 35.35
N GLY D 68 -4.47 11.21 35.28
CA GLY D 68 -4.46 12.19 36.35
C GLY D 68 -3.27 13.14 36.37
N LYS D 69 -2.21 12.80 35.63
CA LYS D 69 -1.02 13.64 35.60
C LYS D 69 -1.15 14.77 34.59
N GLU D 70 -0.72 15.96 34.99
CA GLU D 70 -0.77 17.13 34.15
C GLU D 70 0.51 17.25 33.34
N ILE D 71 0.37 17.35 32.02
CA ILE D 71 1.53 17.48 31.13
C ILE D 71 1.39 18.82 30.41
N ILE D 72 2.30 19.75 30.70
CA ILE D 72 2.28 21.07 30.08
C ILE D 72 2.50 21.02 28.57
N VAL D 73 1.69 21.78 27.84
CA VAL D 73 1.80 21.85 26.39
C VAL D 73 2.22 23.24 25.92
N LYS D 74 3.33 23.30 25.21
CA LYS D 74 3.84 24.56 24.67
C LYS D 74 3.73 24.53 23.15
N ALA D 75 3.82 25.69 22.53
CA ALA D 75 3.75 25.79 21.08
C ALA D 75 4.72 26.87 20.60
N GLU D 76 5.97 26.75 21.04
CA GLU D 76 7.03 27.71 20.69
C GLU D 76 7.91 27.15 19.58
N ARG D 77 7.88 27.80 18.42
CA ARG D 77 8.68 27.39 17.28
C ARG D 77 10.17 27.57 17.58
N ASP D 78 10.49 28.56 18.39
CA ASP D 78 11.88 28.84 18.76
C ASP D 78 12.19 28.21 20.11
N PRO D 79 13.08 27.22 20.15
CA PRO D 79 13.49 26.49 21.35
C PRO D 79 13.93 27.38 22.51
N GLU D 80 14.47 28.55 22.20
CA GLU D 80 14.94 29.46 23.24
C GLU D 80 13.85 30.06 24.12
N ASN D 81 12.61 30.03 23.64
CA ASN D 81 11.49 30.59 24.39
C ASN D 81 10.77 29.53 25.22
N LEU D 82 11.33 28.32 25.30
CA LEU D 82 10.68 27.24 26.03
C LEU D 82 10.73 27.31 27.57
N ALA D 83 11.65 28.11 28.10
CA ALA D 83 11.77 28.28 29.55
C ALA D 83 11.71 26.97 30.35
N TRP D 84 12.56 26.01 29.99
CA TRP D 84 12.59 24.72 30.69
C TRP D 84 12.96 24.91 32.16
N GLY D 85 13.90 25.81 32.41
CA GLY D 85 14.34 26.07 33.78
C GLY D 85 13.22 26.46 34.73
N GLU D 86 12.31 27.30 34.26
CA GLU D 86 11.20 27.75 35.09
C GLU D 86 10.35 26.60 35.62
N ILE D 87 10.27 25.51 34.86
CA ILE D 87 9.47 24.36 35.29
C ILE D 87 10.29 23.17 35.79
N GLY D 88 11.58 23.38 36.03
CA GLY D 88 12.43 22.32 36.54
C GLY D 88 12.78 21.20 35.58
N VAL D 89 12.62 21.43 34.28
CA VAL D 89 12.96 20.40 33.30
C VAL D 89 14.47 20.33 33.16
N ASP D 90 15.05 19.18 33.52
CA ASP D 90 16.49 18.99 33.44
C ASP D 90 16.98 18.35 32.14
N ILE D 91 16.22 17.38 31.62
CA ILE D 91 16.61 16.71 30.38
C ILE D 91 15.59 16.94 29.27
N VAL D 92 16.05 17.40 28.13
CA VAL D 92 15.16 17.64 27.00
C VAL D 92 15.42 16.70 25.84
N VAL D 93 14.35 16.06 25.38
CA VAL D 93 14.43 15.17 24.24
C VAL D 93 14.11 16.04 23.03
N GLU D 94 15.10 16.27 22.19
CA GLU D 94 14.94 17.10 20.99
C GLU D 94 14.59 16.18 19.82
N SER D 95 13.30 16.11 19.52
CA SER D 95 12.82 15.26 18.46
C SER D 95 11.96 15.95 17.41
N THR D 96 12.31 17.18 17.03
CA THR D 96 11.57 17.89 15.99
C THR D 96 12.19 17.55 14.64
N GLY D 97 13.48 17.22 14.67
CA GLY D 97 14.22 16.92 13.46
C GLY D 97 14.85 18.15 12.85
N ARG D 98 14.54 19.32 13.43
CA ARG D 98 15.05 20.59 12.92
C ARG D 98 16.24 21.15 13.70
N PHE D 99 16.54 20.58 14.87
CA PHE D 99 17.63 21.11 15.67
C PHE D 99 18.72 20.09 16.03
N THR D 100 19.24 19.43 15.00
CA THR D 100 20.27 18.42 15.18
C THR D 100 21.68 19.00 15.28
N LYS D 101 21.84 20.28 14.91
CA LYS D 101 23.15 20.92 15.03
C LYS D 101 23.29 21.34 16.49
N ARG D 102 24.48 21.20 17.07
CA ARG D 102 24.65 21.55 18.47
C ARG D 102 24.24 22.97 18.79
N GLU D 103 24.60 23.90 17.91
CA GLU D 103 24.26 25.31 18.11
C GLU D 103 22.76 25.51 18.32
N ASP D 104 21.94 24.70 17.65
CA ASP D 104 20.50 24.79 17.77
C ASP D 104 19.98 24.05 18.99
N ALA D 105 20.43 22.81 19.16
CA ALA D 105 20.02 21.99 20.29
C ALA D 105 20.40 22.69 21.60
N ALA D 106 21.50 23.43 21.56
CA ALA D 106 21.99 24.15 22.73
C ALA D 106 21.01 25.21 23.23
N LYS D 107 20.07 25.61 22.37
CA LYS D 107 19.08 26.61 22.75
C LYS D 107 18.26 26.13 23.95
N HIS D 108 18.10 24.80 24.07
CA HIS D 108 17.35 24.24 25.18
C HIS D 108 18.13 24.51 26.47
N LEU D 109 19.45 24.45 26.37
CA LEU D 109 20.31 24.71 27.52
C LEU D 109 20.20 26.18 27.93
N GLU D 110 20.15 27.07 26.94
CA GLU D 110 20.03 28.49 27.21
C GLU D 110 18.69 28.76 27.90
N ALA D 111 17.70 27.93 27.61
CA ALA D 111 16.37 28.08 28.19
C ALA D 111 16.24 27.44 29.57
N GLY D 112 17.35 27.00 30.15
CA GLY D 112 17.29 26.42 31.48
C GLY D 112 17.45 24.92 31.67
N ALA D 113 17.42 24.15 30.59
CA ALA D 113 17.59 22.70 30.71
C ALA D 113 19.06 22.41 30.99
N LYS D 114 19.34 21.22 31.53
CA LYS D 114 20.71 20.85 31.85
C LYS D 114 21.33 19.88 30.83
N LYS D 115 20.51 19.02 30.25
CA LYS D 115 20.98 18.06 29.26
C LYS D 115 20.03 18.03 28.05
N VAL D 116 20.57 17.75 26.88
CA VAL D 116 19.76 17.66 25.68
C VAL D 116 20.11 16.37 24.95
N ILE D 117 19.08 15.57 24.67
CA ILE D 117 19.27 14.35 23.92
C ILE D 117 18.68 14.55 22.54
N ILE D 118 19.54 14.59 21.53
CA ILE D 118 19.08 14.75 20.16
C ILE D 118 18.67 13.36 19.69
N SER D 119 17.41 13.19 19.33
CA SER D 119 16.90 11.90 18.88
C SER D 119 17.30 11.58 17.45
N ALA D 120 18.57 11.80 17.10
CA ALA D 120 19.02 11.55 15.74
C ALA D 120 20.50 11.86 15.60
N PRO D 121 21.09 11.50 14.45
CA PRO D 121 22.51 11.79 14.26
C PRO D 121 22.63 13.31 14.40
N ALA D 122 23.75 13.78 14.94
CA ALA D 122 23.89 15.22 15.11
C ALA D 122 25.18 15.80 14.52
N LYS D 123 25.30 17.11 14.63
CA LYS D 123 26.48 17.83 14.15
C LYS D 123 27.13 18.55 15.34
N ASN D 124 28.39 18.21 15.59
CA ASN D 124 29.16 18.82 16.67
C ASN D 124 28.61 18.53 18.06
N GLU D 125 27.90 17.42 18.21
CA GLU D 125 27.36 17.06 19.51
C GLU D 125 28.55 16.78 20.42
N ASP D 126 28.33 16.84 21.73
CA ASP D 126 29.44 16.58 22.64
C ASP D 126 29.80 15.10 22.58
N ILE D 127 28.81 14.26 22.29
CA ILE D 127 29.03 12.82 22.17
C ILE D 127 27.80 12.10 21.65
N THR D 128 28.03 10.98 20.95
CA THR D 128 26.97 10.16 20.40
C THR D 128 26.99 8.85 21.18
N ILE D 129 25.83 8.43 21.66
CA ILE D 129 25.74 7.21 22.45
C ILE D 129 24.75 6.18 21.92
N VAL D 130 25.12 4.93 22.07
CA VAL D 130 24.26 3.81 21.70
C VAL D 130 24.25 2.90 22.93
N MET D 131 23.13 2.89 23.64
CA MET D 131 23.01 2.07 24.84
C MET D 131 23.37 0.63 24.54
N GLY D 132 24.24 0.07 25.38
CA GLY D 132 24.69 -1.30 25.18
C GLY D 132 26.04 -1.34 24.49
N VAL D 133 26.47 -0.20 23.95
CA VAL D 133 27.75 -0.17 23.25
C VAL D 133 28.78 0.81 23.84
N ASN D 134 28.37 2.05 24.16
CA ASN D 134 29.33 3.02 24.70
C ASN D 134 28.78 4.04 25.71
N GLN D 135 27.73 3.70 26.45
CA GLN D 135 27.20 4.67 27.41
C GLN D 135 28.23 4.98 28.48
N ASP D 136 29.17 4.06 28.67
CA ASP D 136 30.25 4.24 29.66
C ASP D 136 31.16 5.40 29.27
N LYS D 137 31.07 5.86 28.03
CA LYS D 137 31.89 6.97 27.58
C LYS D 137 31.25 8.31 27.91
N TYR D 138 30.03 8.30 28.41
CA TYR D 138 29.34 9.54 28.77
C TYR D 138 30.04 10.17 29.97
N ASP D 139 30.27 11.47 29.88
CA ASP D 139 30.92 12.24 30.95
C ASP D 139 30.00 13.39 31.37
N PRO D 140 29.34 13.25 32.54
CA PRO D 140 28.42 14.28 33.05
C PRO D 140 28.94 15.71 33.09
N LYS D 141 30.24 15.87 33.32
CA LYS D 141 30.85 17.19 33.38
C LYS D 141 31.16 17.83 32.04
N ALA D 142 31.34 17.02 31.00
CA ALA D 142 31.67 17.58 29.68
C ALA D 142 30.62 17.39 28.58
N HIS D 143 29.71 16.44 28.78
CA HIS D 143 28.69 16.16 27.78
C HIS D 143 27.31 16.71 28.16
N HIS D 144 26.89 17.76 27.45
CA HIS D 144 25.62 18.41 27.72
C HIS D 144 24.63 18.28 26.56
N VAL D 145 25.16 18.11 25.35
CA VAL D 145 24.34 17.92 24.17
C VAL D 145 24.74 16.55 23.62
N ILE D 146 23.88 15.56 23.83
CA ILE D 146 24.16 14.19 23.41
C ILE D 146 23.20 13.68 22.33
N SER D 147 23.76 12.90 21.40
CA SER D 147 22.97 12.32 20.33
C SER D 147 22.79 10.84 20.64
N ASN D 148 21.57 10.35 20.45
CA ASN D 148 21.28 8.93 20.68
C ASN D 148 21.37 8.21 19.33
N ALA D 149 22.05 8.82 18.37
CA ALA D 149 22.22 8.24 17.04
C ALA D 149 20.88 8.01 16.32
N SER D 150 20.91 7.24 15.25
CA SER D 150 19.70 6.93 14.50
C SER D 150 19.19 5.55 14.94
N ALA D 151 17.98 5.19 14.51
CA ALA D 151 17.45 3.88 14.85
C ALA D 151 18.30 2.84 14.13
N THR D 152 18.73 3.17 12.92
CA THR D 152 19.53 2.25 12.13
C THR D 152 20.87 1.95 12.82
N THR D 153 21.53 2.98 13.31
CA THR D 153 22.82 2.78 13.98
C THR D 153 22.63 1.98 15.27
N ASN D 154 21.52 2.22 15.97
CA ASN D 154 21.24 1.47 17.20
C ASN D 154 20.99 0.00 16.88
N CYS D 155 20.58 -0.29 15.65
CA CYS D 155 20.32 -1.67 15.24
C CYS D 155 21.63 -2.37 14.86
N LEU D 156 22.44 -1.68 14.05
CA LEU D 156 23.71 -2.22 13.56
C LEU D 156 24.82 -2.33 14.62
N ALA D 157 25.14 -1.22 15.28
CA ALA D 157 26.22 -1.20 16.27
C ALA D 157 26.27 -2.39 17.23
N PRO D 158 25.14 -2.71 17.90
CA PRO D 158 25.16 -3.84 18.84
C PRO D 158 25.66 -5.16 18.26
N PHE D 159 25.23 -5.54 17.05
CA PHE D 159 25.74 -6.79 16.52
C PHE D 159 27.06 -6.63 15.79
N ALA D 160 27.35 -5.42 15.31
CA ALA D 160 28.64 -5.21 14.66
C ALA D 160 29.69 -5.38 15.76
N LYS D 161 29.35 -4.95 16.96
CA LYS D 161 30.23 -5.06 18.13
C LYS D 161 30.56 -6.54 18.40
N VAL D 162 29.53 -7.39 18.37
CA VAL D 162 29.71 -8.82 18.60
C VAL D 162 30.58 -9.47 17.53
N LEU D 163 30.25 -9.20 16.26
CA LEU D 163 31.00 -9.77 15.14
C LEU D 163 32.47 -9.38 15.18
N HIS D 164 32.75 -8.12 15.51
CA HIS D 164 34.12 -7.63 15.56
C HIS D 164 34.91 -8.24 16.70
N GLU D 165 34.28 -8.35 17.86
CA GLU D 165 34.95 -8.90 19.04
C GLU D 165 35.18 -10.41 18.90
N GLN D 166 34.21 -11.10 18.31
CA GLN D 166 34.32 -12.54 18.14
C GLN D 166 35.09 -12.99 16.89
N PHE D 167 34.97 -12.24 15.80
CA PHE D 167 35.63 -12.64 14.56
C PHE D 167 36.51 -11.60 13.91
N GLY D 168 36.27 -10.34 14.21
CA GLY D 168 37.06 -9.28 13.63
C GLY D 168 36.57 -8.85 12.26
N ILE D 169 36.07 -7.61 12.17
CA ILE D 169 35.57 -7.08 10.91
C ILE D 169 36.69 -6.36 10.16
N VAL D 170 36.94 -6.79 8.93
CA VAL D 170 37.94 -6.18 8.07
C VAL D 170 37.24 -4.95 7.47
N ARG D 171 36.07 -5.18 6.90
CA ARG D 171 35.25 -4.12 6.31
C ARG D 171 33.89 -4.68 5.94
N GLY D 172 32.90 -3.80 5.82
CA GLY D 172 31.56 -4.26 5.49
C GLY D 172 30.67 -3.16 4.95
N MET D 173 29.60 -3.58 4.28
CA MET D 173 28.63 -2.68 3.66
C MET D 173 27.23 -3.06 4.14
N MET D 174 26.39 -2.06 4.39
CA MET D 174 25.03 -2.35 4.82
C MET D 174 23.97 -1.64 4.01
N THR D 175 22.77 -2.18 4.10
CA THR D 175 21.60 -1.62 3.46
C THR D 175 20.47 -1.85 4.45
N THR D 176 19.70 -0.80 4.71
CA THR D 176 18.57 -0.94 5.60
C THR D 176 17.31 -0.71 4.79
N VAL D 177 16.48 -1.75 4.73
CA VAL D 177 15.19 -1.64 4.04
C VAL D 177 14.37 -1.03 5.15
N HIS D 178 14.06 0.24 4.97
CA HIS D 178 13.39 1.05 5.98
C HIS D 178 11.97 1.49 5.63
N SER D 179 11.09 1.45 6.62
CA SER D 179 9.72 1.89 6.43
C SER D 179 9.78 3.39 6.12
N TYR D 180 8.75 3.92 5.47
CA TYR D 180 8.76 5.34 5.17
C TYR D 180 8.58 6.11 6.48
N THR D 181 9.00 7.37 6.49
CA THR D 181 8.89 8.24 7.68
C THR D 181 8.31 9.57 7.22
N ASN D 182 8.01 10.44 8.19
CA ASN D 182 7.44 11.75 7.87
C ASN D 182 8.39 12.72 7.15
N ASP D 183 9.63 12.31 6.94
CA ASP D 183 10.56 13.18 6.22
C ASP D 183 10.38 13.00 4.72
N GLN D 184 9.56 12.03 4.33
CA GLN D 184 9.31 11.78 2.92
C GLN D 184 8.09 12.58 2.42
N ARG D 185 7.53 12.19 1.29
CA ARG D 185 6.38 12.91 0.73
C ARG D 185 5.28 11.97 0.25
N ILE D 186 4.04 12.43 0.33
CA ILE D 186 2.89 11.64 -0.10
C ILE D 186 2.86 11.51 -1.63
N LEU D 187 2.95 12.63 -2.33
CA LEU D 187 2.95 12.64 -3.79
C LEU D 187 3.92 13.67 -4.39
N ASP D 188 5.02 13.18 -4.95
CA ASP D 188 6.04 14.03 -5.58
C ASP D 188 6.01 15.51 -5.22
N LEU D 189 6.73 15.87 -4.15
CA LEU D 189 6.79 17.24 -3.69
C LEU D 189 8.26 17.66 -3.59
N PRO D 190 8.53 18.97 -3.59
CA PRO D 190 9.92 19.42 -3.49
C PRO D 190 10.57 18.89 -2.22
N HIS D 191 11.84 18.50 -2.33
CA HIS D 191 12.60 17.96 -1.19
C HIS D 191 14.07 18.09 -1.57
N LYS D 192 14.91 18.48 -0.62
CA LYS D 192 16.34 18.62 -0.92
C LYS D 192 16.89 17.33 -1.50
N ASP D 193 16.35 16.20 -1.03
CA ASP D 193 16.74 14.87 -1.51
C ASP D 193 15.73 14.49 -2.60
N LEU D 194 16.16 14.55 -3.86
CA LEU D 194 15.26 14.24 -4.98
C LEU D 194 14.62 12.85 -4.98
N ARG D 195 15.16 11.91 -4.20
CA ARG D 195 14.58 10.58 -4.13
C ARG D 195 13.42 10.63 -3.13
N ARG D 196 13.65 11.31 -2.00
CA ARG D 196 12.64 11.43 -0.96
C ARG D 196 11.48 12.35 -1.36
N ALA D 197 11.62 13.01 -2.49
CA ALA D 197 10.58 13.90 -3.00
C ALA D 197 9.43 13.09 -3.60
N ARG D 198 9.72 11.84 -3.95
CA ARG D 198 8.77 10.95 -4.60
C ARG D 198 7.76 10.19 -3.72
N ALA D 199 6.56 9.98 -4.28
CA ALA D 199 5.48 9.28 -3.59
C ALA D 199 6.00 8.08 -2.78
N ALA D 200 5.98 8.23 -1.46
CA ALA D 200 6.49 7.23 -0.51
C ALA D 200 5.84 5.85 -0.50
N ALA D 201 4.53 5.79 -0.70
CA ALA D 201 3.85 4.50 -0.67
C ALA D 201 3.79 3.82 -2.04
N GLU D 202 4.48 4.38 -3.03
CA GLU D 202 4.47 3.84 -4.39
C GLU D 202 5.79 3.25 -4.88
N SER D 203 6.89 3.54 -4.20
CA SER D 203 8.18 3.03 -4.67
C SER D 203 9.18 2.58 -3.63
N ILE D 204 10.18 1.87 -4.14
CA ILE D 204 11.32 1.44 -3.35
C ILE D 204 12.16 2.70 -3.61
N ILE D 205 12.53 3.40 -2.55
CA ILE D 205 13.28 4.64 -2.71
C ILE D 205 14.66 4.64 -2.09
N PRO D 206 15.71 4.54 -2.92
CA PRO D 206 17.07 4.54 -2.38
C PRO D 206 17.35 5.93 -1.81
N THR D 207 18.08 5.98 -0.71
CA THR D 207 18.43 7.25 -0.09
C THR D 207 19.69 7.01 0.73
N THR D 208 20.53 8.03 0.86
CA THR D 208 21.77 7.89 1.60
C THR D 208 21.55 7.83 3.10
N THR D 209 22.55 7.34 3.81
CA THR D 209 22.50 7.23 5.26
C THR D 209 23.93 7.16 5.79
N GLY D 210 24.18 7.80 6.92
CA GLY D 210 25.49 7.76 7.51
C GLY D 210 25.53 6.79 8.67
N ALA D 211 24.49 5.96 8.78
CA ALA D 211 24.37 5.00 9.86
C ALA D 211 25.57 4.07 10.02
N ALA D 212 26.02 3.47 8.93
CA ALA D 212 27.15 2.57 9.00
C ALA D 212 28.39 3.35 9.42
N LYS D 213 28.47 4.59 8.98
CA LYS D 213 29.61 5.45 9.30
C LYS D 213 29.56 5.85 10.77
N ALA D 214 28.36 6.13 11.26
CA ALA D 214 28.16 6.55 12.64
C ALA D 214 28.57 5.47 13.63
N VAL D 215 28.66 4.23 13.16
CA VAL D 215 29.06 3.13 14.03
C VAL D 215 30.42 3.44 14.65
N ALA D 216 31.31 4.05 13.86
CA ALA D 216 32.65 4.39 14.33
C ALA D 216 32.60 5.34 15.52
N LEU D 217 31.53 6.10 15.64
CA LEU D 217 31.36 7.03 16.75
C LEU D 217 31.22 6.29 18.07
N VAL D 218 30.63 5.09 18.02
CA VAL D 218 30.43 4.30 19.23
C VAL D 218 31.37 3.10 19.31
N LEU D 219 31.99 2.76 18.18
CA LEU D 219 32.95 1.66 18.07
C LEU D 219 34.11 2.19 17.23
N PRO D 220 34.92 3.10 17.79
CA PRO D 220 36.07 3.70 17.09
C PRO D 220 36.97 2.75 16.31
N GLU D 221 37.05 1.49 16.71
CA GLU D 221 37.90 0.53 16.00
C GLU D 221 37.36 0.21 14.61
N LEU D 222 36.09 0.56 14.37
CA LEU D 222 35.49 0.28 13.06
C LEU D 222 35.50 1.52 12.17
N LYS D 223 36.30 2.49 12.56
CA LYS D 223 36.45 3.74 11.81
C LYS D 223 36.98 3.42 10.42
N GLY D 224 36.31 3.95 9.39
CA GLY D 224 36.73 3.73 8.02
C GLY D 224 36.50 2.34 7.47
N LYS D 225 35.82 1.49 8.22
CA LYS D 225 35.58 0.12 7.78
C LYS D 225 34.16 -0.17 7.31
N LEU D 226 33.24 0.76 7.54
CA LEU D 226 31.87 0.53 7.13
C LEU D 226 31.24 1.69 6.36
N ASN D 227 30.21 1.35 5.61
CA ASN D 227 29.44 2.33 4.87
C ASN D 227 28.17 1.61 4.44
N GLY D 228 27.19 2.36 3.97
CA GLY D 228 25.95 1.75 3.56
C GLY D 228 24.96 2.72 2.98
N MET D 229 23.75 2.23 2.76
CA MET D 229 22.70 3.05 2.19
C MET D 229 21.37 2.59 2.76
N ALA D 230 20.30 3.28 2.36
CA ALA D 230 18.97 2.94 2.80
C ALA D 230 18.03 2.79 1.62
N MET D 231 16.95 2.04 1.83
CA MET D 231 15.93 1.84 0.82
C MET D 231 14.59 1.98 1.51
N ARG D 232 13.92 3.11 1.28
CA ARG D 232 12.62 3.34 1.88
C ARG D 232 11.57 2.56 1.08
N VAL D 233 10.72 1.81 1.77
CA VAL D 233 9.69 1.02 1.10
C VAL D 233 8.31 1.37 1.65
N PRO D 234 7.24 0.94 0.95
CA PRO D 234 5.87 1.22 1.38
C PRO D 234 5.31 0.54 2.64
N THR D 235 6.05 0.64 3.75
CA THR D 235 5.56 0.08 5.01
C THR D 235 5.57 1.25 6.00
N PRO D 236 4.58 1.30 6.91
CA PRO D 236 4.46 2.36 7.90
C PRO D 236 5.46 2.34 9.06
N ASN D 237 5.94 1.16 9.43
CA ASN D 237 6.89 1.04 10.52
C ASN D 237 7.61 -0.30 10.51
N VAL D 238 8.74 -0.35 11.19
CA VAL D 238 9.61 -1.52 11.29
C VAL D 238 10.54 -1.52 10.08
N SER D 239 11.82 -1.72 10.36
CA SER D 239 12.84 -1.73 9.32
C SER D 239 13.80 -2.88 9.56
N VAL D 240 14.74 -3.07 8.66
CA VAL D 240 15.68 -4.18 8.82
C VAL D 240 17.06 -3.83 8.27
N VAL D 241 18.10 -4.23 8.99
CA VAL D 241 19.46 -3.98 8.56
C VAL D 241 20.05 -5.23 7.92
N ASP D 242 20.70 -5.04 6.79
CA ASP D 242 21.32 -6.13 6.04
C ASP D 242 22.81 -5.81 5.91
N LEU D 243 23.62 -6.44 6.75
CA LEU D 243 25.07 -6.22 6.74
C LEU D 243 25.88 -7.34 6.10
N VAL D 244 26.76 -6.96 5.17
CA VAL D 244 27.63 -7.91 4.52
C VAL D 244 29.03 -7.48 4.96
N ALA D 245 29.75 -8.39 5.62
CA ALA D 245 31.08 -8.06 6.11
C ALA D 245 32.13 -9.11 5.79
N GLU D 246 33.36 -8.64 5.63
CA GLU D 246 34.51 -9.48 5.37
C GLU D 246 35.12 -9.66 6.76
N LEU D 247 35.28 -10.91 7.19
CA LEU D 247 35.84 -11.19 8.51
C LEU D 247 37.33 -11.52 8.48
N GLU D 248 38.00 -11.31 9.61
CA GLU D 248 39.43 -11.57 9.70
C GLU D 248 39.75 -13.07 9.72
N LYS D 249 38.74 -13.91 9.92
CA LYS D 249 38.95 -15.35 9.92
C LYS D 249 37.72 -16.07 9.39
N GLU D 250 37.90 -17.32 8.96
CA GLU D 250 36.79 -18.10 8.43
C GLU D 250 35.82 -18.52 9.52
N VAL D 251 34.54 -18.51 9.18
CA VAL D 251 33.50 -18.87 10.13
C VAL D 251 32.40 -19.64 9.40
N THR D 252 31.42 -20.11 10.15
CA THR D 252 30.28 -20.82 9.58
C THR D 252 29.02 -20.10 10.08
N VAL D 253 27.90 -20.36 9.42
CA VAL D 253 26.65 -19.74 9.83
C VAL D 253 26.33 -20.08 11.29
N GLU D 254 26.53 -21.34 11.65
CA GLU D 254 26.26 -21.78 13.01
C GLU D 254 27.12 -21.07 14.06
N GLU D 255 28.37 -20.80 13.74
CA GLU D 255 29.24 -20.11 14.70
C GLU D 255 28.82 -18.65 14.88
N VAL D 256 28.50 -17.99 13.78
CA VAL D 256 28.07 -16.60 13.82
C VAL D 256 26.78 -16.50 14.65
N ASN D 257 25.79 -17.31 14.29
CA ASN D 257 24.52 -17.30 15.02
C ASN D 257 24.72 -17.62 16.50
N ALA D 258 25.57 -18.60 16.81
CA ALA D 258 25.83 -18.98 18.20
C ALA D 258 26.42 -17.81 19.00
N ALA D 259 27.34 -17.07 18.40
CA ALA D 259 27.94 -15.93 19.07
C ALA D 259 26.90 -14.84 19.30
N LEU D 260 26.06 -14.60 18.29
CA LEU D 260 25.03 -13.57 18.39
C LEU D 260 24.01 -13.94 19.46
N LYS D 261 23.59 -15.21 19.47
CA LYS D 261 22.62 -15.67 20.44
C LYS D 261 23.20 -15.53 21.85
N ALA D 262 24.48 -15.86 22.00
CA ALA D 262 25.15 -15.77 23.30
C ALA D 262 25.18 -14.35 23.84
N ALA D 263 25.50 -13.41 22.97
CA ALA D 263 25.55 -12.00 23.37
C ALA D 263 24.17 -11.47 23.74
N ALA D 264 23.16 -11.84 22.94
CA ALA D 264 21.78 -11.41 23.17
C ALA D 264 21.25 -11.90 24.51
N GLU D 265 21.74 -13.06 24.94
CA GLU D 265 21.31 -13.64 26.21
C GLU D 265 22.23 -13.21 27.33
N GLY D 266 23.36 -12.61 26.97
CA GLY D 266 24.31 -12.16 27.97
C GLY D 266 24.45 -10.65 28.09
N GLU D 267 25.63 -10.16 27.72
CA GLU D 267 25.95 -8.74 27.80
C GLU D 267 24.95 -7.78 27.16
N LEU D 268 24.43 -8.16 25.99
CA LEU D 268 23.49 -7.28 25.29
C LEU D 268 22.01 -7.60 25.50
N LYS D 269 21.70 -8.33 26.56
CA LYS D 269 20.33 -8.68 26.89
C LYS D 269 19.47 -7.41 26.98
N GLY D 270 18.36 -7.38 26.26
CA GLY D 270 17.50 -6.20 26.29
C GLY D 270 17.79 -5.22 25.15
N ILE D 271 19.00 -5.30 24.62
CA ILE D 271 19.40 -4.42 23.53
C ILE D 271 19.40 -5.23 22.25
N LEU D 272 20.04 -6.40 22.31
CA LEU D 272 20.10 -7.30 21.17
C LEU D 272 19.29 -8.55 21.46
N ALA D 273 18.43 -8.94 20.52
CA ALA D 273 17.62 -10.14 20.66
C ALA D 273 18.03 -11.10 19.54
N TYR D 274 17.58 -12.35 19.63
CA TYR D 274 17.93 -13.38 18.65
C TYR D 274 16.71 -14.23 18.34
N SER D 275 16.35 -14.34 17.07
CA SER D 275 15.18 -15.12 16.66
C SER D 275 15.45 -16.15 15.57
N GLU D 276 14.89 -17.34 15.74
CA GLU D 276 15.05 -18.38 14.76
C GLU D 276 13.73 -18.66 14.06
N GLU D 277 12.78 -17.75 14.22
CA GLU D 277 11.47 -17.87 13.58
C GLU D 277 11.49 -17.16 12.23
N PRO D 278 10.71 -17.65 11.26
CA PRO D 278 10.64 -17.06 9.92
C PRO D 278 9.60 -15.94 9.90
N LEU D 279 9.92 -14.82 10.53
CA LEU D 279 9.00 -13.70 10.64
C LEU D 279 9.12 -12.61 9.57
N VAL D 280 8.15 -11.70 9.59
CA VAL D 280 8.12 -10.57 8.65
C VAL D 280 8.00 -9.27 9.45
N SER D 281 8.17 -8.13 8.79
CA SER D 281 8.14 -6.85 9.47
C SER D 281 6.98 -6.58 10.45
N ARG D 282 5.75 -6.87 10.04
CA ARG D 282 4.61 -6.61 10.93
C ARG D 282 4.74 -7.31 12.27
N ASP D 283 5.45 -8.44 12.30
CA ASP D 283 5.63 -9.20 13.54
C ASP D 283 6.46 -8.48 14.58
N TYR D 284 7.28 -7.52 14.14
CA TYR D 284 8.13 -6.77 15.06
C TYR D 284 7.57 -5.43 15.52
N ASN D 285 6.37 -5.10 15.08
CA ASN D 285 5.76 -3.84 15.49
C ASN D 285 5.54 -3.89 17.00
N GLY D 286 6.21 -3.01 17.74
CA GLY D 286 6.08 -3.01 19.18
C GLY D 286 7.31 -3.57 19.88
N SER D 287 8.23 -4.12 19.12
CA SER D 287 9.46 -4.68 19.70
C SER D 287 10.24 -3.55 20.37
N THR D 288 10.63 -3.75 21.63
CA THR D 288 11.35 -2.72 22.38
C THR D 288 12.87 -2.83 22.36
N VAL D 289 13.39 -3.90 21.78
CA VAL D 289 14.84 -4.06 21.70
C VAL D 289 15.35 -3.21 20.56
N SER D 290 16.66 -2.99 20.51
CA SER D 290 17.25 -2.18 19.47
C SER D 290 17.56 -3.01 18.23
N SER D 291 17.72 -4.31 18.42
CA SER D 291 18.12 -5.14 17.29
C SER D 291 17.78 -6.62 17.52
N THR D 292 17.09 -7.24 16.56
CA THR D 292 16.75 -8.65 16.67
C THR D 292 17.29 -9.40 15.46
N ILE D 293 18.26 -10.27 15.71
CA ILE D 293 18.87 -11.06 14.64
C ILE D 293 17.90 -12.06 14.01
N ASP D 294 17.82 -12.03 12.68
CA ASP D 294 16.99 -12.98 11.95
C ASP D 294 17.96 -14.10 11.60
N ALA D 295 18.18 -15.00 12.55
CA ALA D 295 19.11 -16.13 12.41
C ALA D 295 18.98 -16.95 11.13
N LEU D 296 17.74 -17.21 10.71
CA LEU D 296 17.51 -17.98 9.50
C LEU D 296 18.08 -17.32 8.26
N SER D 297 18.34 -16.01 8.33
CA SER D 297 18.88 -15.28 7.19
C SER D 297 20.40 -15.21 7.18
N THR D 298 21.03 -15.62 8.28
CA THR D 298 22.48 -15.58 8.35
C THR D 298 23.09 -16.44 7.24
N MET D 299 24.03 -15.85 6.50
CA MET D 299 24.69 -16.54 5.41
C MET D 299 26.19 -16.27 5.44
N VAL D 300 26.94 -17.18 4.86
CA VAL D 300 28.40 -17.06 4.77
C VAL D 300 28.81 -17.59 3.40
N ILE D 301 29.72 -16.89 2.74
CA ILE D 301 30.18 -17.32 1.44
C ILE D 301 31.69 -17.35 1.43
N ASP D 302 32.25 -18.48 0.99
CA ASP D 302 33.69 -18.65 0.91
C ASP D 302 34.38 -18.44 2.26
N GLY D 303 33.73 -18.88 3.33
CA GLY D 303 34.28 -18.78 4.67
C GLY D 303 34.54 -17.45 5.35
N LYS D 304 34.89 -16.42 4.59
CA LYS D 304 35.18 -15.14 5.22
C LYS D 304 34.15 -14.01 5.08
N MET D 305 33.16 -14.19 4.21
CA MET D 305 32.16 -13.14 4.05
C MET D 305 30.81 -13.57 4.62
N VAL D 306 30.29 -12.77 5.54
CA VAL D 306 29.03 -13.06 6.17
C VAL D 306 27.97 -12.01 5.91
N LYS D 307 26.72 -12.43 5.99
CA LYS D 307 25.58 -11.54 5.84
C LYS D 307 24.74 -11.77 7.08
N VAL D 308 24.49 -10.70 7.83
CA VAL D 308 23.67 -10.79 9.03
C VAL D 308 22.51 -9.80 8.87
N VAL D 309 21.30 -10.30 9.09
CA VAL D 309 20.08 -9.50 8.96
C VAL D 309 19.43 -9.30 10.32
N SER D 310 19.15 -8.04 10.65
CA SER D 310 18.55 -7.74 11.95
C SER D 310 17.38 -6.78 11.85
N TRP D 311 16.33 -7.08 12.62
CA TRP D 311 15.11 -6.29 12.65
C TRP D 311 15.08 -5.22 13.72
N TYR D 312 14.31 -4.16 13.47
CA TYR D 312 14.14 -3.10 14.45
C TYR D 312 12.91 -2.25 14.20
N ASP D 313 12.14 -2.03 15.27
CA ASP D 313 10.98 -1.18 15.19
C ASP D 313 11.61 0.18 15.40
N ASN D 314 11.78 0.92 14.31
CA ASN D 314 12.42 2.23 14.36
C ASN D 314 11.75 3.23 15.30
N GLU D 315 10.48 3.02 15.61
CA GLU D 315 9.80 3.93 16.51
C GLU D 315 9.91 3.48 17.97
N THR D 316 9.41 2.28 18.25
CA THR D 316 9.39 1.73 19.59
C THR D 316 10.75 1.42 20.21
N GLY D 317 11.61 0.74 19.47
CA GLY D 317 12.92 0.39 19.99
C GLY D 317 13.74 1.62 20.34
N TYR D 318 13.86 2.51 19.37
CA TYR D 318 14.62 3.73 19.54
C TYR D 318 14.07 4.59 20.67
N SER D 319 12.75 4.74 20.72
CA SER D 319 12.13 5.53 21.78
C SER D 319 12.51 4.98 23.15
N HIS D 320 12.53 3.65 23.28
CA HIS D 320 12.91 3.04 24.54
C HIS D 320 14.36 3.34 24.87
N ARG D 321 15.23 3.34 23.86
CA ARG D 321 16.63 3.66 24.09
C ARG D 321 16.76 5.11 24.55
N VAL D 322 15.94 6.00 23.99
CA VAL D 322 15.99 7.40 24.39
C VAL D 322 15.71 7.52 25.89
N VAL D 323 14.66 6.84 26.34
CA VAL D 323 14.30 6.86 27.75
C VAL D 323 15.41 6.20 28.57
N ASP D 324 15.95 5.09 28.09
CA ASP D 324 17.04 4.42 28.80
C ASP D 324 18.22 5.38 28.98
N LEU D 325 18.54 6.13 27.92
CA LEU D 325 19.65 7.07 27.97
C LEU D 325 19.38 8.19 28.96
N ALA D 326 18.12 8.65 29.01
CA ALA D 326 17.73 9.70 29.92
C ALA D 326 17.93 9.26 31.36
N ALA D 327 17.51 8.03 31.67
CA ALA D 327 17.65 7.49 33.01
C ALA D 327 19.12 7.31 33.36
N TYR D 328 19.90 6.85 32.38
CA TYR D 328 21.34 6.64 32.57
C TYR D 328 22.05 7.96 32.84
N ILE D 329 21.75 8.97 32.02
CA ILE D 329 22.36 10.29 32.17
C ILE D 329 22.00 10.88 33.53
N ALA D 330 20.76 10.67 33.96
CA ALA D 330 20.32 11.19 35.24
C ALA D 330 21.05 10.51 36.39
N SER D 331 21.26 9.20 36.27
CA SER D 331 21.93 8.43 37.33
C SER D 331 23.36 8.91 37.56
N LYS D 332 23.91 9.63 36.59
CA LYS D 332 25.29 10.11 36.71
C LYS D 332 25.38 11.50 37.32
N GLY D 333 24.23 12.07 37.67
CA GLY D 333 24.22 13.38 38.30
C GLY D 333 24.02 14.57 37.37
N LEU D 334 23.07 15.42 37.73
CA LEU D 334 22.77 16.62 36.94
C LEU D 334 23.02 17.87 37.77
S SO4 E . -7.17 18.37 -1.46
O1 SO4 E . -7.02 19.71 -0.84
O2 SO4 E . -5.84 17.81 -1.72
O3 SO4 E . -7.89 17.49 -0.54
O4 SO4 E . -7.91 18.50 -2.72
PA NAD F . 0.35 19.98 -3.96
O1A NAD F . 0.66 20.01 -2.51
O2A NAD F . 0.76 18.81 -4.77
O5B NAD F . 0.90 21.27 -4.74
C5B NAD F . 0.96 22.57 -4.15
C4B NAD F . 2.21 23.23 -4.74
O4B NAD F . 2.20 24.65 -4.44
C3B NAD F . 3.51 22.65 -4.17
O3B NAD F . 4.43 22.34 -5.22
C2B NAD F . 3.99 23.73 -3.21
O2B NAD F . 5.41 23.77 -3.11
C1B NAD F . 3.44 25.01 -3.83
N9A NAD F . 3.28 26.17 -2.91
C8A NAD F . 2.73 26.21 -1.68
N7A NAD F . 2.77 27.44 -1.16
C5A NAD F . 3.31 28.17 -2.11
C6A NAD F . 3.41 29.58 -2.14
N6A NAD F . 3.20 30.33 -1.06
N1A NAD F . 3.85 30.15 -3.30
C2A NAD F . 4.18 29.43 -4.38
N3A NAD F . 4.07 28.08 -4.35
C4A NAD F . 3.64 27.42 -3.23
O3 NAD F . -1.24 20.16 -4.09
PN NAD F . -2.27 19.82 -5.25
O1N NAD F . -2.85 18.49 -4.98
O2N NAD F . -1.67 20.12 -6.56
O5D NAD F . -3.40 20.90 -4.94
C5D NAD F . -3.37 22.32 -5.20
C4D NAD F . -4.79 22.89 -5.21
O4D NAD F . -5.60 22.19 -6.20
C3D NAD F . -5.56 22.73 -3.90
O3D NAD F . -6.31 23.91 -3.64
C2D NAD F . -6.42 21.48 -4.06
O2D NAD F . -7.55 21.40 -3.21
C1D NAD F . -6.73 21.53 -5.55
N1N NAD F . -7.08 20.25 -6.24
C2N NAD F . -6.38 19.01 -6.04
C3N NAD F . -6.77 17.87 -6.75
C7N NAD F . -6.01 16.54 -6.59
O7N NAD F . -6.60 15.48 -6.81
N7N NAD F . -4.77 16.62 -6.12
C4N NAD F . -7.86 17.96 -7.64
C5N NAD F . -8.57 19.15 -7.84
C6N NAD F . -8.17 20.31 -7.16
S SO4 G . -14.90 -12.83 0.49
O1 SO4 G . -15.65 -13.99 0.01
O2 SO4 G . -13.46 -13.14 0.48
O3 SO4 G . -15.15 -11.68 -0.40
O4 SO4 G . -15.33 -12.50 1.86
PA NAD H . -9.27 -17.73 3.62
O1A NAD H . -8.93 -17.94 2.20
O2A NAD H . -8.46 -16.81 4.46
O5B NAD H . -9.42 -19.10 4.41
C5B NAD H . -9.87 -20.33 3.82
C4B NAD H . -9.13 -21.44 4.54
O4B NAD H . -9.74 -22.69 4.20
C3B NAD H . -7.66 -21.56 4.14
O3B NAD H . -6.80 -21.75 5.28
C2B NAD H . -7.67 -22.69 3.12
O2B NAD H . -6.42 -23.38 3.07
C1B NAD H . -8.78 -23.59 3.65
N9A NAD H . -9.43 -24.53 2.70
C8A NAD H . -9.77 -24.33 1.41
N7A NAD H . -10.35 -25.41 0.87
C5A NAD H . -10.39 -26.27 1.89
C6A NAD H . -10.92 -27.57 1.87
N6A NAD H . -11.40 -28.12 0.76
N1A NAD H . -10.85 -28.29 3.04
C2A NAD H . -10.28 -27.79 4.16
N3A NAD H . -9.78 -26.53 4.16
C4A NAD H . -9.81 -25.76 3.04
O3 NAD H . -10.76 -17.16 3.64
PN NAD H . -11.56 -16.31 4.75
O1N NAD H . -11.37 -14.87 4.48
O2N NAD H . -11.26 -16.90 6.08
O5D NAD H . -13.07 -16.68 4.34
C5D NAD H . -13.68 -17.97 4.56
C4D NAD H . -15.20 -17.83 4.50
O4D NAD H . -15.62 -16.83 5.46
C3D NAD H . -15.76 -17.39 3.16
O3D NAD H . -16.97 -18.12 2.93
C2D NAD H . -15.97 -15.88 3.29
O2D NAD H . -16.90 -15.28 2.40
C1D NAD H . -16.35 -15.77 4.77
N1N NAD H . -16.11 -14.48 5.46
C2N NAD H . -14.94 -13.68 5.26
C3N NAD H . -14.78 -12.51 6.01
C7N NAD H . -13.53 -11.64 5.90
O7N NAD H . -13.63 -10.43 6.10
N7N NAD H . -12.42 -12.25 5.51
C4N NAD H . -15.81 -12.13 6.91
C5N NAD H . -16.96 -12.89 7.09
C6N NAD H . -17.11 -14.09 6.38
S SO4 I . 8.01 -16.01 -8.36
O1 SO4 I . 8.48 -17.36 -8.03
O2 SO4 I . 6.65 -16.09 -8.92
O3 SO4 I . 7.97 -15.20 -7.12
O4 SO4 I . 8.92 -15.38 -9.33
PA NAD J . 1.22 -15.95 -12.66
O1A NAD J . 0.65 -16.65 -11.47
O2A NAD J . 0.87 -14.53 -12.89
O5B NAD J . 0.89 -16.69 -14.06
C5B NAD J . 0.77 -18.10 -14.17
C4B NAD J . -0.32 -18.37 -15.19
O4B NAD J . -0.31 -19.79 -15.48
C3B NAD J . -1.72 -18.03 -14.70
O3B NAD J . -2.44 -17.30 -15.71
C2B NAD J . -2.33 -19.38 -14.34
O2B NAD J . -3.76 -19.42 -14.44
C1B NAD J . -1.66 -20.29 -15.36
N9A NAD J . -1.62 -21.74 -15.06
C8A NAD J . -1.33 -22.37 -13.90
N7A NAD J . -1.23 -23.69 -14.08
C5A NAD J . -1.48 -23.85 -15.36
C6A NAD J . -1.52 -25.07 -16.06
N6A NAD J . -1.39 -26.25 -15.46
N1A NAD J . -1.77 -24.99 -17.40
C2A NAD J . -2.01 -23.84 -18.05
N3A NAD J . -1.98 -22.68 -17.36
C4A NAD J . -1.71 -22.66 -16.02
O3 NAD J . 2.81 -16.09 -12.60
PN NAD J . 4.00 -15.21 -13.20
O1N NAD J . 4.36 -14.14 -12.24
O2N NAD J . 3.63 -14.87 -14.59
O5D NAD J . 5.16 -16.27 -13.20
C5D NAD J . 5.19 -17.41 -14.07
C4D NAD J . 6.57 -18.06 -14.06
O4D NAD J . 7.54 -17.09 -14.50
C3D NAD J . 7.08 -18.57 -12.72
O3D NAD J . 7.84 -19.77 -12.95
C2D NAD J . 7.96 -17.45 -12.17
O2D NAD J . 8.95 -17.89 -11.25
C1D NAD J . 8.50 -16.84 -13.46
N1N NAD J . 8.92 -15.41 -13.45
C2N NAD J . 8.15 -14.38 -12.81
C3N NAD J . 8.62 -13.05 -12.84
C7N NAD J . 7.78 -11.92 -12.26
O7N NAD J . 8.32 -10.90 -11.83
N7N NAD J . 6.48 -12.18 -12.15
C4N NAD J . 9.86 -12.77 -13.46
C5N NAD J . 10.64 -13.78 -14.07
C6N NAD J . 10.16 -15.10 -14.08
S SO4 K . 14.15 10.82 9.06
O1 SO4 K . 15.19 11.64 8.41
O2 SO4 K . 13.18 11.72 9.71
O3 SO4 K . 13.46 10.00 8.05
O4 SO4 K . 14.76 9.94 10.06
PA NAD L . 7.68 13.70 12.91
O1A NAD L . 7.66 14.53 11.69
O2A NAD L . 6.69 12.63 13.11
O5B NAD L . 7.66 14.59 14.25
C5B NAD L . 8.29 15.88 14.31
C4B NAD L . 7.40 16.69 15.24
O4B NAD L . 8.02 17.93 15.60
C3B NAD L . 6.06 17.04 14.61
O3B NAD L . 5.03 16.72 15.54
C2B NAD L . 6.20 18.51 14.23
O2B NAD L . 4.95 19.22 14.27
C1B NAD L . 7.15 19.03 15.30
N9A NAD L . 7.93 20.26 15.01
C8A NAD L . 8.54 20.63 13.87
N7A NAD L . 9.24 21.76 14.04
C5A NAD L . 9.03 22.05 15.31
C6A NAD L . 9.52 23.18 16.01
N6A NAD L . 10.23 24.13 15.43
N1A NAD L . 9.15 23.28 17.33
C2A NAD L . 8.36 22.39 17.95
N3A NAD L . 7.90 21.33 17.27
C4A NAD L . 8.22 21.13 15.96
O3 NAD L . 9.15 13.10 13.02
PN NAD L . 9.79 11.83 13.78
O1N NAD L . 9.67 10.71 12.84
O2N NAD L . 9.25 11.76 15.17
O5D NAD L . 11.33 12.27 13.79
C5D NAD L . 11.90 13.29 14.62
C4D NAD L . 13.41 13.08 14.75
O4D NAD L . 13.69 11.74 15.22
C3D NAD L . 14.24 13.27 13.47
O3D NAD L . 15.47 13.93 13.77
C2D NAD L . 14.44 11.84 12.97
O2D NAD L . 15.55 11.62 12.10
C1D NAD L . 14.52 11.05 14.27
N1N NAD L . 14.18 9.61 14.25
C2N NAD L . 13.08 9.07 13.51
C3N NAD L . 12.82 7.69 13.58
C7N NAD L . 11.60 7.06 12.91
O7N NAD L . 11.66 5.89 12.58
N7N NAD L . 10.56 7.87 12.66
C4N NAD L . 13.68 6.88 14.36
C5N NAD L . 14.77 7.39 15.08
C6N NAD L . 15.02 8.77 15.05
#